data_9I2H
#
_entry.id   9I2H
#
_cell.length_a   1.00
_cell.length_b   1.00
_cell.length_c   1.00
_cell.angle_alpha   90.00
_cell.angle_beta   90.00
_cell.angle_gamma   90.00
#
_symmetry.space_group_name_H-M   'P 1'
#
loop_
_entity.id
_entity.type
_entity.pdbx_description
1 polymer 'Activated factor Xa heavy chain'
2 polymer 'Factor X light chain'
3 polymer 'Coagulation factor V heavy chain'
4 polymer 'Coagulation factor V light chain'
5 branched alpha-D-mannopyranose-(1-3)-[alpha-D-mannopyranose-(1-6)]beta-D-mannopyranose-(1-4)-2-acetamido-2-deoxy-beta-D-glucopyranose-(1-4)-[alpha-L-fucopyranose-(1-6)]2-acetamido-2-deoxy-beta-D-glucopyranose
6 branched alpha-D-mannopyranose-(1-3)-[alpha-D-mannopyranose-(1-6)]beta-D-mannopyranose-(1-4)-2-acetamido-2-deoxy-beta-D-glucopyranose-(1-4)-2-acetamido-2-deoxy-beta-D-glucopyranose
7 branched alpha-D-mannopyranose-(1-6)-alpha-D-mannopyranose-(1-3)-[alpha-D-mannopyranose-(1-6)-alpha-D-mannopyranose-(1-6)]beta-D-mannopyranose-(1-4)-2-acetamido-2-deoxy-beta-D-glucopyranose-(1-4)-2-acetamido-2-deoxy-beta-D-glucopyranose
8 branched alpha-L-fucopyranose-(1-6)-2-acetamido-2-deoxy-beta-D-glucopyranose
9 non-polymer 'CALCIUM ION'
10 non-polymer 'SODIUM ION'
11 non-polymer L-alpha-glutamyl-N-{(1S)-4-{[amino(iminio)methyl]amino}-1-[(1S)-2-chloro-1-hydroxyethyl]butyl}glycinamide
12 non-polymer 'COPPER (II) ION'
#
loop_
_entity_poly.entity_id
_entity_poly.type
_entity_poly.pdbx_seq_one_letter_code
_entity_poly.pdbx_strand_id
1 'polypeptide(L)'
;IVGGQECKDGECPWQALLINEENEGFCGGTILSEFYILTAAHCLYQAKRFKVRVGDRNTEQEEGGEAVHEVEVVIKHNRF
TKETYDFDIAVLRLKTPITFRMNVAPACLPERDWANETLMKQDTGIVSGFGRTHEKGRQSTRLKMLEVPYVDRHSCMLSS
DFRITQNMFCAGYDTKQEDACQGDSGGPHVTRFKDTYFVTGIVSWGEGCARKGKYGIYTKVTRFLKWIKRSMKTRGLPKA
KSHAPEVITSSPLK
;
H
2 'polypeptide(L)'
;ANSFLEEMKKGHLERECMEETCSYEEAREVFEDSDKTNEFWNKYKDGDQCETSPCQNQGKCKDGLGEYTCTCLEGFEGKN
CELFTRKLCRAFNGDCDQFCKRVQSSVVCSCARGYTLADNGKACIPTGPYPCGKQTLER
;
L
3 'polypeptide(L)'
;AQLRQFYVAAQGISWSYRPEPTNSSLNLSVTSFKKIVYREYEPYFKKEKPQSTISGLLGPTLYAEVGDIIKVHFKNKADK
PLSIHPQGIRYSKLSEGASYLDHTFPAEKMDDAVAPGREYTYEWSISEDSGPTHDDPPCLTHIYYSHENLIEDFNSGLIG
PLLICKKGTLTEGGTQKTFDKQIVLLFAVFDESKSWSQSSSLMYTVNGYVNGTMPDITVCAHDHISWHLLGMSSGPELFS
IHFNGQVLEQNHHKVSAITLVSATSTTANMTVGPEGKWIISSLTPKHLQAGMQAYIDIKNCPKKTRNLKKITREQRRHMK
RWEYFIAAEEVIWDYAPVIPANMDKKYRSQHLDNFSNQIGKHYKKVMYTQYEDESFTKHTVNPNMKEDGILGPIIRAQVR
DTLKIVFKNMASRPYSIYPHGVTFSPYEDEVNSSFTSGRNNTMIRAVQPGETYTYKWNILEFDEPTENDAQCLTRPYYSD
VDIMRDIASGLIGLLLICKSRSLDRRGIQRAADIEQQAVFAVFDENKSWYLEDNINKFCENPDEVKRDDPKFYESNIMST
INGYVPESITTLGFCFDDTVQWHFCSVGTQNEILTIHFTGHSFIYGKRHEDTLTLFPMRGESVTVTMDNVGTWMLTSMNS
SPRSKKLRLKFRDVKCIPDDDEDS(TYS)EIFEPPESTVMATRKMHDRLEPEDEESDADYDYQNRLAAALGIR
;
A
4 'polypeptide(L)'
;SNNGNRRNYYIAAEEISWDYSEFVQRETDIEDSDDIPEDTTYKKVVFRKYLDSTFTKRDPRGEYEEHLGILGPIIRAEVD
DVIQVRFKNLASRPYSLHAHGLSYEKSSEGKTYEDDSPEWFKEDNAVQPNSSYTYVWHATERSGPESPGSACRAWAYYSA
VNPEKDIHSGLIGPLLICQKGILHKDSNMPMDMREFVLLFMTFDEKKSWYYEKKSRSSWRLTSSEMKKSHEFHAINGMIY
SLPGLKMYEQEWVRLHLLNIGGSQDIHVVHFHGQTLLENGNKQHQLGVWPLLPGSFKTLEMKASKPGWWLLNTEVGENQR
AGMQTPFLIMDRDCRMPMGLSTGIISDSQIKASEFLGYWEPRLARLNNGGSYNAWSVEKLAAEFASKPWIQVDMQKEVII
TGIQTQGAKHYLKSCYTTEFYVAYSSNQINWQIFKGNSTRNVMYFNGNSDASTIKENQFDPPIVARYIRISPTRAYNRPT
LRLELQGCEVNGCSTPLGMENGKIENKQITASSFKKSWWGDYWEPFRARLNAQGRVNAWQAKANNNKQWLEIDLLKIKKI
TAIITQGCKSLSSEMYVKSYTIHYSEQGVEWKPYRLKSSMVDKIFEGNTNTKGHVKNFFNPPIISRFIRVIPKTWNQSIA
LRLELFGCDIY
;
B
#
loop_
_chem_comp.id
_chem_comp.type
_chem_comp.name
_chem_comp.formula
0GJ peptide-like L-alpha-glutamyl-N-{(1S)-4-{[amino(iminio)methyl]amino}-1-[(1S)-2-chloro-1-hydroxyethyl]butyl}glycinamide 'C14 H28 Cl N6 O5 1'
BMA D-saccharide, beta linking beta-D-mannopyranose 'C6 H12 O6'
CA non-polymer 'CALCIUM ION' 'Ca 2'
CU non-polymer 'COPPER (II) ION' 'Cu 2'
FUC L-saccharide, alpha linking alpha-L-fucopyranose 'C6 H12 O5'
MAN D-saccharide, alpha linking alpha-D-mannopyranose 'C6 H12 O6'
NA non-polymer 'SODIUM ION' 'Na 1'
NAG D-saccharide, beta linking 2-acetamido-2-deoxy-beta-D-glucopyranose 'C8 H15 N O6'
#
# COMPACT_ATOMS: atom_id res chain seq x y z
N ILE A 1 24.93 23.06 25.57
CA ILE A 1 23.61 22.47 25.43
C ILE A 1 22.60 23.49 24.95
N VAL A 2 22.22 23.39 23.68
CA VAL A 2 21.22 24.29 23.11
C VAL A 2 19.84 23.81 23.56
N GLY A 3 19.16 24.65 24.33
CA GLY A 3 17.87 24.24 24.86
C GLY A 3 18.03 23.21 25.95
N GLY A 4 17.07 22.30 26.04
CA GLY A 4 17.14 21.29 27.07
C GLY A 4 16.75 21.85 28.43
N GLN A 5 17.09 21.08 29.46
CA GLN A 5 16.75 21.43 30.84
C GLN A 5 17.97 21.27 31.73
N GLU A 6 17.98 22.04 32.81
CA GLU A 6 19.06 21.94 33.78
C GLU A 6 18.93 20.65 34.59
N CYS A 7 20.08 20.05 34.91
CA CYS A 7 20.10 18.86 35.73
C CYS A 7 19.66 19.20 37.16
N LYS A 8 18.69 18.46 37.68
CA LYS A 8 18.19 18.68 39.02
C LYS A 8 19.15 18.07 40.04
N ASP A 9 18.78 18.18 41.31
CA ASP A 9 19.63 17.67 42.39
C ASP A 9 19.56 16.15 42.41
N GLY A 10 20.69 15.50 42.11
CA GLY A 10 20.73 14.07 41.96
C GLY A 10 20.24 13.57 40.62
N GLU A 11 19.82 14.46 39.73
CA GLU A 11 19.27 14.04 38.45
C GLU A 11 20.34 13.52 37.51
N CYS A 12 21.56 14.05 37.61
CA CYS A 12 22.67 13.66 36.74
C CYS A 12 23.91 13.38 37.59
N PRO A 13 23.87 12.31 38.40
CA PRO A 13 25.05 12.01 39.25
C PRO A 13 26.23 11.49 38.47
N TRP A 14 26.01 10.89 37.30
CA TRP A 14 27.08 10.33 36.50
C TRP A 14 27.96 11.40 35.86
N GLN A 15 27.56 12.67 35.92
CA GLN A 15 28.27 13.73 35.22
C GLN A 15 29.49 14.17 36.03
N ALA A 16 30.67 13.99 35.44
CA ALA A 16 31.92 14.45 36.02
C ALA A 16 32.45 15.61 35.18
N LEU A 17 32.85 16.69 35.83
CA LEU A 17 33.28 17.90 35.15
C LEU A 17 34.80 18.01 35.19
N LEU A 18 35.40 18.26 34.03
CA LEU A 18 36.82 18.51 33.94
C LEU A 18 37.10 20.00 34.09
N ILE A 19 38.09 20.33 34.92
CA ILE A 19 38.50 21.71 35.15
C ILE A 19 39.99 21.82 34.84
N ASN A 20 40.35 22.88 34.11
CA ASN A 20 41.73 23.09 33.70
C ASN A 20 42.53 23.69 34.85
N GLU A 21 43.73 24.19 34.55
CA GLU A 21 44.57 24.80 35.58
C GLU A 21 43.88 25.97 36.24
N GLU A 22 42.96 26.63 35.54
CA GLU A 22 42.22 27.76 36.07
C GLU A 22 40.92 27.35 36.77
N ASN A 23 40.70 26.04 36.93
CA ASN A 23 39.48 25.53 37.55
C ASN A 23 38.24 25.96 36.78
N GLU A 24 38.35 26.07 35.46
CA GLU A 24 37.23 26.44 34.60
C GLU A 24 36.82 25.21 33.80
N GLY A 25 35.54 24.86 33.89
CA GLY A 25 35.03 23.69 33.20
C GLY A 25 35.12 23.79 31.69
N PHE A 26 35.74 22.79 31.07
CA PHE A 26 35.88 22.76 29.62
C PHE A 26 35.37 21.49 28.97
N CYS A 27 35.24 20.39 29.71
CA CYS A 27 34.69 19.16 29.18
C CYS A 27 34.01 18.39 30.30
N GLY A 28 33.07 17.52 29.92
CA GLY A 28 32.36 16.69 30.86
C GLY A 28 32.96 15.29 30.94
N GLY A 29 32.37 14.47 31.80
CA GLY A 29 32.82 13.11 31.99
C GLY A 29 31.72 12.24 32.56
N THR A 30 32.00 10.93 32.58
CA THR A 30 31.07 9.94 33.10
C THR A 30 31.80 9.01 34.04
N ILE A 31 31.19 8.73 35.19
CA ILE A 31 31.81 7.90 36.21
C ILE A 31 31.58 6.44 35.86
N LEU A 32 32.66 5.68 35.67
CA LEU A 32 32.56 4.25 35.40
C LEU A 32 32.72 3.39 36.63
N SER A 33 33.51 3.83 37.61
CA SER A 33 33.75 3.07 38.83
C SER A 33 34.21 4.04 39.91
N GLU A 34 34.77 3.49 40.98
CA GLU A 34 35.31 4.31 42.06
C GLU A 34 36.61 4.99 41.69
N PHE A 35 37.25 4.60 40.58
CA PHE A 35 38.53 5.16 40.20
C PHE A 35 38.60 5.69 38.77
N TYR A 36 37.58 5.47 37.96
CA TYR A 36 37.65 5.77 36.53
C TYR A 36 36.58 6.75 36.11
N ILE A 37 36.91 7.56 35.11
CA ILE A 37 36.01 8.57 34.55
C ILE A 37 36.06 8.44 33.03
N LEU A 38 34.90 8.53 32.39
CA LEU A 38 34.78 8.38 30.95
C LEU A 38 34.67 9.75 30.30
N THR A 39 35.59 10.05 29.38
CA THR A 39 35.62 11.32 28.69
C THR A 39 35.93 11.10 27.22
N ALA A 40 35.99 12.20 26.47
CA ALA A 40 36.30 12.17 25.05
C ALA A 40 37.78 12.44 24.81
N ALA A 41 38.27 11.95 23.67
CA ALA A 41 39.70 11.99 23.41
C ALA A 41 40.19 13.41 23.13
N HIS A 42 39.44 14.18 22.33
CA HIS A 42 39.93 15.50 21.93
C HIS A 42 39.92 16.51 23.06
N CYS A 43 39.29 16.20 24.20
CA CYS A 43 39.32 17.11 25.34
C CYS A 43 40.70 17.21 25.97
N LEU A 44 41.56 16.23 25.74
CA LEU A 44 42.88 16.23 26.39
C LEU A 44 43.77 17.35 25.86
N TYR A 45 43.57 17.75 24.61
CA TYR A 45 44.40 18.79 24.00
C TYR A 45 44.01 20.19 24.45
N GLN A 46 42.81 20.38 25.00
CA GLN A 46 42.33 21.73 25.27
C GLN A 46 43.06 22.42 26.42
N ALA A 47 43.66 21.65 27.34
CA ALA A 47 44.30 22.26 28.50
C ALA A 47 45.73 21.77 28.69
N LYS A 48 46.01 20.54 28.27
CA LYS A 48 47.29 19.84 28.45
C LYS A 48 47.58 19.55 29.92
N ARG A 49 46.73 20.02 30.84
CA ARG A 49 46.84 19.73 32.26
C ARG A 49 45.50 20.10 32.90
N PHE A 50 44.89 19.17 33.61
CA PHE A 50 43.52 19.37 34.07
C PHE A 50 43.25 18.54 35.30
N LYS A 51 42.19 18.90 36.01
CA LYS A 51 41.70 18.17 37.16
C LYS A 51 40.23 17.82 36.94
N VAL A 52 39.78 16.80 37.64
CA VAL A 52 38.42 16.27 37.50
C VAL A 52 37.62 16.70 38.72
N ARG A 53 36.49 17.37 38.49
CA ARG A 53 35.57 17.75 39.55
C ARG A 53 34.28 16.96 39.37
N VAL A 54 33.75 16.44 40.46
CA VAL A 54 32.55 15.61 40.41
C VAL A 54 31.51 16.19 41.36
N GLY A 55 30.25 15.93 41.04
CA GLY A 55 29.15 16.38 41.87
C GLY A 55 28.84 17.86 41.78
N ASP A 56 29.41 18.57 40.82
CA ASP A 56 29.23 20.01 40.71
C ASP A 56 28.02 20.31 39.83
N ARG A 57 27.00 20.94 40.43
CA ARG A 57 25.86 21.44 39.69
C ARG A 57 26.05 22.88 39.23
N ASN A 58 27.19 23.49 39.56
CA ASN A 58 27.47 24.86 39.16
C ASN A 58 28.98 25.08 39.28
N THR A 59 29.62 25.49 38.17
CA THR A 59 31.06 25.66 38.19
C THR A 59 31.48 26.92 38.94
N GLU A 60 30.65 27.96 38.91
CA GLU A 60 31.03 29.27 39.44
C GLU A 60 30.80 29.41 40.93
N GLN A 61 30.28 28.39 41.61
CA GLN A 61 30.04 28.47 43.03
C GLN A 61 30.40 27.15 43.70
N GLU A 62 30.67 27.24 45.01
CA GLU A 62 30.89 26.08 45.85
C GLU A 62 29.70 25.92 46.78
N GLU A 63 29.12 24.71 46.80
CA GLU A 63 27.94 24.43 47.59
C GLU A 63 28.09 23.17 48.43
N GLY A 64 29.33 22.75 48.70
CA GLY A 64 29.57 21.55 49.46
C GLY A 64 29.48 20.25 48.69
N GLY A 65 29.23 20.30 47.38
CA GLY A 65 29.13 19.10 46.58
C GLY A 65 30.31 18.89 45.66
N GLU A 66 31.05 19.97 45.37
CA GLU A 66 32.20 19.87 44.49
C GLU A 66 33.27 19.00 45.09
N ALA A 67 33.98 18.25 44.23
CA ALA A 67 35.07 17.40 44.67
C ALA A 67 36.09 17.32 43.55
N VAL A 68 37.15 18.12 43.66
CA VAL A 68 38.21 18.13 42.66
C VAL A 68 39.13 16.95 42.93
N HIS A 69 39.25 16.05 41.96
CA HIS A 69 40.07 14.86 42.09
C HIS A 69 41.21 14.91 41.09
N GLU A 70 42.41 14.60 41.57
CA GLU A 70 43.56 14.47 40.69
C GLU A 70 43.44 13.21 39.85
N VAL A 71 44.09 13.21 38.70
CA VAL A 71 44.03 12.11 37.75
C VAL A 71 45.36 11.38 37.75
N GLU A 72 45.33 10.07 37.99
CA GLU A 72 46.54 9.27 38.02
C GLU A 72 47.03 8.95 36.62
N VAL A 73 46.21 8.25 35.84
CA VAL A 73 46.60 7.73 34.53
C VAL A 73 45.56 8.18 33.50
N VAL A 74 46.04 8.70 32.37
CA VAL A 74 45.19 9.06 31.25
C VAL A 74 45.50 8.10 30.11
N ILE A 75 44.46 7.47 29.57
CA ILE A 75 44.58 6.52 28.47
C ILE A 75 43.59 6.91 27.38
N LYS A 76 44.07 6.94 26.14
CA LYS A 76 43.22 7.30 25.01
C LYS A 76 43.58 6.40 23.82
N HIS A 77 42.64 6.29 22.89
CA HIS A 77 42.86 5.47 21.70
C HIS A 77 43.92 6.10 20.81
N ASN A 78 44.79 5.26 20.26
CA ASN A 78 45.86 5.77 19.40
C ASN A 78 45.31 6.18 18.03
N ARG A 79 44.36 5.41 17.49
CA ARG A 79 43.88 5.68 16.14
C ARG A 79 43.09 6.98 16.07
N PHE A 80 42.71 7.53 17.21
CA PHE A 80 41.92 8.76 17.24
C PHE A 80 42.69 9.91 16.60
N THR A 81 42.02 10.63 15.71
CA THR A 81 42.57 11.83 15.09
C THR A 81 41.51 12.92 15.11
N LYS A 82 41.98 14.17 15.06
CA LYS A 82 41.07 15.31 14.99
C LYS A 82 40.56 15.56 13.58
N GLU A 83 41.18 14.96 12.56
CA GLU A 83 40.70 15.11 11.20
C GLU A 83 39.32 14.48 11.01
N THR A 84 39.10 13.29 11.58
CA THR A 84 37.84 12.59 11.44
C THR A 84 37.06 12.48 12.74
N TYR A 85 37.69 12.76 13.88
CA TYR A 85 37.09 12.55 15.19
C TYR A 85 36.69 11.09 15.40
N ASP A 86 37.41 10.17 14.77
CA ASP A 86 37.14 8.75 14.91
C ASP A 86 37.81 8.22 16.17
N PHE A 87 37.22 7.17 16.74
CA PHE A 87 37.74 6.52 17.95
C PHE A 87 37.88 7.53 19.09
N ASP A 88 36.99 8.51 19.16
CA ASP A 88 37.11 9.58 20.15
C ASP A 88 36.70 9.03 21.50
N ILE A 89 37.68 8.45 22.20
CA ILE A 89 37.44 7.83 23.50
C ILE A 89 38.67 8.04 24.38
N ALA A 90 38.42 8.23 25.67
CA ALA A 90 39.49 8.37 26.65
C ALA A 90 38.92 8.12 28.04
N VAL A 91 39.69 7.42 28.87
CA VAL A 91 39.29 7.11 30.24
C VAL A 91 40.37 7.61 31.18
N LEU A 92 39.95 8.23 32.28
CA LEU A 92 40.87 8.83 33.24
C LEU A 92 40.78 8.05 34.55
N ARG A 93 41.88 7.40 34.92
CA ARG A 93 42.00 6.80 36.25
C ARG A 93 42.52 7.85 37.22
N LEU A 94 41.80 8.05 38.31
CA LEU A 94 42.14 9.10 39.25
C LEU A 94 43.18 8.61 40.26
N LYS A 95 43.93 9.56 40.83
CA LYS A 95 44.83 9.22 41.92
C LYS A 95 44.06 8.76 43.15
N THR A 96 42.94 9.42 43.45
CA THR A 96 42.14 9.11 44.62
C THR A 96 40.82 8.46 44.21
N PRO A 97 40.30 7.54 45.02
CA PRO A 97 39.02 6.91 44.68
C PRO A 97 37.87 7.91 44.73
N ILE A 98 36.87 7.65 43.90
CA ILE A 98 35.69 8.50 43.84
C ILE A 98 34.73 8.06 44.94
N THR A 99 34.41 8.98 45.84
CA THR A 99 33.49 8.70 46.95
C THR A 99 32.06 8.91 46.46
N PHE A 100 31.39 7.82 46.13
CA PHE A 100 30.01 7.91 45.66
C PHE A 100 29.11 8.47 46.76
N ARG A 101 28.31 9.46 46.40
CA ARG A 101 27.45 10.14 47.36
C ARG A 101 26.31 10.77 46.59
N MET A 102 25.59 11.68 47.26
CA MET A 102 24.52 12.42 46.60
C MET A 102 25.07 13.17 45.39
N ASN A 103 24.38 13.05 44.27
CA ASN A 103 24.79 13.59 42.98
C ASN A 103 26.11 13.02 42.49
N VAL A 104 26.58 11.92 43.06
CA VAL A 104 27.82 11.27 42.65
C VAL A 104 27.54 9.77 42.59
N ALA A 105 27.25 9.26 41.40
CA ALA A 105 27.02 7.85 41.18
C ALA A 105 27.66 7.44 39.85
N PRO A 106 28.16 6.21 39.76
CA PRO A 106 28.77 5.76 38.51
C PRO A 106 27.72 5.39 37.46
N ALA A 107 28.16 4.84 36.34
CA ALA A 107 27.26 4.45 35.26
C ALA A 107 27.62 3.06 34.76
N CYS A 108 26.63 2.36 34.22
CA CYS A 108 26.79 0.97 33.84
C CYS A 108 27.48 0.83 32.49
N LEU A 109 27.81 -0.40 32.15
CA LEU A 109 28.34 -0.77 30.84
C LEU A 109 27.63 -2.04 30.40
N PRO A 110 26.57 -1.91 29.60
CA PRO A 110 25.79 -3.08 29.21
C PRO A 110 26.58 -4.02 28.31
N GLU A 111 26.05 -5.23 28.17
CA GLU A 111 26.71 -6.23 27.34
C GLU A 111 26.69 -5.79 25.87
N ARG A 112 27.68 -6.27 25.12
CA ARG A 112 27.88 -5.78 23.75
C ARG A 112 26.70 -6.13 22.85
N ASP A 113 26.23 -7.38 22.90
CA ASP A 113 25.13 -7.79 22.03
C ASP A 113 23.82 -7.14 22.46
N TRP A 114 23.52 -7.18 23.76
CA TRP A 114 22.25 -6.64 24.23
C TRP A 114 22.16 -5.14 24.02
N ALA A 115 23.28 -4.43 24.13
CA ALA A 115 23.25 -3.00 23.87
C ALA A 115 22.98 -2.71 22.40
N ASN A 116 23.66 -3.42 21.50
CA ASN A 116 23.46 -3.18 20.07
C ASN A 116 22.04 -3.55 19.65
N GLU A 117 21.53 -4.69 20.12
CA GLU A 117 20.26 -5.21 19.65
C GLU A 117 19.05 -4.63 20.37
N THR A 118 19.25 -4.00 21.53
CA THR A 118 18.13 -3.38 22.24
C THR A 118 18.35 -1.89 22.49
N LEU A 119 19.51 -1.50 23.00
CA LEU A 119 19.71 -0.10 23.38
C LEU A 119 19.86 0.80 22.15
N MET A 120 20.60 0.34 21.15
CA MET A 120 20.76 1.08 19.90
C MET A 120 19.49 1.08 19.07
N LYS A 121 18.40 0.50 19.58
CA LYS A 121 17.10 0.53 18.92
C LYS A 121 16.02 1.11 19.82
N GLN A 122 16.40 1.82 20.88
CA GLN A 122 15.44 2.52 21.72
C GLN A 122 14.97 3.79 21.01
N ASP A 123 14.26 4.65 21.72
CA ASP A 123 13.77 5.89 21.12
C ASP A 123 14.72 7.06 21.37
N THR A 124 14.96 7.39 22.64
CA THR A 124 15.69 8.60 23.01
C THR A 124 16.79 8.28 24.01
N GLY A 125 17.95 8.90 23.81
CA GLY A 125 19.02 8.89 24.78
C GLY A 125 18.98 10.09 25.69
N ILE A 126 20.04 10.25 26.48
CA ILE A 126 20.19 11.37 27.39
C ILE A 126 21.61 11.89 27.27
N VAL A 127 21.75 13.21 27.08
CA VAL A 127 23.04 13.87 27.02
C VAL A 127 23.01 15.08 27.94
N SER A 128 24.16 15.39 28.53
CA SER A 128 24.25 16.45 29.53
C SER A 128 25.66 17.01 29.53
N GLY A 129 25.80 18.19 30.12
CA GLY A 129 27.10 18.80 30.26
C GLY A 129 26.99 20.27 30.62
N PHE A 130 28.12 20.96 30.47
CA PHE A 130 28.27 22.39 30.75
C PHE A 130 28.61 23.15 29.48
N GLY A 131 27.95 22.83 28.37
CA GLY A 131 28.24 23.47 27.11
C GLY A 131 27.53 24.80 26.94
N ARG A 132 27.71 25.38 25.75
CA ARG A 132 27.09 26.64 25.43
C ARG A 132 25.59 26.47 25.25
N THR A 133 24.83 27.49 25.67
CA THR A 133 23.39 27.47 25.46
C THR A 133 23.01 27.74 24.01
N HIS A 134 23.94 28.29 23.22
CA HIS A 134 23.71 28.52 21.81
C HIS A 134 25.06 28.58 21.11
N GLU A 135 25.03 28.43 19.79
CA GLU A 135 26.26 28.41 19.02
C GLU A 135 27.01 29.73 19.17
N LYS A 136 28.34 29.63 19.30
CA LYS A 136 29.21 30.78 19.54
C LYS A 136 28.77 31.54 20.78
N GLY A 137 28.37 30.81 21.82
CA GLY A 137 27.93 31.37 23.06
C GLY A 137 28.92 31.17 24.19
N ARG A 138 28.41 31.24 25.42
CA ARG A 138 29.22 31.10 26.62
C ARG A 138 28.83 29.81 27.34
N GLN A 139 29.84 29.03 27.73
CA GLN A 139 29.60 27.80 28.47
C GLN A 139 28.94 28.10 29.81
N SER A 140 27.68 27.70 29.96
CA SER A 140 26.95 27.97 31.19
C SER A 140 27.59 27.23 32.35
N THR A 141 27.69 27.94 33.49
CA THR A 141 28.24 27.32 34.69
C THR A 141 27.33 26.24 35.25
N ARG A 142 26.04 26.27 34.93
CA ARG A 142 25.10 25.28 35.40
C ARG A 142 25.15 24.03 34.54
N LEU A 143 24.66 22.93 35.09
CA LEU A 143 24.65 21.63 34.42
C LEU A 143 23.28 21.41 33.79
N LYS A 144 23.26 21.29 32.46
CA LYS A 144 22.03 21.11 31.72
C LYS A 144 21.93 19.67 31.22
N MET A 145 20.73 19.30 30.78
CA MET A 145 20.47 18.00 30.19
C MET A 145 19.69 18.18 28.90
N LEU A 146 19.74 17.16 28.04
CA LEU A 146 19.03 17.20 26.77
C LEU A 146 18.64 15.79 26.39
N GLU A 147 17.40 15.63 25.92
CA GLU A 147 16.87 14.35 25.48
C GLU A 147 17.08 14.25 23.98
N VAL A 148 18.13 13.56 23.56
CA VAL A 148 18.50 13.46 22.15
C VAL A 148 17.90 12.18 21.57
N PRO A 149 16.93 12.28 20.66
CA PRO A 149 16.40 11.07 20.03
C PRO A 149 17.44 10.40 19.15
N TYR A 150 17.44 9.08 19.16
CA TYR A 150 18.29 8.33 18.26
C TYR A 150 17.86 8.57 16.82
N VAL A 151 18.82 8.44 15.90
CA VAL A 151 18.56 8.54 14.48
C VAL A 151 19.16 7.31 13.81
N ASP A 152 18.43 6.71 12.88
CA ASP A 152 18.94 5.54 12.17
C ASP A 152 20.23 5.90 11.44
N ARG A 153 21.09 4.90 11.27
CA ARG A 153 22.40 5.15 10.69
C ARG A 153 22.30 5.72 9.28
N HIS A 154 21.42 5.15 8.46
CA HIS A 154 21.27 5.67 7.10
C HIS A 154 20.75 7.09 7.11
N SER A 155 19.77 7.38 7.97
CA SER A 155 19.13 8.70 7.96
C SER A 155 20.11 9.80 8.34
N CYS A 156 20.94 9.57 9.35
CA CYS A 156 21.79 10.64 9.84
C CYS A 156 23.12 10.73 9.09
N MET A 157 23.44 9.77 8.24
CA MET A 157 24.61 9.92 7.39
C MET A 157 24.33 10.90 6.25
N LEU A 158 23.06 11.10 5.90
CA LEU A 158 22.73 12.01 4.82
C LEU A 158 22.99 13.46 5.22
N SER A 159 22.52 13.86 6.40
CA SER A 159 22.60 15.27 6.79
C SER A 159 24.04 15.72 6.97
N SER A 160 24.86 14.89 7.62
CA SER A 160 26.23 15.27 7.90
C SER A 160 27.04 15.33 6.62
N ASP A 161 27.75 16.44 6.42
CA ASP A 161 28.65 16.57 5.28
C ASP A 161 29.97 15.85 5.48
N PHE A 162 30.25 15.40 6.71
CA PHE A 162 31.41 14.58 7.00
C PHE A 162 30.99 13.17 7.33
N ARG A 163 31.83 12.21 6.96
CA ARG A 163 31.48 10.80 7.10
C ARG A 163 31.27 10.43 8.56
N ILE A 164 30.19 9.70 8.82
CA ILE A 164 29.90 9.16 10.15
C ILE A 164 30.43 7.74 10.18
N THR A 165 31.50 7.52 10.94
CA THR A 165 32.13 6.21 10.96
C THR A 165 31.31 5.24 11.81
N GLN A 166 31.66 3.95 11.68
CA GLN A 166 30.88 2.90 12.31
C GLN A 166 30.89 3.02 13.83
N ASN A 167 31.90 3.69 14.39
CA ASN A 167 32.00 3.91 15.82
C ASN A 167 31.22 5.13 16.29
N MET A 168 30.51 5.79 15.38
CA MET A 168 29.78 7.01 15.67
C MET A 168 28.31 6.82 15.37
N PHE A 169 27.45 7.39 16.20
CA PHE A 169 26.02 7.45 15.93
C PHE A 169 25.52 8.86 16.21
N CYS A 170 24.50 9.27 15.47
CA CYS A 170 23.96 10.61 15.56
C CYS A 170 22.71 10.62 16.42
N ALA A 171 22.49 11.72 17.11
CA ALA A 171 21.27 11.94 17.88
C ALA A 171 20.98 13.43 17.93
N GLY A 172 19.75 13.81 17.60
CA GLY A 172 19.38 15.20 17.55
C GLY A 172 18.24 15.40 16.56
N TYR A 173 18.18 16.60 16.00
CA TYR A 173 17.07 17.00 15.15
C TYR A 173 17.58 17.61 13.85
N ASP A 174 17.07 17.11 12.73
CA ASP A 174 17.41 17.67 11.43
C ASP A 174 16.82 19.04 11.20
N THR A 175 16.18 19.62 12.21
CA THR A 175 15.55 20.93 12.09
C THR A 175 15.60 21.79 13.33
N LYS A 176 15.71 21.21 14.53
CA LYS A 176 15.34 21.90 15.74
C LYS A 176 16.56 22.45 16.47
N GLN A 177 16.32 23.44 17.32
CA GLN A 177 17.37 24.07 18.12
C GLN A 177 17.58 23.30 19.42
N GLU A 178 17.94 22.02 19.28
CA GLU A 178 18.26 21.16 20.41
C GLU A 178 19.46 20.31 20.04
N ASP A 179 20.59 20.60 20.68
CA ASP A 179 21.83 19.83 20.54
C ASP A 179 22.82 20.35 21.57
N ALA A 180 23.66 19.46 22.07
CA ALA A 180 24.77 19.88 22.90
C ALA A 180 25.74 20.70 22.05
N CYS A 181 26.34 21.72 22.67
CA CYS A 181 27.21 22.64 21.96
C CYS A 181 28.62 22.54 22.54
N GLN A 182 29.47 23.50 22.16
CA GLN A 182 30.84 23.52 22.63
C GLN A 182 30.90 23.58 24.15
N GLY A 183 31.75 22.75 24.75
CA GLY A 183 31.83 22.61 26.18
C GLY A 183 31.12 21.39 26.74
N ASP A 184 30.48 20.59 25.90
CA ASP A 184 29.81 19.38 26.31
C ASP A 184 30.61 18.13 25.99
N SER A 185 31.71 18.26 25.25
CA SER A 185 32.45 17.09 24.81
C SER A 185 32.94 16.28 26.00
N GLY A 186 32.96 14.96 25.84
CA GLY A 186 33.27 14.08 26.94
C GLY A 186 32.11 13.81 27.87
N GLY A 187 30.95 14.41 27.61
CA GLY A 187 29.77 14.15 28.41
C GLY A 187 29.14 12.82 28.05
N PRO A 188 28.34 12.30 28.97
CA PRO A 188 27.71 10.99 28.73
C PRO A 188 26.62 11.07 27.67
N HIS A 189 26.42 9.94 26.99
CA HIS A 189 25.21 9.70 26.19
C HIS A 189 24.66 8.37 26.71
N VAL A 190 23.83 8.44 27.75
CA VAL A 190 23.36 7.24 28.41
C VAL A 190 21.98 6.86 27.86
N THR A 191 21.61 5.60 28.06
CA THR A 191 20.34 5.05 27.62
C THR A 191 19.57 4.52 28.83
N ARG A 192 18.30 4.89 28.92
CA ARG A 192 17.46 4.44 30.01
C ARG A 192 16.88 3.07 29.71
N PHE A 193 16.71 2.26 30.76
CA PHE A 193 16.03 0.97 30.63
C PHE A 193 15.54 0.55 32.01
N LYS A 194 14.22 0.56 32.20
CA LYS A 194 13.59 0.20 33.46
C LYS A 194 14.21 0.97 34.63
N ASP A 195 14.35 2.28 34.44
CA ASP A 195 14.93 3.19 35.42
C ASP A 195 16.40 2.87 35.69
N THR A 196 17.06 2.14 34.81
CA THR A 196 18.49 1.85 34.91
C THR A 196 19.18 2.43 33.68
N TYR A 197 20.11 3.35 33.90
CA TYR A 197 20.77 4.08 32.82
C TYR A 197 22.07 3.40 32.44
N PHE A 198 22.26 3.19 31.15
CA PHE A 198 23.44 2.52 30.62
C PHE A 198 24.16 3.47 29.67
N VAL A 199 25.50 3.46 29.73
CA VAL A 199 26.28 4.30 28.84
C VAL A 199 26.17 3.76 27.42
N THR A 200 25.84 4.64 26.49
CA THR A 200 25.73 4.28 25.08
C THR A 200 26.73 5.01 24.20
N GLY A 201 26.98 6.28 24.48
CA GLY A 201 27.85 7.07 23.63
C GLY A 201 28.59 8.12 24.42
N ILE A 202 29.60 8.69 23.77
CA ILE A 202 30.34 9.82 24.30
C ILE A 202 30.29 10.93 23.26
N VAL A 203 30.10 12.17 23.72
CA VAL A 203 29.89 13.29 22.82
C VAL A 203 31.18 13.55 22.05
N SER A 204 31.16 13.23 20.75
CA SER A 204 32.37 13.32 19.94
C SER A 204 32.54 14.71 19.33
N TRP A 205 31.57 15.13 18.52
CA TRP A 205 31.67 16.41 17.82
C TRP A 205 30.28 16.81 17.33
N GLY A 206 30.25 17.80 16.44
CA GLY A 206 29.02 18.22 15.79
C GLY A 206 29.24 19.42 14.89
N GLU A 207 28.69 19.38 13.68
CA GLU A 207 28.80 20.51 12.76
C GLU A 207 27.84 21.59 13.22
N GLY A 208 28.39 22.65 13.80
CA GLY A 208 27.57 23.70 14.37
C GLY A 208 26.95 23.27 15.69
N CYS A 209 25.88 23.96 16.05
CA CYS A 209 25.15 23.66 17.28
C CYS A 209 23.66 23.82 17.02
N ALA A 210 22.96 22.68 16.94
CA ALA A 210 21.50 22.65 16.80
C ALA A 210 21.03 23.38 15.55
N ARG A 211 21.81 23.31 14.47
CA ARG A 211 21.40 23.91 13.21
C ARG A 211 20.18 23.20 12.64
N LYS A 212 19.28 23.98 12.05
CA LYS A 212 18.20 23.38 11.29
C LYS A 212 18.80 22.46 10.24
N GLY A 213 18.34 21.22 10.20
CA GLY A 213 18.91 20.27 9.27
C GLY A 213 19.99 19.41 9.85
N LYS A 214 20.15 19.38 11.17
CA LYS A 214 21.31 18.74 11.75
C LYS A 214 20.95 18.00 13.03
N TYR A 215 21.76 17.00 13.36
CA TYR A 215 21.72 16.30 14.64
C TYR A 215 23.10 16.33 15.27
N GLY A 216 23.13 16.18 16.60
CA GLY A 216 24.41 16.00 17.28
C GLY A 216 25.01 14.65 16.96
N ILE A 217 26.32 14.54 17.16
CA ILE A 217 27.08 13.34 16.83
C ILE A 217 27.71 12.81 18.11
N TYR A 218 27.68 11.49 18.28
CA TYR A 218 28.22 10.83 19.45
C TYR A 218 29.02 9.61 19.01
N THR A 219 29.94 9.17 19.86
CA THR A 219 30.77 8.01 19.58
C THR A 219 30.21 6.81 20.32
N LYS A 220 29.94 5.73 19.59
CA LYS A 220 29.30 4.54 20.13
C LYS A 220 30.21 3.88 21.17
N VAL A 221 29.75 3.85 22.42
CA VAL A 221 30.55 3.24 23.48
C VAL A 221 30.67 1.74 23.26
N THR A 222 29.62 1.10 22.74
CA THR A 222 29.60 -0.35 22.63
C THR A 222 30.68 -0.88 21.72
N ARG A 223 31.28 -0.03 20.89
CA ARG A 223 32.39 -0.47 20.05
C ARG A 223 33.68 -0.66 20.82
N PHE A 224 33.78 -0.15 22.05
CA PHE A 224 35.02 -0.20 22.81
C PHE A 224 34.81 -0.76 24.22
N LEU A 225 33.76 -1.56 24.43
CA LEU A 225 33.53 -2.11 25.76
C LEU A 225 34.66 -3.03 26.20
N LYS A 226 35.15 -3.87 25.30
CA LYS A 226 36.35 -4.65 25.59
C LYS A 226 37.55 -3.74 25.81
N TRP A 227 37.66 -2.69 25.00
CA TRP A 227 38.71 -1.70 25.20
C TRP A 227 38.54 -0.98 26.53
N ILE A 228 37.31 -0.66 26.90
CA ILE A 228 37.07 0.03 28.17
C ILE A 228 37.35 -0.88 29.34
N LYS A 229 36.85 -2.11 29.31
CA LYS A 229 37.09 -3.04 30.41
C LYS A 229 38.58 -3.34 30.56
N ARG A 230 39.30 -3.47 29.44
CA ARG A 230 40.74 -3.65 29.50
C ARG A 230 41.42 -2.42 30.10
N SER A 231 40.98 -1.24 29.69
CA SER A 231 41.55 -0.01 30.24
C SER A 231 41.16 0.17 31.70
N MET A 232 39.99 -0.32 32.09
CA MET A 232 39.58 -0.24 33.49
C MET A 232 40.42 -1.14 34.38
N LYS A 233 41.22 -2.03 33.78
CA LYS A 233 42.15 -2.87 34.53
C LYS A 233 43.49 -2.19 34.76
N THR A 234 43.65 -0.94 34.34
CA THR A 234 44.90 -0.21 34.50
C THR A 234 45.25 -0.02 35.97
N ALA B 1 -44.80 -20.58 49.12
CA ALA B 1 -43.94 -19.82 50.01
C ALA B 1 -44.14 -18.33 49.82
N ASN B 2 -43.04 -17.57 49.89
CA ASN B 2 -43.04 -16.12 49.75
C ASN B 2 -44.01 -15.48 50.75
N SER B 3 -43.72 -15.72 52.03
CA SER B 3 -44.56 -15.19 53.09
C SER B 3 -44.35 -13.69 53.24
N PHE B 4 -45.22 -13.07 54.05
CA PHE B 4 -45.18 -11.62 54.24
C PHE B 4 -43.89 -11.17 54.91
N LEU B 5 -43.41 -11.95 55.89
CA LEU B 5 -42.25 -11.56 56.69
C LEU B 5 -41.06 -12.50 56.46
N GLU B 6 -40.80 -12.84 55.20
CA GLU B 6 -39.62 -13.64 54.89
C GLU B 6 -38.34 -12.82 54.91
N GLU B 7 -38.41 -11.56 54.49
CA GLU B 7 -37.22 -10.72 54.40
C GLU B 7 -36.71 -10.26 55.75
N MET B 8 -37.57 -10.29 56.78
CA MET B 8 -37.17 -9.77 58.09
C MET B 8 -36.18 -10.69 58.78
N LYS B 9 -36.35 -12.01 58.64
CA LYS B 9 -35.46 -12.97 59.27
C LYS B 9 -34.07 -12.92 58.63
N LYS B 10 -33.08 -13.37 59.39
CA LYS B 10 -31.71 -13.40 58.88
C LYS B 10 -31.59 -14.41 57.75
N GLY B 11 -30.66 -14.14 56.84
CA GLY B 11 -30.51 -14.98 55.67
C GLY B 11 -29.85 -16.31 55.99
N HIS B 12 -30.22 -17.33 55.23
CA HIS B 12 -29.63 -18.66 55.33
C HIS B 12 -29.36 -19.17 53.92
N LEU B 13 -28.24 -19.86 53.75
CA LEU B 13 -27.85 -20.36 52.43
C LEU B 13 -28.87 -21.34 51.88
N GLU B 14 -29.36 -22.25 52.72
CA GLU B 14 -30.34 -23.23 52.27
C GLU B 14 -31.67 -22.58 51.91
N ARG B 15 -32.10 -21.60 52.72
CA ARG B 15 -33.43 -21.01 52.53
C ARG B 15 -33.51 -20.26 51.20
N GLU B 16 -32.47 -19.52 50.84
CA GLU B 16 -32.53 -18.61 49.70
C GLU B 16 -32.24 -19.31 48.37
N CYS B 17 -31.09 -19.99 48.28
CA CYS B 17 -30.61 -20.51 47.01
C CYS B 17 -30.89 -22.00 46.81
N MET B 18 -30.87 -22.79 47.88
CA MET B 18 -31.03 -24.23 47.71
C MET B 18 -32.51 -24.62 47.64
N GLU B 19 -33.35 -23.99 48.46
CA GLU B 19 -34.78 -24.27 48.47
C GLU B 19 -35.58 -23.34 47.56
N GLU B 20 -34.93 -22.38 46.91
CA GLU B 20 -35.62 -21.40 46.09
C GLU B 20 -34.63 -20.83 45.08
N THR B 21 -35.18 -20.24 44.02
CA THR B 21 -34.38 -19.58 42.99
C THR B 21 -33.95 -18.21 43.51
N CYS B 22 -32.77 -18.16 44.11
CA CYS B 22 -32.27 -16.92 44.69
C CYS B 22 -31.67 -16.02 43.62
N SER B 23 -31.82 -14.72 43.81
CA SER B 23 -31.23 -13.72 42.95
C SER B 23 -29.96 -13.17 43.60
N TYR B 24 -29.35 -12.18 42.96
CA TYR B 24 -28.09 -11.64 43.45
C TYR B 24 -28.26 -10.94 44.79
N GLU B 25 -29.34 -10.17 44.96
CA GLU B 25 -29.53 -9.42 46.19
C GLU B 25 -29.73 -10.35 47.40
N GLU B 26 -30.53 -11.41 47.22
CA GLU B 26 -30.85 -12.27 48.35
C GLU B 26 -29.64 -13.09 48.79
N ALA B 27 -28.78 -13.47 47.86
CA ALA B 27 -27.62 -14.27 48.22
C ALA B 27 -26.55 -13.44 48.92
N ARG B 28 -26.42 -12.16 48.58
CA ARG B 28 -25.38 -11.33 49.17
C ARG B 28 -25.59 -11.14 50.67
N GLU B 29 -26.84 -10.92 51.09
CA GLU B 29 -27.10 -10.62 52.50
C GLU B 29 -26.80 -11.82 53.38
N VAL B 30 -26.91 -13.03 52.84
CA VAL B 30 -26.59 -14.23 53.63
C VAL B 30 -25.10 -14.29 53.93
N PHE B 31 -24.26 -13.90 52.97
CA PHE B 31 -22.82 -14.04 53.08
C PHE B 31 -22.10 -12.77 53.51
N GLU B 32 -22.67 -11.60 53.21
CA GLU B 32 -22.17 -10.27 53.59
C GLU B 32 -20.88 -9.90 52.87
N ASP B 33 -20.30 -10.79 52.06
CA ASP B 33 -19.05 -10.53 51.37
C ASP B 33 -19.27 -10.60 49.87
N SER B 34 -18.86 -9.55 49.15
CA SER B 34 -19.03 -9.53 47.70
C SER B 34 -18.19 -10.60 47.02
N ASP B 35 -16.95 -10.79 47.48
CA ASP B 35 -16.08 -11.79 46.85
C ASP B 35 -16.63 -13.20 47.05
N LYS B 36 -17.16 -13.49 48.25
CA LYS B 36 -17.73 -14.81 48.50
C LYS B 36 -18.96 -15.06 47.64
N THR B 37 -19.84 -14.06 47.53
CA THR B 37 -21.07 -14.26 46.77
C THR B 37 -20.81 -14.38 45.28
N ASN B 38 -19.81 -13.66 44.76
CA ASN B 38 -19.49 -13.74 43.33
C ASN B 38 -19.08 -15.15 42.95
N GLU B 39 -18.28 -15.81 43.80
CA GLU B 39 -17.90 -17.20 43.54
C GLU B 39 -19.13 -18.11 43.50
N PHE B 40 -20.06 -17.92 44.45
CA PHE B 40 -21.25 -18.76 44.49
C PHE B 40 -22.21 -18.43 43.35
N TRP B 41 -22.24 -17.18 42.89
CA TRP B 41 -23.15 -16.79 41.83
C TRP B 41 -22.70 -17.30 40.46
N ASN B 42 -21.39 -17.41 40.26
CA ASN B 42 -20.88 -17.88 38.97
C ASN B 42 -21.23 -19.35 38.73
N LYS B 43 -21.04 -20.19 39.74
CA LYS B 43 -21.39 -21.61 39.62
C LYS B 43 -22.89 -21.83 39.56
N TYR B 44 -23.68 -20.91 40.12
CA TYR B 44 -25.12 -21.11 40.21
C TYR B 44 -25.75 -21.18 38.82
N LYS B 45 -25.33 -20.31 37.91
CA LYS B 45 -26.00 -20.20 36.61
C LYS B 45 -25.49 -21.20 35.59
N ASP B 46 -24.18 -21.48 35.57
CA ASP B 46 -23.59 -22.30 34.52
C ASP B 46 -22.77 -23.47 35.07
N GLY B 47 -22.98 -23.83 36.33
CA GLY B 47 -22.23 -24.93 36.90
C GLY B 47 -20.79 -24.55 37.21
N ASP B 48 -20.01 -25.56 37.57
CA ASP B 48 -18.60 -25.39 37.90
C ASP B 48 -17.77 -26.13 36.84
N GLN B 49 -17.33 -25.38 35.83
CA GLN B 49 -16.43 -25.96 34.84
C GLN B 49 -15.09 -26.33 35.45
N CYS B 50 -14.66 -25.61 36.49
CA CYS B 50 -13.37 -25.85 37.11
C CYS B 50 -13.33 -27.14 37.91
N GLU B 51 -14.47 -27.81 38.11
CA GLU B 51 -14.48 -29.05 38.88
C GLU B 51 -13.59 -30.12 38.25
N THR B 52 -13.65 -30.25 36.93
CA THR B 52 -12.79 -31.19 36.23
C THR B 52 -11.42 -30.61 35.90
N SER B 53 -11.21 -29.31 36.15
CA SER B 53 -9.98 -28.60 35.86
C SER B 53 -9.58 -28.79 34.40
N PRO B 54 -10.33 -28.22 33.46
CA PRO B 54 -10.00 -28.41 32.04
C PRO B 54 -8.63 -27.89 31.65
N CYS B 55 -8.17 -26.81 32.28
CA CYS B 55 -6.90 -26.22 31.91
C CYS B 55 -5.73 -27.03 32.47
N GLN B 56 -4.55 -26.73 31.96
CA GLN B 56 -3.33 -27.49 32.24
C GLN B 56 -2.34 -26.61 33.00
N ASN B 57 -1.23 -27.22 33.41
CA ASN B 57 -0.13 -26.54 34.09
C ASN B 57 -0.58 -25.89 35.39
N GLN B 58 -1.45 -26.61 36.13
CA GLN B 58 -1.92 -26.17 37.45
C GLN B 58 -2.54 -24.77 37.37
N GLY B 59 -3.29 -24.53 36.29
CA GLY B 59 -3.94 -23.25 36.10
C GLY B 59 -4.92 -22.89 37.20
N LYS B 60 -4.84 -21.66 37.70
CA LYS B 60 -5.73 -21.19 38.75
C LYS B 60 -7.09 -20.92 38.14
N CYS B 61 -7.87 -21.99 38.00
CA CYS B 61 -9.14 -21.91 37.30
C CYS B 61 -10.12 -21.01 38.04
N LYS B 62 -10.80 -20.15 37.29
CA LYS B 62 -11.73 -19.17 37.83
C LYS B 62 -13.08 -19.36 37.13
N ASP B 63 -14.14 -19.43 37.93
CA ASP B 63 -15.49 -19.66 37.42
C ASP B 63 -16.20 -18.31 37.27
N GLY B 64 -16.81 -18.10 36.10
CA GLY B 64 -17.52 -16.87 35.83
C GLY B 64 -18.94 -17.13 35.37
N LEU B 65 -19.54 -16.14 34.70
CA LEU B 65 -20.90 -16.26 34.18
C LEU B 65 -20.84 -16.71 32.72
N GLY B 66 -20.65 -18.02 32.55
CA GLY B 66 -20.58 -18.60 31.22
C GLY B 66 -19.20 -18.72 30.64
N GLU B 67 -18.15 -18.58 31.43
CA GLU B 67 -16.78 -18.69 30.93
C GLU B 67 -15.87 -19.22 32.02
N TYR B 68 -14.71 -19.71 31.60
CA TYR B 68 -13.68 -20.19 32.51
C TYR B 68 -12.36 -19.50 32.20
N THR B 69 -11.54 -19.33 33.23
CA THR B 69 -10.25 -18.68 33.05
C THR B 69 -9.28 -19.22 34.10
N CYS B 70 -8.08 -19.59 33.64
CA CYS B 70 -7.02 -20.06 34.51
C CYS B 70 -5.78 -19.21 34.27
N THR B 71 -5.26 -18.59 35.33
CA THR B 71 -4.01 -17.85 35.26
C THR B 71 -2.87 -18.80 35.59
N CYS B 72 -1.99 -19.04 34.63
CA CYS B 72 -0.93 -20.03 34.75
C CYS B 72 0.42 -19.35 34.97
N LEU B 73 1.42 -20.18 35.25
CA LEU B 73 2.75 -19.71 35.62
C LEU B 73 3.59 -19.47 34.36
N GLU B 74 4.87 -19.18 34.57
CA GLU B 74 5.77 -18.89 33.45
C GLU B 74 6.03 -20.14 32.64
N GLY B 75 6.15 -19.96 31.32
CA GLY B 75 6.39 -21.06 30.40
C GLY B 75 5.13 -21.71 29.85
N PHE B 76 3.97 -21.43 30.43
CA PHE B 76 2.71 -21.97 29.94
C PHE B 76 1.64 -20.90 30.18
N GLU B 77 1.09 -20.35 29.10
CA GLU B 77 0.07 -19.32 29.18
C GLU B 77 -1.09 -19.71 28.28
N GLY B 78 -2.09 -18.82 28.22
CA GLY B 78 -3.28 -19.06 27.43
C GLY B 78 -4.44 -19.55 28.28
N LYS B 79 -5.58 -19.71 27.62
CA LYS B 79 -6.77 -20.21 28.33
C LYS B 79 -6.58 -21.65 28.78
N ASN B 80 -5.95 -22.48 27.96
CA ASN B 80 -5.75 -23.89 28.28
C ASN B 80 -4.39 -24.18 28.89
N CYS B 81 -3.38 -23.36 28.59
CA CYS B 81 -2.01 -23.51 29.09
C CYS B 81 -1.39 -24.84 28.70
N GLU B 82 -1.93 -25.52 27.69
CA GLU B 82 -1.41 -26.81 27.26
C GLU B 82 -0.20 -26.72 26.36
N LEU B 83 0.16 -25.52 25.90
CA LEU B 83 1.31 -25.31 25.05
C LEU B 83 2.33 -24.44 25.78
N PHE B 84 3.61 -24.71 25.53
CA PHE B 84 4.69 -23.97 26.17
C PHE B 84 4.85 -22.62 25.48
N THR B 85 5.94 -21.91 25.78
CA THR B 85 6.14 -20.56 25.29
C THR B 85 7.53 -20.41 24.68
N ARG B 86 7.59 -19.69 23.55
CA ARG B 86 8.87 -19.23 23.03
C ARG B 86 9.35 -18.08 23.91
N LYS B 87 10.51 -18.24 24.52
CA LYS B 87 10.92 -17.28 25.57
C LYS B 87 11.10 -15.89 25.00
N LEU B 88 11.90 -15.75 23.93
CA LEU B 88 11.88 -14.60 23.04
C LEU B 88 11.97 -13.27 23.81
N CYS B 89 13.16 -13.04 24.35
CA CYS B 89 13.44 -11.80 25.08
C CYS B 89 13.25 -10.53 24.20
N ARG B 90 12.95 -10.66 22.91
CA ARG B 90 12.64 -9.50 22.07
C ARG B 90 11.39 -8.78 22.55
N ALA B 91 10.47 -9.49 23.18
CA ALA B 91 9.20 -8.91 23.63
C ALA B 91 9.26 -8.71 25.14
N PHE B 92 9.05 -7.47 25.59
CA PHE B 92 9.04 -7.12 27.01
C PHE B 92 10.35 -7.52 27.69
N ASN B 93 11.44 -7.57 26.93
CA ASN B 93 12.77 -7.94 27.40
C ASN B 93 12.79 -9.30 28.10
N GLY B 94 11.96 -10.23 27.64
CA GLY B 94 11.93 -11.55 28.27
C GLY B 94 11.55 -11.52 29.73
N ASP B 95 10.82 -10.49 30.15
CA ASP B 95 10.42 -10.29 31.54
C ASP B 95 11.62 -10.16 32.47
N CYS B 96 12.78 -9.77 31.94
CA CYS B 96 13.98 -9.61 32.73
C CYS B 96 14.03 -8.19 33.31
N ASP B 97 15.19 -7.82 33.85
CA ASP B 97 15.50 -6.45 34.19
C ASP B 97 16.73 -5.93 33.47
N GLN B 98 17.55 -6.81 32.90
CA GLN B 98 18.79 -6.44 32.25
C GLN B 98 19.04 -7.42 31.10
N PHE B 99 20.29 -7.52 30.66
CA PHE B 99 20.61 -8.15 29.40
C PHE B 99 20.19 -9.61 29.34
N CYS B 100 19.70 -10.02 28.17
CA CYS B 100 19.45 -11.41 27.84
C CYS B 100 20.58 -11.95 26.97
N LYS B 101 20.88 -13.23 27.14
CA LYS B 101 21.87 -13.92 26.33
C LYS B 101 21.24 -15.24 25.86
N ARG B 102 21.04 -15.35 24.55
CA ARG B 102 20.23 -16.43 23.99
C ARG B 102 21.04 -17.71 23.91
N VAL B 103 20.90 -18.55 24.94
CA VAL B 103 21.22 -19.97 24.85
C VAL B 103 20.02 -20.63 24.20
N GLN B 104 20.10 -21.93 23.93
CA GLN B 104 18.96 -22.69 23.42
C GLN B 104 17.70 -22.26 24.15
N SER B 105 16.55 -22.30 23.47
CA SER B 105 15.57 -21.23 23.61
C SER B 105 14.94 -21.18 24.99
N SER B 106 15.75 -20.79 25.97
CA SER B 106 15.30 -20.38 27.29
C SER B 106 15.88 -19.01 27.57
N VAL B 107 15.04 -18.06 27.98
CA VAL B 107 15.48 -16.69 28.18
C VAL B 107 16.39 -16.63 29.40
N VAL B 108 17.58 -16.07 29.22
CA VAL B 108 18.59 -16.03 30.28
C VAL B 108 18.80 -14.59 30.72
N CYS B 109 18.08 -14.16 31.76
CA CYS B 109 18.31 -12.84 32.31
C CYS B 109 19.70 -12.78 32.93
N SER B 110 20.39 -11.67 32.71
CA SER B 110 21.77 -11.51 33.15
C SER B 110 21.90 -10.20 33.91
N CYS B 111 23.00 -10.09 34.66
CA CYS B 111 23.34 -8.86 35.38
C CYS B 111 24.85 -8.68 35.34
N ALA B 112 25.28 -7.43 35.14
CA ALA B 112 26.70 -7.11 34.99
C ALA B 112 27.33 -6.87 36.37
N ARG B 113 28.53 -6.30 36.37
CA ARG B 113 29.24 -6.01 37.61
C ARG B 113 28.42 -5.09 38.50
N GLY B 114 28.51 -5.33 39.81
CA GLY B 114 27.71 -4.58 40.74
C GLY B 114 26.25 -4.95 40.74
N TYR B 115 25.90 -6.13 40.24
CA TYR B 115 24.52 -6.57 40.15
C TYR B 115 24.46 -8.08 40.33
N THR B 116 23.35 -8.55 40.87
CA THR B 116 23.16 -9.98 41.15
C THR B 116 21.82 -10.45 40.60
N LEU B 117 21.83 -11.63 39.99
CA LEU B 117 20.60 -12.22 39.49
C LEU B 117 19.68 -12.60 40.65
N ALA B 118 18.37 -12.43 40.43
CA ALA B 118 17.40 -12.67 41.49
C ALA B 118 17.12 -14.16 41.63
N ASP B 119 16.35 -14.50 42.67
CA ASP B 119 15.96 -15.89 42.89
C ASP B 119 15.11 -16.41 41.75
N ASN B 120 14.16 -15.60 41.27
CA ASN B 120 13.31 -16.01 40.16
C ASN B 120 14.06 -16.07 38.83
N GLY B 121 15.29 -15.56 38.78
CA GLY B 121 16.05 -15.59 37.56
C GLY B 121 15.70 -14.52 36.56
N LYS B 122 15.02 -13.47 37.00
CA LYS B 122 14.61 -12.42 36.07
C LYS B 122 15.06 -11.03 36.50
N ALA B 123 15.08 -10.74 37.79
CA ALA B 123 15.46 -9.41 38.26
C ALA B 123 16.94 -9.37 38.62
N CYS B 124 17.47 -8.15 38.70
CA CYS B 124 18.85 -7.90 39.10
C CYS B 124 18.86 -7.08 40.37
N ILE B 125 19.79 -7.41 41.27
CA ILE B 125 19.91 -6.71 42.55
C ILE B 125 21.35 -6.19 42.69
N PRO B 126 21.53 -4.92 43.03
CA PRO B 126 22.89 -4.40 43.20
C PRO B 126 23.61 -5.07 44.37
N THR B 127 24.92 -5.23 44.20
CA THR B 127 25.73 -5.82 45.27
C THR B 127 25.90 -4.86 46.44
N GLY B 128 26.20 -3.59 46.14
CA GLY B 128 26.47 -2.62 47.16
C GLY B 128 25.74 -1.31 46.95
N PRO B 129 25.85 -0.40 47.91
CA PRO B 129 25.17 0.89 47.79
C PRO B 129 25.76 1.73 46.66
N TYR B 130 24.91 2.57 46.09
CA TYR B 130 25.24 3.42 44.95
C TYR B 130 25.83 2.58 43.81
N PRO B 131 25.05 1.69 43.20
CA PRO B 131 25.56 0.90 42.09
C PRO B 131 25.59 1.72 40.81
N CYS B 132 25.99 1.08 39.72
CA CYS B 132 26.03 1.76 38.44
C CYS B 132 24.61 2.11 37.99
N GLY B 133 24.51 3.18 37.21
CA GLY B 133 23.26 3.57 36.58
C GLY B 133 22.09 3.72 37.52
N LYS B 134 22.12 4.70 38.41
CA LYS B 134 20.99 4.99 39.27
C LYS B 134 21.12 6.41 39.79
N GLN B 135 19.98 7.10 39.89
CA GLN B 135 19.97 8.44 40.45
C GLN B 135 20.13 8.39 41.96
N THR B 136 20.89 9.34 42.51
CA THR B 136 21.07 9.41 43.94
C THR B 136 19.80 9.90 44.61
N LEU B 137 19.39 9.22 45.68
CA LEU B 137 18.15 9.55 46.36
C LEU B 137 18.40 9.95 47.82
N ALA C 1 -16.60 28.27 -15.24
CA ALA C 1 -16.84 26.91 -15.72
C ALA C 1 -16.83 26.87 -17.24
N GLN C 2 -15.63 26.97 -17.82
CA GLN C 2 -15.50 26.96 -19.27
C GLN C 2 -15.98 25.62 -19.83
N LEU C 3 -16.63 25.67 -20.99
CA LEU C 3 -17.12 24.48 -21.66
C LEU C 3 -16.45 24.37 -23.02
N ARG C 4 -16.17 23.14 -23.43
CA ARG C 4 -15.48 22.89 -24.69
C ARG C 4 -16.25 21.83 -25.48
N GLN C 5 -15.97 21.78 -26.78
CA GLN C 5 -16.66 20.85 -27.68
C GLN C 5 -15.67 20.28 -28.69
N PHE C 6 -15.34 19.00 -28.53
CA PHE C 6 -14.53 18.26 -29.48
C PHE C 6 -15.42 17.44 -30.38
N TYR C 7 -14.85 16.96 -31.49
CA TYR C 7 -15.62 16.26 -32.51
C TYR C 7 -14.88 15.02 -32.95
N VAL C 8 -15.40 13.85 -32.57
CA VAL C 8 -14.81 12.56 -32.90
C VAL C 8 -15.85 11.74 -33.63
N ALA C 9 -15.46 11.15 -34.76
CA ALA C 9 -16.33 10.31 -35.57
C ALA C 9 -15.61 8.99 -35.84
N ALA C 10 -16.20 7.89 -35.40
CA ALA C 10 -15.55 6.58 -35.48
C ALA C 10 -15.61 6.09 -36.92
N GLN C 11 -14.68 6.59 -37.72
CA GLN C 11 -14.61 6.24 -39.14
C GLN C 11 -13.45 5.26 -39.33
N GLY C 12 -13.77 3.97 -39.36
CA GLY C 12 -12.74 2.99 -39.67
C GLY C 12 -12.19 3.20 -41.06
N ILE C 13 -10.89 2.98 -41.21
CA ILE C 13 -10.20 3.24 -42.47
C ILE C 13 -9.50 1.97 -42.92
N SER C 14 -9.28 1.87 -44.23
CA SER C 14 -8.46 0.82 -44.81
C SER C 14 -7.01 1.13 -44.48
N TRP C 15 -6.48 0.51 -43.44
CA TRP C 15 -5.22 0.92 -42.83
C TRP C 15 -4.15 -0.12 -43.06
N SER C 16 -3.02 0.32 -43.61
CA SER C 16 -1.77 -0.41 -43.53
C SER C 16 -0.98 0.17 -42.37
N TYR C 17 -0.41 -0.71 -41.54
CA TYR C 17 0.25 -0.22 -40.33
C TYR C 17 1.51 0.58 -40.65
N ARG C 18 2.23 0.20 -41.72
CA ARG C 18 3.25 1.07 -42.24
C ARG C 18 2.59 2.30 -42.86
N PRO C 19 3.27 3.46 -42.87
CA PRO C 19 2.59 4.71 -43.23
C PRO C 19 2.09 4.72 -44.66
N GLU C 20 0.76 4.70 -44.82
CA GLU C 20 0.11 4.74 -46.12
C GLU C 20 0.10 6.16 -46.69
N PRO C 21 -0.32 7.18 -45.94
CA PRO C 21 -0.26 8.54 -46.50
C PRO C 21 1.14 8.97 -46.87
N THR C 22 2.15 8.52 -46.12
CA THR C 22 3.55 8.87 -46.40
C THR C 22 4.08 7.91 -47.46
N ASN C 23 3.65 8.14 -48.69
CA ASN C 23 4.10 7.35 -49.83
C ASN C 23 4.46 8.28 -50.97
N SER C 24 5.44 7.84 -51.77
CA SER C 24 5.94 8.64 -52.90
C SER C 24 5.13 8.37 -54.18
N SER C 25 3.81 8.53 -54.07
CA SER C 25 2.90 8.38 -55.21
C SER C 25 3.01 6.99 -55.84
N LEU C 26 3.22 5.97 -55.01
CA LEU C 26 3.27 4.59 -55.48
C LEU C 26 2.45 3.73 -54.54
N ASN C 27 1.98 2.60 -55.07
CA ASN C 27 1.00 1.77 -54.35
C ASN C 27 1.59 1.19 -53.07
N LEU C 28 2.84 0.73 -53.12
CA LEU C 28 3.51 0.13 -51.96
C LEU C 28 2.71 -1.03 -51.39
N SER C 29 2.27 -1.93 -52.28
CA SER C 29 1.43 -3.06 -51.91
C SER C 29 0.15 -2.59 -51.23
N VAL C 30 -0.54 -3.51 -50.55
CA VAL C 30 -1.73 -3.15 -49.80
C VAL C 30 -1.54 -3.52 -48.33
N THR C 31 -1.43 -4.83 -48.06
CA THR C 31 -1.21 -5.37 -46.73
C THR C 31 -2.04 -4.66 -45.68
N SER C 32 -3.26 -4.25 -46.03
CA SER C 32 -4.06 -3.36 -45.22
C SER C 32 -5.09 -4.14 -44.41
N PHE C 33 -5.63 -3.49 -43.40
CA PHE C 33 -6.66 -4.06 -42.55
C PHE C 33 -7.75 -3.04 -42.33
N LYS C 34 -8.96 -3.51 -42.10
CA LYS C 34 -10.11 -2.64 -41.89
C LYS C 34 -10.17 -2.28 -40.41
N LYS C 35 -9.42 -1.27 -40.04
CA LYS C 35 -9.40 -0.82 -38.65
C LYS C 35 -10.65 -0.02 -38.34
N ILE C 36 -10.77 0.44 -37.11
CA ILE C 36 -11.81 1.37 -36.70
C ILE C 36 -11.13 2.40 -35.82
N VAL C 37 -11.02 3.64 -36.30
CA VAL C 37 -10.21 4.64 -35.62
C VAL C 37 -11.05 5.89 -35.36
N TYR C 38 -10.68 6.59 -34.29
CA TYR C 38 -11.24 7.90 -34.02
C TYR C 38 -10.57 8.95 -34.89
N ARG C 39 -11.33 9.99 -35.24
CA ARG C 39 -10.81 11.08 -36.04
C ARG C 39 -11.41 12.39 -35.54
N GLU C 40 -10.71 13.48 -35.81
CA GLU C 40 -11.12 14.81 -35.36
C GLU C 40 -11.67 15.59 -36.54
N TYR C 41 -12.84 16.19 -36.35
CA TYR C 41 -13.56 16.88 -37.41
C TYR C 41 -13.74 18.35 -37.08
N GLU C 42 -14.04 19.13 -38.11
CA GLU C 42 -14.40 20.53 -37.92
C GLU C 42 -15.73 20.61 -37.19
N PRO C 43 -15.98 21.70 -36.46
CA PRO C 43 -17.16 21.76 -35.59
C PRO C 43 -18.46 21.57 -36.35
N TYR C 44 -19.43 20.96 -35.66
CA TYR C 44 -20.73 20.61 -36.22
C TYR C 44 -20.60 19.68 -37.42
N PHE C 45 -19.52 18.89 -37.45
CA PHE C 45 -19.35 17.81 -38.41
C PHE C 45 -19.39 18.31 -39.85
N LYS C 46 -18.95 19.56 -40.08
CA LYS C 46 -18.97 20.10 -41.43
C LYS C 46 -17.82 19.55 -42.27
N LYS C 47 -16.66 19.32 -41.66
CA LYS C 47 -15.50 18.77 -42.34
C LYS C 47 -14.57 18.22 -41.26
N GLU C 48 -13.38 17.79 -41.66
CA GLU C 48 -12.42 17.16 -40.75
C GLU C 48 -11.27 18.12 -40.43
N LYS C 49 -10.77 18.00 -39.20
CA LYS C 49 -9.50 18.63 -38.84
C LYS C 49 -8.37 17.68 -39.23
N PRO C 50 -7.52 18.05 -40.19
CA PRO C 50 -6.49 17.10 -40.65
C PRO C 50 -5.56 16.73 -39.50
N GLN C 51 -5.20 15.45 -39.45
CA GLN C 51 -4.39 14.94 -38.36
C GLN C 51 -2.90 15.11 -38.66
N SER C 52 -2.09 14.96 -37.62
CA SER C 52 -0.65 15.04 -37.77
C SER C 52 -0.14 13.83 -38.54
N THR C 53 1.10 13.95 -39.02
CA THR C 53 1.73 12.84 -39.75
C THR C 53 2.04 11.65 -38.86
N ILE C 54 1.94 11.81 -37.54
CA ILE C 54 2.33 10.76 -36.61
C ILE C 54 1.16 10.20 -35.81
N SER C 55 0.07 10.95 -35.64
CA SER C 55 -0.98 10.52 -34.71
C SER C 55 -1.59 9.20 -35.12
N GLY C 56 -1.55 8.85 -36.40
CA GLY C 56 -1.95 7.52 -36.83
C GLY C 56 -3.35 7.16 -36.40
N LEU C 57 -3.45 6.20 -35.47
CA LEU C 57 -4.72 5.72 -34.97
C LEU C 57 -5.19 6.44 -33.72
N LEU C 58 -4.40 7.37 -33.18
CA LEU C 58 -4.80 8.08 -32.00
C LEU C 58 -5.91 9.06 -32.33
N GLY C 59 -6.89 9.15 -31.45
CA GLY C 59 -7.96 10.09 -31.64
C GLY C 59 -7.53 11.50 -31.30
N PRO C 60 -8.49 12.42 -31.34
CA PRO C 60 -8.20 13.79 -30.93
C PRO C 60 -7.87 13.83 -29.44
N THR C 61 -6.67 14.33 -29.15
CA THR C 61 -6.28 14.54 -27.77
C THR C 61 -7.26 15.49 -27.09
N LEU C 62 -7.69 15.13 -25.89
CA LEU C 62 -8.59 15.98 -25.11
C LEU C 62 -7.79 16.78 -24.09
N TYR C 63 -8.29 17.97 -23.79
CA TYR C 63 -7.64 18.83 -22.82
C TYR C 63 -8.71 19.61 -22.07
N ALA C 64 -8.78 19.40 -20.77
CA ALA C 64 -9.65 20.16 -19.89
C ALA C 64 -8.83 20.76 -18.77
N GLU C 65 -9.50 21.44 -17.86
CA GLU C 65 -8.87 21.97 -16.67
C GLU C 65 -9.80 21.75 -15.50
N VAL C 66 -9.32 22.06 -14.31
CA VAL C 66 -10.17 21.97 -13.12
C VAL C 66 -11.33 22.92 -13.29
N GLY C 67 -12.55 22.41 -13.14
CA GLY C 67 -13.76 23.17 -13.35
C GLY C 67 -14.29 23.13 -14.77
N ASP C 68 -13.40 23.22 -15.75
CA ASP C 68 -13.82 23.22 -17.15
C ASP C 68 -14.40 21.86 -17.54
N ILE C 69 -15.51 21.90 -18.26
CA ILE C 69 -16.28 20.71 -18.60
C ILE C 69 -16.13 20.44 -20.09
N ILE C 70 -15.87 19.19 -20.45
CA ILE C 70 -15.77 18.78 -21.83
C ILE C 70 -17.15 18.36 -22.32
N LYS C 71 -17.36 18.49 -23.63
CA LYS C 71 -18.52 17.91 -24.32
C LYS C 71 -18.01 17.35 -25.65
N VAL C 72 -17.82 16.04 -25.70
CA VAL C 72 -17.26 15.37 -26.87
C VAL C 72 -18.39 14.91 -27.78
N HIS C 73 -18.33 15.27 -29.04
CA HIS C 73 -19.35 14.90 -30.01
C HIS C 73 -18.95 13.64 -30.74
N PHE C 74 -19.84 12.65 -30.75
CA PHE C 74 -19.53 11.33 -31.29
C PHE C 74 -20.72 10.80 -32.08
N LYS C 75 -20.41 10.18 -33.22
CA LYS C 75 -21.44 9.58 -34.07
C LYS C 75 -20.74 8.56 -34.97
N ASN C 76 -21.08 7.29 -34.79
CA ASN C 76 -20.30 6.22 -35.40
C ASN C 76 -20.45 6.23 -36.91
N LYS C 77 -19.30 6.19 -37.61
CA LYS C 77 -19.26 6.03 -39.06
C LYS C 77 -18.84 4.63 -39.48
N ALA C 78 -18.79 3.68 -38.55
CA ALA C 78 -18.54 2.29 -38.85
C ALA C 78 -19.85 1.51 -38.81
N ASP C 79 -19.74 0.19 -38.87
CA ASP C 79 -20.90 -0.68 -38.86
C ASP C 79 -21.14 -1.35 -37.51
N LYS C 80 -20.33 -1.05 -36.51
CA LYS C 80 -20.43 -1.70 -35.21
C LYS C 80 -20.97 -0.72 -34.18
N PRO C 81 -21.42 -1.22 -33.03
CA PRO C 81 -21.72 -0.32 -31.91
C PRO C 81 -20.46 0.01 -31.12
N LEU C 82 -20.19 1.29 -30.91
CA LEU C 82 -18.98 1.73 -30.22
C LEU C 82 -19.33 2.91 -29.32
N SER C 83 -18.51 3.12 -28.30
CA SER C 83 -18.67 4.23 -27.38
C SER C 83 -17.30 4.87 -27.16
N ILE C 84 -17.22 5.78 -26.20
CA ILE C 84 -15.96 6.38 -25.82
C ILE C 84 -15.89 6.36 -24.30
N HIS C 85 -14.74 5.92 -23.77
CA HIS C 85 -14.62 5.69 -22.34
C HIS C 85 -13.21 6.07 -21.88
N PRO C 86 -13.06 7.16 -21.15
CA PRO C 86 -11.74 7.61 -20.72
C PRO C 86 -11.38 7.15 -19.32
N GLN C 87 -10.10 6.83 -19.15
CA GLN C 87 -9.61 6.54 -17.81
C GLN C 87 -9.51 7.83 -17.00
N GLY C 88 -9.62 7.71 -15.69
CA GLY C 88 -9.38 8.83 -14.80
C GLY C 88 -10.34 9.99 -14.92
N ILE C 89 -11.62 9.71 -15.10
CA ILE C 89 -12.67 10.73 -15.10
C ILE C 89 -13.81 10.24 -14.23
N ARG C 90 -14.37 11.14 -13.42
CA ARG C 90 -15.52 10.81 -12.58
C ARG C 90 -16.83 11.02 -13.33
N TYR C 91 -16.90 10.40 -14.51
CA TYR C 91 -18.06 10.54 -15.37
C TYR C 91 -19.29 9.89 -14.74
N SER C 92 -20.45 10.19 -15.31
CA SER C 92 -21.72 9.74 -14.80
C SER C 92 -22.28 8.59 -15.64
N LYS C 93 -23.43 8.07 -15.20
CA LYS C 93 -24.04 6.94 -15.88
C LYS C 93 -24.54 7.31 -17.26
N LEU C 94 -24.92 8.57 -17.46
CA LEU C 94 -25.47 9.02 -18.73
C LEU C 94 -24.40 9.28 -19.77
N SER C 95 -23.12 9.29 -19.38
CA SER C 95 -22.02 9.49 -20.31
C SER C 95 -20.85 8.56 -20.03
N GLU C 96 -21.07 7.50 -19.23
CA GLU C 96 -19.98 6.60 -18.88
C GLU C 96 -19.41 5.90 -20.11
N GLY C 97 -20.27 5.49 -21.03
CA GLY C 97 -19.80 4.78 -22.19
C GLY C 97 -19.26 3.40 -21.89
N ALA C 98 -19.85 2.70 -20.92
CA ALA C 98 -19.47 1.34 -20.58
C ALA C 98 -20.73 0.49 -20.46
N SER C 99 -20.68 -0.71 -21.03
CA SER C 99 -21.82 -1.62 -21.06
C SER C 99 -21.52 -2.81 -20.15
N TYR C 100 -22.15 -2.84 -18.99
CA TYR C 100 -22.11 -3.99 -18.09
C TYR C 100 -23.41 -3.98 -17.29
N LEU C 101 -23.50 -4.92 -16.34
CA LEU C 101 -24.72 -5.08 -15.54
C LEU C 101 -24.76 -3.97 -14.48
N ASP C 102 -25.02 -2.76 -14.96
CA ASP C 102 -25.13 -1.60 -14.08
C ASP C 102 -26.54 -1.36 -13.57
N HIS C 103 -27.50 -2.20 -13.98
CA HIS C 103 -28.90 -2.03 -13.61
C HIS C 103 -29.46 -0.70 -14.08
N THR C 104 -28.90 -0.16 -15.16
CA THR C 104 -29.28 1.17 -15.64
C THR C 104 -30.34 1.04 -16.72
N PHE C 105 -31.18 2.07 -16.80
CA PHE C 105 -32.28 2.10 -17.75
C PHE C 105 -31.75 2.24 -19.17
N PRO C 106 -32.56 1.91 -20.18
CA PRO C 106 -32.10 2.06 -21.56
C PRO C 106 -31.75 3.50 -21.93
N ALA C 107 -32.32 4.49 -21.25
CA ALA C 107 -31.90 5.87 -21.46
C ALA C 107 -30.43 6.06 -21.13
N GLU C 108 -29.99 5.49 -20.01
CA GLU C 108 -28.59 5.51 -19.62
C GLU C 108 -27.78 4.42 -20.30
N LYS C 109 -28.44 3.51 -21.02
CA LYS C 109 -27.73 2.53 -21.83
C LYS C 109 -27.32 3.09 -23.18
N MET C 110 -27.69 4.34 -23.48
CA MET C 110 -27.33 4.94 -24.75
C MET C 110 -25.82 5.12 -24.87
N ASP C 111 -25.17 5.53 -23.77
CA ASP C 111 -23.72 5.69 -23.79
C ASP C 111 -23.02 4.34 -23.94
N ASP C 112 -23.67 3.26 -23.49
CA ASP C 112 -23.05 1.94 -23.53
C ASP C 112 -22.69 1.54 -24.96
N ALA C 113 -23.56 1.83 -25.92
CA ALA C 113 -23.26 1.56 -27.32
C ALA C 113 -23.95 2.61 -28.18
N VAL C 114 -23.27 3.05 -29.23
CA VAL C 114 -23.82 4.00 -30.19
C VAL C 114 -24.04 3.26 -31.50
N ALA C 115 -25.29 3.19 -31.94
CA ALA C 115 -25.60 2.55 -33.21
C ALA C 115 -25.04 3.38 -34.36
N PRO C 116 -24.53 2.73 -35.41
CA PRO C 116 -23.93 3.47 -36.54
C PRO C 116 -24.80 4.59 -37.08
N GLY C 117 -24.33 5.83 -36.90
CA GLY C 117 -25.08 7.01 -37.26
C GLY C 117 -25.70 7.73 -36.09
N ARG C 118 -25.98 7.03 -35.00
CA ARG C 118 -26.58 7.66 -33.82
C ARG C 118 -25.59 8.64 -33.19
N GLU C 119 -26.13 9.70 -32.61
CA GLU C 119 -25.34 10.80 -32.07
C GLU C 119 -25.49 10.86 -30.55
N TYR C 120 -24.39 11.16 -29.86
CA TYR C 120 -24.43 11.40 -28.42
C TYR C 120 -23.21 12.22 -28.05
N THR C 121 -23.44 13.32 -27.33
CA THR C 121 -22.37 14.21 -26.90
C THR C 121 -22.14 14.00 -25.41
N TYR C 122 -21.02 13.38 -25.07
CA TYR C 122 -20.72 13.03 -23.69
C TYR C 122 -20.13 14.22 -22.95
N GLU C 123 -20.77 14.63 -21.86
CA GLU C 123 -20.25 15.71 -21.03
C GLU C 123 -19.49 15.12 -19.85
N TRP C 124 -18.31 15.66 -19.59
CA TRP C 124 -17.42 15.16 -18.54
C TRP C 124 -17.04 16.32 -17.62
N SER C 125 -17.84 16.55 -16.58
CA SER C 125 -17.51 17.57 -15.61
C SER C 125 -16.22 17.21 -14.89
N ILE C 126 -15.32 18.20 -14.79
CA ILE C 126 -13.98 17.98 -14.23
C ILE C 126 -13.88 18.80 -12.96
N SER C 127 -14.03 18.16 -11.82
CA SER C 127 -13.97 18.83 -10.54
C SER C 127 -12.52 18.97 -10.08
N GLU C 128 -12.33 19.36 -8.82
CA GLU C 128 -10.98 19.51 -8.28
C GLU C 128 -10.31 18.17 -8.04
N ASP C 129 -11.08 17.15 -7.66
CA ASP C 129 -10.50 15.86 -7.31
C ASP C 129 -9.80 15.22 -8.50
N SER C 130 -10.44 15.22 -9.66
CA SER C 130 -9.84 14.61 -10.84
C SER C 130 -8.61 15.36 -11.32
N GLY C 131 -8.52 16.66 -11.03
CA GLY C 131 -7.42 17.47 -11.49
C GLY C 131 -6.11 17.12 -10.81
N PRO C 132 -5.00 17.55 -11.41
CA PRO C 132 -3.69 17.23 -10.84
C PRO C 132 -3.48 17.88 -9.49
N THR C 133 -2.66 17.23 -8.67
CA THR C 133 -2.37 17.72 -7.33
C THR C 133 -1.25 18.76 -7.39
N HIS C 134 -0.87 19.26 -6.21
CA HIS C 134 0.23 20.22 -6.13
C HIS C 134 1.56 19.57 -6.49
N ASP C 135 1.68 18.26 -6.29
CA ASP C 135 2.91 17.54 -6.61
C ASP C 135 2.90 16.94 -8.00
N ASP C 136 1.76 16.99 -8.69
CA ASP C 136 1.64 16.36 -10.00
C ASP C 136 2.14 17.29 -11.10
N PRO C 137 2.55 16.72 -12.24
CA PRO C 137 2.83 17.54 -13.42
C PRO C 137 1.59 18.29 -13.85
N PRO C 138 1.73 19.27 -14.76
CA PRO C 138 0.55 20.09 -15.12
C PRO C 138 -0.58 19.31 -15.77
N CYS C 139 -0.32 18.55 -16.83
CA CYS C 139 -1.37 17.87 -17.58
C CYS C 139 -1.29 16.37 -17.31
N LEU C 140 -2.22 15.87 -16.50
CA LEU C 140 -2.31 14.43 -16.27
C LEU C 140 -2.70 13.73 -17.56
N THR C 141 -2.02 12.62 -17.85
CA THR C 141 -2.26 11.86 -19.07
C THR C 141 -3.13 10.66 -18.76
N HIS C 142 -4.26 10.56 -19.44
CA HIS C 142 -5.16 9.42 -19.36
C HIS C 142 -5.22 8.74 -20.72
N ILE C 143 -6.22 7.89 -20.92
CA ILE C 143 -6.43 7.23 -22.20
C ILE C 143 -7.90 6.87 -22.33
N TYR C 144 -8.49 7.13 -23.49
CA TYR C 144 -9.86 6.77 -23.75
C TYR C 144 -9.94 5.72 -24.85
N TYR C 145 -10.99 4.90 -24.77
CA TYR C 145 -11.23 3.80 -25.68
C TYR C 145 -12.71 3.46 -25.62
N SER C 146 -13.16 2.69 -26.61
CA SER C 146 -14.55 2.23 -26.61
C SER C 146 -14.72 1.06 -25.65
N HIS C 147 -15.78 1.13 -24.84
CA HIS C 147 -16.06 0.11 -23.84
C HIS C 147 -17.28 -0.73 -24.21
N GLU C 148 -17.42 -1.05 -25.49
CA GLU C 148 -18.44 -1.98 -25.94
C GLU C 148 -17.91 -3.41 -25.90
N ASN C 149 -16.79 -3.66 -26.59
CA ASN C 149 -16.12 -4.96 -26.58
C ASN C 149 -14.65 -4.69 -26.30
N LEU C 150 -14.28 -4.71 -25.01
CA LEU C 150 -12.99 -4.19 -24.57
C LEU C 150 -11.81 -4.88 -25.22
N ILE C 151 -11.99 -6.10 -25.73
CA ILE C 151 -10.87 -6.80 -26.36
C ILE C 151 -10.88 -6.59 -27.87
N GLU C 152 -11.95 -7.01 -28.53
CA GLU C 152 -12.01 -6.93 -29.99
C GLU C 152 -12.08 -5.49 -30.49
N ASP C 153 -12.80 -4.62 -29.79
CA ASP C 153 -13.00 -3.26 -30.29
C ASP C 153 -11.69 -2.48 -30.30
N PHE C 154 -10.90 -2.56 -29.23
CA PHE C 154 -9.65 -1.82 -29.21
C PHE C 154 -8.70 -2.30 -30.29
N ASN C 155 -8.61 -3.62 -30.50
CA ASN C 155 -7.67 -4.12 -31.50
C ASN C 155 -8.02 -3.63 -32.89
N SER C 156 -9.24 -3.11 -33.09
CA SER C 156 -9.52 -2.33 -34.28
C SER C 156 -8.79 -0.99 -34.24
N GLY C 157 -8.74 -0.34 -33.08
CA GLY C 157 -7.93 0.86 -32.96
C GLY C 157 -8.61 2.06 -32.35
N LEU C 158 -9.79 1.90 -31.75
CA LEU C 158 -10.53 3.02 -31.19
C LEU C 158 -9.86 3.49 -29.91
N ILE C 159 -8.76 4.22 -30.08
CA ILE C 159 -7.92 4.63 -28.96
C ILE C 159 -7.47 6.07 -29.14
N GLY C 160 -7.48 6.83 -28.05
CA GLY C 160 -7.04 8.20 -28.09
C GLY C 160 -6.70 8.73 -26.70
N PRO C 161 -5.75 9.65 -26.63
CA PRO C 161 -5.30 10.19 -25.34
C PRO C 161 -6.18 11.28 -24.78
N LEU C 162 -6.28 11.30 -23.45
CA LEU C 162 -6.96 12.35 -22.71
C LEU C 162 -5.96 13.01 -21.77
N LEU C 163 -5.94 14.34 -21.75
CA LEU C 163 -4.99 15.12 -20.97
C LEU C 163 -5.74 16.12 -20.10
N ILE C 164 -6.15 15.68 -18.90
CA ILE C 164 -6.67 16.63 -17.92
C ILE C 164 -5.50 17.42 -17.36
N CYS C 165 -5.66 18.74 -17.31
CA CYS C 165 -4.57 19.65 -16.97
C CYS C 165 -4.89 20.43 -15.71
N LYS C 166 -3.94 21.28 -15.30
CA LYS C 166 -4.09 22.12 -14.13
C LYS C 166 -4.84 23.39 -14.46
N LYS C 167 -5.31 24.08 -13.42
CA LYS C 167 -6.13 25.26 -13.60
C LYS C 167 -5.29 26.44 -14.06
N GLY C 168 -5.15 26.60 -15.37
CA GLY C 168 -4.41 27.72 -15.91
C GLY C 168 -3.10 27.36 -16.60
N THR C 169 -3.07 26.24 -17.31
CA THR C 169 -1.88 25.86 -18.07
C THR C 169 -2.23 25.45 -19.49
N LEU C 170 -3.34 25.93 -20.04
CA LEU C 170 -3.77 25.56 -21.38
C LEU C 170 -4.22 26.78 -22.15
N THR C 171 -3.80 26.87 -23.40
CA THR C 171 -4.29 27.86 -24.33
C THR C 171 -5.47 27.27 -25.11
N GLU C 172 -5.87 27.95 -26.19
CA GLU C 172 -6.86 27.39 -27.11
C GLU C 172 -6.20 26.73 -28.31
N GLY C 173 -4.87 26.69 -28.35
CA GLY C 173 -4.13 26.05 -29.42
C GLY C 173 -3.80 24.60 -29.20
N GLY C 174 -4.31 23.97 -28.15
CA GLY C 174 -4.01 22.58 -27.89
C GLY C 174 -2.69 22.33 -27.21
N THR C 175 -2.07 23.37 -26.64
CA THR C 175 -0.79 23.20 -25.95
C THR C 175 -0.81 23.94 -24.61
N GLN C 176 0.35 24.05 -23.98
CA GLN C 176 0.47 24.64 -22.66
C GLN C 176 1.24 25.95 -22.72
N LYS C 177 0.80 26.91 -21.90
CA LYS C 177 1.50 28.18 -21.82
C LYS C 177 2.93 28.01 -21.32
N THR C 178 3.11 27.14 -20.32
CA THR C 178 4.41 26.99 -19.67
C THR C 178 5.36 26.06 -20.42
N PHE C 179 4.88 25.34 -21.42
CA PHE C 179 5.70 24.36 -22.13
C PHE C 179 5.86 24.79 -23.58
N ASP C 180 7.11 24.76 -24.05
CA ASP C 180 7.43 25.20 -25.41
C ASP C 180 7.20 24.11 -26.45
N LYS C 181 6.78 22.92 -26.03
CA LYS C 181 6.46 21.84 -26.94
C LYS C 181 5.54 20.86 -26.19
N GLN C 182 4.98 19.91 -26.92
CA GLN C 182 4.16 18.88 -26.31
C GLN C 182 3.96 17.76 -27.32
N ILE C 183 4.16 16.52 -26.86
CA ILE C 183 4.08 15.34 -27.71
C ILE C 183 3.25 14.30 -27.00
N VAL C 184 2.51 13.50 -27.77
CA VAL C 184 1.72 12.39 -27.24
C VAL C 184 2.12 11.14 -28.01
N LEU C 185 3.04 10.37 -27.45
CA LEU C 185 3.39 9.08 -28.04
C LEU C 185 2.37 8.02 -27.62
N LEU C 186 2.33 6.93 -28.38
CA LEU C 186 1.46 5.81 -28.09
C LEU C 186 2.22 4.52 -28.26
N PHE C 187 2.20 3.69 -27.22
CA PHE C 187 2.77 2.34 -27.26
C PHE C 187 1.61 1.40 -26.97
N ALA C 188 0.93 0.97 -28.04
CA ALA C 188 -0.23 0.11 -27.90
C ALA C 188 0.04 -1.21 -28.62
N VAL C 189 -0.67 -2.24 -28.17
CA VAL C 189 -0.55 -3.58 -28.73
C VAL C 189 -1.82 -3.90 -29.49
N PHE C 190 -1.72 -4.09 -30.80
CA PHE C 190 -2.86 -4.38 -31.64
C PHE C 190 -2.77 -5.82 -32.13
N ASP C 191 -3.82 -6.59 -31.85
CA ASP C 191 -3.90 -7.99 -32.24
C ASP C 191 -4.97 -8.09 -33.32
N GLU C 192 -4.53 -8.22 -34.57
CA GLU C 192 -5.48 -8.29 -35.67
C GLU C 192 -6.39 -9.50 -35.55
N SER C 193 -5.87 -10.61 -35.01
CA SER C 193 -6.67 -11.81 -34.86
C SER C 193 -7.90 -11.55 -34.00
N LYS C 194 -7.77 -10.75 -32.95
CA LYS C 194 -8.90 -10.32 -32.15
C LYS C 194 -9.60 -9.10 -32.76
N SER C 195 -8.97 -8.41 -33.70
CA SER C 195 -9.59 -7.25 -34.30
C SER C 195 -10.81 -7.65 -35.11
N TRP C 196 -11.64 -6.65 -35.43
CA TRP C 196 -12.89 -6.93 -36.13
C TRP C 196 -12.66 -7.54 -37.50
N SER C 197 -11.51 -7.26 -38.12
CA SER C 197 -11.18 -7.93 -39.37
C SER C 197 -10.88 -9.41 -39.14
N GLN C 198 -10.46 -9.77 -37.92
CA GLN C 198 -10.19 -11.16 -37.53
C GLN C 198 -9.14 -11.80 -38.44
N SER C 199 -8.15 -11.01 -38.85
CA SER C 199 -7.04 -11.49 -39.66
C SER C 199 -5.91 -11.90 -38.73
N SER C 200 -5.25 -13.02 -39.04
CA SER C 200 -4.23 -13.54 -38.14
C SER C 200 -2.97 -12.68 -38.17
N SER C 201 -2.88 -11.70 -37.27
CA SER C 201 -1.70 -10.86 -37.15
C SER C 201 -1.69 -10.21 -35.78
N LEU C 202 -0.47 -10.02 -35.25
CA LEU C 202 -0.26 -9.29 -34.00
C LEU C 202 0.66 -8.11 -34.29
N MET C 203 0.27 -6.93 -33.81
CA MET C 203 0.92 -5.69 -34.19
C MET C 203 1.26 -4.86 -32.95
N TYR C 204 2.55 -4.72 -32.67
CA TYR C 204 3.05 -3.78 -31.69
C TYR C 204 3.46 -2.51 -32.41
N THR C 205 2.79 -1.40 -32.13
CA THR C 205 2.95 -0.19 -32.91
C THR C 205 3.24 1.01 -32.02
N VAL C 206 3.90 2.00 -32.62
CA VAL C 206 4.14 3.31 -32.02
C VAL C 206 3.20 4.29 -32.69
N ASN C 207 2.34 4.94 -31.91
CA ASN C 207 1.35 5.87 -32.45
C ASN C 207 0.58 5.21 -33.60
N GLY C 208 0.30 3.92 -33.44
CA GLY C 208 -0.38 3.18 -34.48
C GLY C 208 0.49 2.84 -35.68
N TYR C 209 1.81 2.97 -35.58
CA TYR C 209 2.71 2.68 -36.68
C TYR C 209 3.67 1.57 -36.29
N VAL C 210 3.90 0.66 -37.22
CA VAL C 210 4.56 -0.61 -36.95
C VAL C 210 6.02 -0.54 -37.35
N ASN C 211 6.86 -1.27 -36.62
CA ASN C 211 8.24 -1.55 -37.01
C ASN C 211 9.03 -0.27 -37.25
N GLY C 212 8.74 0.75 -36.44
CA GLY C 212 9.52 1.98 -36.48
C GLY C 212 9.49 2.71 -37.80
N THR C 213 8.33 2.73 -38.46
CA THR C 213 8.16 3.46 -39.70
C THR C 213 7.36 4.74 -39.51
N MET C 214 7.06 5.11 -38.27
CA MET C 214 6.35 6.34 -37.99
C MET C 214 7.23 7.54 -38.37
N PRO C 215 6.64 8.63 -38.84
CA PRO C 215 7.45 9.82 -39.13
C PRO C 215 8.07 10.40 -37.87
N ASP C 216 9.21 11.07 -38.06
CA ASP C 216 9.94 11.65 -36.95
C ASP C 216 9.18 12.83 -36.37
N ILE C 217 9.59 13.25 -35.17
CA ILE C 217 9.00 14.38 -34.46
C ILE C 217 10.04 15.48 -34.35
N THR C 218 9.62 16.71 -34.60
CA THR C 218 10.50 17.87 -34.56
C THR C 218 10.26 18.67 -33.28
N VAL C 219 11.35 18.99 -32.58
CA VAL C 219 11.31 19.82 -31.39
C VAL C 219 12.43 20.84 -31.49
N CYS C 220 12.60 21.63 -30.42
CA CYS C 220 13.68 22.59 -30.35
C CYS C 220 14.67 22.18 -29.26
N ALA C 221 15.92 22.63 -29.42
CA ALA C 221 16.92 22.37 -28.40
C ALA C 221 16.59 23.14 -27.13
N HIS C 222 16.81 22.48 -25.99
CA HIS C 222 16.52 23.05 -24.67
C HIS C 222 15.05 23.43 -24.54
N ASP C 223 14.17 22.70 -25.23
CA ASP C 223 12.74 22.99 -25.20
C ASP C 223 12.11 22.35 -23.97
N HIS C 224 11.26 23.12 -23.30
CA HIS C 224 10.56 22.65 -22.11
C HIS C 224 9.31 21.90 -22.56
N ILE C 225 9.49 20.63 -22.91
CA ILE C 225 8.38 19.81 -23.39
C ILE C 225 7.61 19.26 -22.20
N SER C 226 6.41 18.74 -22.48
CA SER C 226 5.61 17.99 -21.52
C SER C 226 5.08 16.78 -22.28
N TRP C 227 5.86 15.69 -22.26
CA TRP C 227 5.48 14.51 -23.02
C TRP C 227 4.31 13.79 -22.36
N HIS C 228 3.58 13.04 -23.18
CA HIS C 228 2.48 12.20 -22.70
C HIS C 228 2.58 10.86 -23.40
N LEU C 229 2.67 9.79 -22.62
CA LEU C 229 2.84 8.46 -23.16
C LEU C 229 1.63 7.61 -22.82
N LEU C 230 1.25 6.75 -23.76
CA LEU C 230 0.11 5.86 -23.60
C LEU C 230 0.58 4.42 -23.70
N GLY C 231 0.11 3.58 -22.80
CA GLY C 231 0.28 2.16 -22.93
C GLY C 231 -1.08 1.49 -22.98
N MET C 232 -1.28 0.56 -23.90
CA MET C 232 -2.58 -0.07 -24.04
C MET C 232 -2.44 -1.43 -24.69
N SER C 233 -3.11 -2.42 -24.10
CA SER C 233 -3.16 -3.76 -24.66
C SER C 233 -4.34 -4.49 -24.03
N SER C 234 -4.78 -5.54 -24.72
CA SER C 234 -5.79 -6.43 -24.16
C SER C 234 -5.18 -7.62 -23.44
N GLY C 235 -3.95 -7.99 -23.77
CA GLY C 235 -3.19 -8.95 -23.01
C GLY C 235 -2.18 -8.24 -22.13
N PRO C 236 -1.84 -8.83 -20.98
CA PRO C 236 -0.96 -8.14 -20.03
C PRO C 236 0.37 -7.80 -20.65
N GLU C 237 0.86 -6.59 -20.38
CA GLU C 237 2.00 -6.06 -21.11
C GLU C 237 2.81 -5.15 -20.20
N LEU C 238 4.09 -4.99 -20.54
CA LEU C 238 5.06 -4.22 -19.77
C LEU C 238 5.79 -3.26 -20.70
N PHE C 239 5.32 -2.02 -20.77
CA PHE C 239 6.03 -0.99 -21.51
C PHE C 239 7.12 -0.37 -20.64
N SER C 240 8.29 -0.17 -21.22
CA SER C 240 9.38 0.56 -20.57
C SER C 240 9.85 1.63 -21.55
N ILE C 241 9.18 2.78 -21.53
CA ILE C 241 9.46 3.83 -22.49
C ILE C 241 10.77 4.53 -22.12
N HIS C 242 11.67 4.63 -23.08
CA HIS C 242 12.96 5.27 -22.86
C HIS C 242 13.23 6.25 -23.99
N PHE C 243 13.81 7.39 -23.63
CA PHE C 243 14.16 8.42 -24.61
C PHE C 243 15.68 8.51 -24.64
N ASN C 244 16.30 7.85 -25.61
CA ASN C 244 17.75 7.72 -25.67
C ASN C 244 18.42 9.08 -25.67
N GLY C 245 19.55 9.16 -24.99
CA GLY C 245 20.27 10.41 -24.89
C GLY C 245 19.51 11.51 -24.18
N GLN C 246 18.50 11.15 -23.39
CA GLN C 246 17.67 12.14 -22.71
C GLN C 246 17.33 11.63 -21.32
N VAL C 247 16.88 12.56 -20.48
CA VAL C 247 16.47 12.25 -19.11
C VAL C 247 15.17 12.96 -18.83
N LEU C 248 14.20 12.24 -18.29
CA LEU C 248 12.86 12.74 -18.06
C LEU C 248 12.67 13.07 -16.59
N GLU C 249 11.42 13.32 -16.21
CA GLU C 249 11.05 13.46 -14.81
C GLU C 249 9.62 12.98 -14.66
N GLN C 250 9.44 11.79 -14.11
CA GLN C 250 8.12 11.23 -13.89
C GLN C 250 7.71 11.54 -12.46
N ASN C 251 6.88 12.58 -12.30
CA ASN C 251 6.40 13.02 -11.00
C ASN C 251 7.56 13.32 -10.05
N HIS C 252 8.49 14.13 -10.52
CA HIS C 252 9.63 14.63 -9.76
C HIS C 252 10.59 13.54 -9.33
N HIS C 253 10.57 12.41 -10.02
CA HIS C 253 11.60 11.39 -9.89
C HIS C 253 12.37 11.38 -11.20
N LYS C 254 13.67 11.66 -11.14
CA LYS C 254 14.46 11.81 -12.36
C LYS C 254 14.69 10.46 -13.02
N VAL C 255 13.63 9.84 -13.51
CA VAL C 255 13.74 8.56 -14.18
C VAL C 255 14.28 8.76 -15.58
N SER C 256 14.96 7.74 -16.10
CA SER C 256 15.42 7.72 -17.47
C SER C 256 14.58 6.81 -18.35
N ALA C 257 14.31 5.60 -17.88
CA ALA C 257 13.39 4.67 -18.54
C ALA C 257 12.09 4.70 -17.78
N ILE C 258 11.07 5.31 -18.37
CA ILE C 258 9.76 5.41 -17.74
C ILE C 258 8.91 4.23 -18.22
N THR C 259 8.37 3.47 -17.26
CA THR C 259 7.78 2.17 -17.54
C THR C 259 6.27 2.22 -17.31
N LEU C 260 5.53 1.60 -18.23
CA LEU C 260 4.08 1.53 -18.17
C LEU C 260 3.64 0.10 -18.42
N VAL C 261 2.33 -0.13 -18.31
CA VAL C 261 1.73 -1.41 -18.57
C VAL C 261 0.47 -1.19 -19.41
N SER C 262 -0.27 -2.27 -19.65
CA SER C 262 -1.44 -2.21 -20.49
C SER C 262 -2.48 -1.24 -19.93
N ALA C 263 -3.07 -0.45 -20.82
CA ALA C 263 -4.12 0.52 -20.48
C ALA C 263 -3.64 1.47 -19.38
N THR C 264 -2.48 2.08 -19.62
CA THR C 264 -1.90 3.03 -18.69
C THR C 264 -1.31 4.19 -19.47
N SER C 265 -1.10 5.31 -18.77
CA SER C 265 -0.61 6.52 -19.40
C SER C 265 0.21 7.31 -18.38
N THR C 266 1.04 8.21 -18.88
CA THR C 266 1.97 8.92 -18.01
C THR C 266 2.29 10.29 -18.59
N THR C 267 2.74 11.18 -17.70
CA THR C 267 3.16 12.54 -18.05
C THR C 267 4.55 12.77 -17.49
N ALA C 268 5.41 13.44 -18.27
CA ALA C 268 6.78 13.68 -17.84
C ALA C 268 7.23 15.05 -18.30
N ASN C 269 7.63 15.90 -17.35
CA ASN C 269 8.37 17.12 -17.70
C ASN C 269 9.70 16.72 -18.32
N MET C 270 10.13 17.48 -19.32
CA MET C 270 11.27 17.03 -20.11
C MET C 270 11.92 18.23 -20.81
N THR C 271 13.18 18.48 -20.50
CA THR C 271 13.96 19.52 -21.15
C THR C 271 14.95 18.86 -22.10
N VAL C 272 14.84 19.17 -23.39
CA VAL C 272 15.65 18.51 -24.41
C VAL C 272 17.11 18.86 -24.21
N GLY C 273 18.00 18.13 -24.90
CA GLY C 273 19.40 18.46 -24.90
C GLY C 273 19.74 19.37 -26.06
N PRO C 274 20.85 19.10 -26.72
CA PRO C 274 21.25 19.88 -27.89
C PRO C 274 20.52 19.39 -29.13
N GLU C 275 20.88 19.97 -30.27
CA GLU C 275 20.38 19.50 -31.55
C GLU C 275 20.85 18.07 -31.80
N GLY C 276 19.93 17.23 -32.27
CA GLY C 276 20.27 15.86 -32.55
C GLY C 276 19.03 15.06 -32.90
N LYS C 277 19.25 13.75 -33.08
CA LYS C 277 18.17 12.85 -33.47
C LYS C 277 18.46 11.48 -32.88
N TRP C 278 17.71 11.08 -31.86
CA TRP C 278 17.87 9.79 -31.21
C TRP C 278 16.79 8.83 -31.69
N ILE C 279 16.87 7.59 -31.22
CA ILE C 279 15.90 6.56 -31.56
C ILE C 279 15.23 6.12 -30.26
N ILE C 280 14.04 6.65 -30.01
CA ILE C 280 13.23 6.22 -28.88
C ILE C 280 12.86 4.76 -29.06
N SER C 281 12.67 4.06 -27.93
CA SER C 281 12.21 2.68 -27.96
C SER C 281 11.54 2.36 -26.63
N SER C 282 10.95 1.17 -26.57
CA SER C 282 10.45 0.61 -25.31
C SER C 282 11.31 -0.59 -24.98
N LEU C 283 12.13 -0.47 -23.94
CA LEU C 283 13.25 -1.37 -23.69
C LEU C 283 12.83 -2.80 -23.41
N THR C 284 11.57 -3.05 -23.05
CA THR C 284 11.14 -4.40 -22.72
C THR C 284 11.44 -5.35 -23.88
N PRO C 285 12.12 -6.47 -23.64
CA PRO C 285 12.64 -7.27 -24.76
C PRO C 285 11.57 -7.74 -25.72
N LYS C 286 10.36 -7.99 -25.22
CA LYS C 286 9.26 -8.34 -26.12
C LYS C 286 8.99 -7.21 -27.10
N HIS C 287 9.02 -5.97 -26.62
CA HIS C 287 8.83 -4.80 -27.47
C HIS C 287 10.07 -4.43 -28.27
N LEU C 288 11.20 -5.09 -28.01
CA LEU C 288 12.43 -4.71 -28.70
C LEU C 288 12.54 -5.41 -30.04
N GLN C 289 12.26 -6.71 -30.09
CA GLN C 289 12.11 -7.37 -31.38
C GLN C 289 10.82 -6.98 -32.08
N ALA C 290 9.86 -6.44 -31.34
CA ALA C 290 8.61 -5.99 -31.92
C ALA C 290 8.71 -4.61 -32.55
N GLY C 291 9.83 -3.91 -32.37
CA GLY C 291 10.01 -2.61 -32.97
C GLY C 291 8.97 -1.59 -32.57
N MET C 292 8.99 -1.16 -31.32
CA MET C 292 8.24 0.02 -30.90
C MET C 292 9.07 1.29 -30.99
N GLN C 293 10.07 1.32 -31.88
CA GLN C 293 11.09 2.36 -31.89
C GLN C 293 10.60 3.54 -32.72
N ALA C 294 10.26 4.63 -32.05
CA ALA C 294 9.90 5.87 -32.71
C ALA C 294 11.18 6.63 -33.06
N TYR C 295 11.06 7.92 -33.35
CA TYR C 295 12.22 8.77 -33.56
C TYR C 295 11.91 10.17 -33.06
N ILE C 296 12.92 11.03 -33.09
CA ILE C 296 12.77 12.42 -32.67
C ILE C 296 13.83 13.25 -33.37
N ASP C 297 13.44 14.45 -33.79
CA ASP C 297 14.35 15.43 -34.35
C ASP C 297 14.37 16.65 -33.45
N ILE C 298 15.57 17.11 -33.12
CA ILE C 298 15.76 18.27 -32.26
C ILE C 298 16.28 19.39 -33.14
N LYS C 299 15.40 20.33 -33.50
CA LYS C 299 15.78 21.44 -34.35
C LYS C 299 16.40 22.55 -33.52
N ASN C 300 17.30 23.30 -34.15
CA ASN C 300 18.01 24.38 -33.47
C ASN C 300 17.25 25.69 -33.64
N CYS C 301 16.11 25.77 -32.97
CA CYS C 301 15.28 26.97 -33.05
C CYS C 301 15.99 28.12 -32.35
N PRO C 302 16.05 29.30 -32.96
CA PRO C 302 16.80 30.41 -32.35
C PRO C 302 16.07 31.01 -31.15
N LYS C 303 15.91 30.23 -30.09
CA LYS C 303 15.33 30.70 -28.84
C LYS C 303 16.40 30.69 -27.77
N LYS C 304 16.65 31.85 -27.17
CA LYS C 304 17.70 32.02 -26.17
C LYS C 304 17.12 32.51 -24.85
N THR C 305 15.92 32.05 -24.51
CA THR C 305 15.29 32.47 -23.27
C THR C 305 16.07 31.97 -22.05
N ARG C 306 16.55 30.74 -22.09
CA ARG C 306 17.29 30.18 -20.95
C ARG C 306 18.21 29.07 -21.44
N ASN C 307 19.49 29.16 -21.08
CA ASN C 307 20.44 28.10 -21.34
C ASN C 307 21.38 27.80 -20.18
N LEU C 308 21.31 28.57 -19.09
CA LEU C 308 22.09 28.34 -17.89
C LEU C 308 21.24 28.76 -16.70
N LYS C 309 21.57 28.25 -15.52
CA LYS C 309 20.74 28.48 -14.35
C LYS C 309 21.43 29.33 -13.27
N LYS C 310 22.50 28.83 -12.65
CA LYS C 310 23.11 29.62 -11.58
C LYS C 310 24.61 29.44 -11.39
N ILE C 311 25.31 28.69 -12.24
CA ILE C 311 26.61 28.08 -11.92
C ILE C 311 27.52 29.04 -11.18
N THR C 312 28.04 28.61 -10.04
CA THR C 312 28.83 29.43 -9.14
C THR C 312 30.25 28.88 -9.03
N ARG C 313 31.09 29.64 -8.34
CA ARG C 313 32.47 29.21 -8.09
C ARG C 313 32.53 28.13 -7.01
N GLU C 314 31.73 28.28 -5.94
CA GLU C 314 31.80 27.36 -4.82
C GLU C 314 31.55 25.92 -5.25
N GLN C 315 30.78 25.73 -6.32
CA GLN C 315 30.53 24.40 -6.85
C GLN C 315 31.60 23.93 -7.82
N ARG C 316 32.50 24.82 -8.26
CA ARG C 316 33.58 24.40 -9.16
C ARG C 316 34.58 23.51 -8.44
N ARG C 317 34.73 23.68 -7.13
CA ARG C 317 35.60 22.79 -6.37
C ARG C 317 35.06 21.36 -6.41
N HIS C 318 33.74 21.20 -6.34
CA HIS C 318 33.10 19.89 -6.36
C HIS C 318 33.06 19.27 -7.74
N MET C 319 33.28 20.05 -8.79
CA MET C 319 33.25 19.50 -10.15
C MET C 319 34.50 18.65 -10.40
N LYS C 320 34.63 17.56 -9.67
CA LYS C 320 35.82 16.73 -9.78
C LYS C 320 35.76 15.94 -11.08
N ARG C 321 36.79 16.09 -11.90
CA ARG C 321 36.88 15.37 -13.18
C ARG C 321 37.28 13.94 -12.90
N TRP C 322 36.29 13.10 -12.61
CA TRP C 322 36.56 11.68 -12.45
C TRP C 322 37.04 11.09 -13.76
N GLU C 323 38.03 10.20 -13.68
CA GLU C 323 38.63 9.60 -14.85
C GLU C 323 38.52 8.08 -14.74
N TYR C 324 37.42 7.55 -15.27
CA TYR C 324 37.25 6.11 -15.39
C TYR C 324 37.86 5.65 -16.71
N PHE C 325 38.44 4.45 -16.69
CA PHE C 325 39.07 3.87 -17.87
C PHE C 325 38.51 2.46 -18.04
N ILE C 326 37.41 2.34 -18.78
CA ILE C 326 36.69 1.09 -18.95
C ILE C 326 37.08 0.47 -20.29
N ALA C 327 37.18 -0.85 -20.31
CA ALA C 327 37.50 -1.59 -21.52
C ALA C 327 36.39 -2.58 -21.84
N ALA C 328 36.64 -3.45 -22.81
CA ALA C 328 35.68 -4.50 -23.18
C ALA C 328 36.48 -5.67 -23.77
N GLU C 329 36.70 -6.70 -22.96
CA GLU C 329 37.50 -7.85 -23.37
C GLU C 329 36.59 -9.05 -23.62
N GLU C 330 36.92 -9.82 -24.65
CA GLU C 330 36.16 -11.02 -25.00
C GLU C 330 36.86 -12.22 -24.37
N VAL C 331 36.29 -12.74 -23.29
CA VAL C 331 36.83 -13.87 -22.57
C VAL C 331 35.70 -14.81 -22.19
N ILE C 332 36.04 -15.87 -21.47
CA ILE C 332 35.08 -16.87 -21.04
C ILE C 332 34.59 -16.52 -19.65
N TRP C 333 33.28 -16.36 -19.50
CA TRP C 333 32.65 -16.07 -18.22
C TRP C 333 31.85 -17.28 -17.78
N ASP C 334 32.04 -17.70 -16.53
CA ASP C 334 31.39 -18.87 -15.98
C ASP C 334 30.43 -18.44 -14.89
N TYR C 335 29.15 -18.76 -15.05
CA TYR C 335 28.17 -18.51 -14.00
C TYR C 335 28.33 -19.47 -12.83
N ALA C 336 29.19 -20.48 -12.96
CA ALA C 336 29.38 -21.49 -11.92
C ALA C 336 30.83 -21.97 -11.95
N PRO C 337 31.76 -21.13 -11.49
CA PRO C 337 33.13 -21.64 -11.28
C PRO C 337 33.19 -22.75 -10.24
N VAL C 338 32.36 -22.67 -9.20
CA VAL C 338 32.24 -23.70 -8.19
C VAL C 338 30.77 -23.91 -7.88
N ILE C 339 30.37 -25.17 -7.75
CA ILE C 339 28.97 -25.51 -7.52
C ILE C 339 28.87 -26.35 -6.25
N PRO C 340 28.01 -25.98 -5.31
CA PRO C 340 27.74 -26.88 -4.17
C PRO C 340 27.12 -28.18 -4.65
N ALA C 341 27.48 -29.27 -3.96
CA ALA C 341 26.93 -30.57 -4.33
C ALA C 341 25.45 -30.69 -3.97
N ASN C 342 24.99 -29.88 -3.00
CA ASN C 342 23.62 -29.99 -2.55
C ASN C 342 22.63 -29.47 -3.60
N MET C 343 23.13 -28.67 -4.54
CA MET C 343 22.25 -28.03 -5.52
C MET C 343 21.57 -29.08 -6.41
N ASP C 344 20.53 -28.64 -7.10
CA ASP C 344 19.69 -29.55 -7.88
C ASP C 344 20.49 -30.20 -9.01
N LYS C 345 20.46 -31.53 -9.05
CA LYS C 345 21.23 -32.28 -10.05
C LYS C 345 20.55 -32.24 -11.42
N LYS C 346 19.22 -32.31 -11.46
CA LYS C 346 18.52 -32.39 -12.73
C LYS C 346 18.70 -31.12 -13.56
N TYR C 347 18.66 -29.96 -12.91
CA TYR C 347 18.89 -28.71 -13.62
C TYR C 347 20.36 -28.57 -14.02
N ARG C 348 21.27 -29.16 -13.24
CA ARG C 348 22.68 -29.11 -13.57
C ARG C 348 22.98 -29.81 -14.89
N SER C 349 22.20 -30.83 -15.24
CA SER C 349 22.45 -31.62 -16.44
C SER C 349 21.86 -31.00 -17.70
N GLN C 350 21.15 -29.87 -17.58
CA GLN C 350 20.52 -29.23 -18.73
C GLN C 350 21.14 -27.88 -19.06
N HIS C 351 21.17 -26.96 -18.08
CA HIS C 351 21.70 -25.61 -18.28
C HIS C 351 23.13 -25.44 -17.82
N LEU C 352 23.72 -26.46 -17.18
CA LEU C 352 25.05 -26.33 -16.61
C LEU C 352 26.04 -27.35 -17.15
N ASP C 353 25.60 -28.60 -17.34
CA ASP C 353 26.50 -29.64 -17.80
C ASP C 353 26.96 -29.37 -19.23
N ASN C 354 28.23 -29.66 -19.50
CA ASN C 354 28.78 -29.54 -20.85
C ASN C 354 28.43 -30.81 -21.62
N PHE C 355 27.17 -30.88 -22.05
CA PHE C 355 26.68 -32.02 -22.81
C PHE C 355 27.42 -32.11 -24.14
N SER C 356 27.26 -33.26 -24.80
CA SER C 356 27.90 -33.45 -26.11
C SER C 356 27.40 -32.43 -27.12
N ASN C 357 26.17 -31.95 -26.96
CA ASN C 357 25.61 -30.92 -27.82
C ASN C 357 25.21 -29.66 -27.09
N GLN C 358 25.03 -29.70 -25.78
CA GLN C 358 24.70 -28.51 -25.00
C GLN C 358 25.95 -28.00 -24.31
N ILE C 359 26.21 -26.70 -24.45
CA ILE C 359 27.40 -26.10 -23.84
C ILE C 359 27.27 -26.05 -22.33
N GLY C 360 26.10 -25.63 -21.83
CA GLY C 360 25.87 -25.61 -20.41
C GLY C 360 26.27 -24.32 -19.73
N LYS C 361 27.45 -24.29 -19.12
CA LYS C 361 27.83 -23.22 -18.21
C LYS C 361 28.82 -22.22 -18.79
N HIS C 362 29.89 -22.67 -19.43
CA HIS C 362 30.96 -21.78 -19.84
C HIS C 362 30.66 -21.20 -21.21
N TYR C 363 30.61 -19.87 -21.29
CA TYR C 363 30.26 -19.17 -22.51
C TYR C 363 31.26 -18.04 -22.78
N LYS C 364 31.38 -17.68 -24.06
CA LYS C 364 32.20 -16.55 -24.47
C LYS C 364 31.39 -15.26 -24.32
N LYS C 365 31.97 -14.28 -23.64
CA LYS C 365 31.24 -13.04 -23.34
C LYS C 365 32.21 -11.86 -23.34
N VAL C 366 31.62 -10.66 -23.36
CA VAL C 366 32.36 -9.42 -23.27
C VAL C 366 31.88 -8.67 -22.03
N MET C 367 32.80 -7.96 -21.38
CA MET C 367 32.52 -7.40 -20.07
C MET C 367 33.24 -6.07 -19.91
N TYR C 368 32.75 -5.28 -18.96
CA TYR C 368 33.31 -3.96 -18.67
C TYR C 368 34.34 -4.10 -17.54
N THR C 369 35.61 -3.89 -17.87
CA THR C 369 36.71 -4.02 -16.92
C THR C 369 37.32 -2.65 -16.68
N GLN C 370 37.34 -2.24 -15.40
CA GLN C 370 37.85 -0.92 -15.05
C GLN C 370 39.37 -0.91 -15.09
N TYR C 371 39.93 0.30 -15.21
CA TYR C 371 41.37 0.50 -15.15
C TYR C 371 41.64 1.82 -14.42
N GLU C 372 42.92 2.15 -14.27
CA GLU C 372 43.31 3.36 -13.54
C GLU C 372 43.99 4.40 -14.40
N ASP C 373 44.46 4.06 -15.60
CA ASP C 373 45.20 5.00 -16.43
C ASP C 373 44.79 4.82 -17.89
N GLU C 374 45.28 5.72 -18.72
CA GLU C 374 44.96 5.69 -20.15
C GLU C 374 45.58 4.49 -20.86
N SER C 375 46.56 3.83 -20.24
CA SER C 375 47.22 2.71 -20.89
C SER C 375 46.46 1.40 -20.78
N PHE C 376 45.47 1.32 -19.87
CA PHE C 376 44.66 0.12 -19.68
C PHE C 376 45.54 -1.10 -19.43
N THR C 377 46.59 -0.93 -18.63
CA THR C 377 47.54 -1.99 -18.35
C THR C 377 47.41 -2.57 -16.96
N LYS C 378 46.39 -2.17 -16.18
CA LYS C 378 46.22 -2.68 -14.83
C LYS C 378 44.76 -2.53 -14.43
N HIS C 379 44.11 -3.66 -14.14
CA HIS C 379 42.72 -3.62 -13.72
C HIS C 379 42.59 -3.05 -12.32
N THR C 380 41.55 -2.25 -12.10
CA THR C 380 41.31 -1.67 -10.78
C THR C 380 40.87 -2.78 -9.84
N VAL C 381 41.59 -2.94 -8.73
CA VAL C 381 41.33 -4.02 -7.79
C VAL C 381 40.22 -3.60 -6.83
N ASN C 382 38.98 -3.86 -7.20
CA ASN C 382 37.87 -3.68 -6.28
C ASN C 382 37.76 -4.88 -5.34
N PRO C 383 37.31 -4.67 -4.12
CA PRO C 383 37.20 -5.80 -3.18
C PRO C 383 36.20 -6.85 -3.61
N ASN C 384 35.23 -6.51 -4.45
CA ASN C 384 34.13 -7.40 -4.76
C ASN C 384 34.17 -7.90 -6.20
N MET C 385 35.37 -8.13 -6.75
CA MET C 385 35.48 -8.56 -8.14
C MET C 385 34.77 -9.90 -8.36
N LYS C 386 34.73 -10.74 -7.35
CA LYS C 386 33.95 -11.98 -7.42
C LYS C 386 32.54 -11.79 -6.88
N GLU C 387 32.36 -10.86 -5.95
CA GLU C 387 31.06 -10.68 -5.31
C GLU C 387 30.05 -10.06 -6.27
N ASP C 388 30.45 -9.03 -7.00
CA ASP C 388 29.55 -8.35 -7.94
C ASP C 388 29.54 -8.97 -9.32
N GLY C 389 30.44 -9.90 -9.60
CA GLY C 389 30.35 -10.65 -10.85
C GLY C 389 30.78 -9.84 -12.04
N ILE C 390 29.99 -9.93 -13.12
CA ILE C 390 30.33 -9.31 -14.39
C ILE C 390 29.80 -7.89 -14.51
N LEU C 391 29.11 -7.40 -13.48
CA LEU C 391 28.56 -6.05 -13.53
C LEU C 391 29.66 -5.04 -13.80
N GLY C 392 29.35 -4.05 -14.63
CA GLY C 392 30.32 -3.05 -15.01
C GLY C 392 30.77 -2.23 -13.82
N PRO C 393 31.93 -1.60 -13.96
CA PRO C 393 32.46 -0.77 -12.86
C PRO C 393 31.50 0.36 -12.54
N ILE C 394 31.20 0.52 -11.26
CA ILE C 394 30.29 1.57 -10.84
C ILE C 394 30.91 2.91 -11.21
N ILE C 395 30.19 3.69 -12.02
CA ILE C 395 30.64 4.99 -12.46
C ILE C 395 29.92 6.01 -11.57
N ARG C 396 30.58 6.38 -10.48
CA ARG C 396 30.00 7.29 -9.51
C ARG C 396 30.29 8.74 -9.93
N ALA C 397 29.26 9.57 -9.90
CA ALA C 397 29.37 10.96 -10.28
C ALA C 397 28.36 11.78 -9.50
N GLN C 398 28.65 13.07 -9.40
CA GLN C 398 27.76 14.03 -8.77
C GLN C 398 27.25 15.02 -9.80
N VAL C 399 26.33 15.88 -9.37
CA VAL C 399 25.86 16.95 -10.24
C VAL C 399 27.00 17.91 -10.52
N ARG C 400 27.07 18.39 -11.76
CA ARG C 400 28.09 19.29 -12.27
C ARG C 400 29.45 18.62 -12.41
N ASP C 401 29.59 17.36 -12.00
CA ASP C 401 30.88 16.68 -12.12
C ASP C 401 31.14 16.36 -13.59
N THR C 402 32.31 16.76 -14.08
CA THR C 402 32.68 16.55 -15.48
C THR C 402 33.43 15.23 -15.58
N LEU C 403 32.69 14.16 -15.82
CA LEU C 403 33.31 12.84 -15.94
C LEU C 403 34.14 12.75 -17.21
N LYS C 404 35.06 11.79 -17.21
CA LYS C 404 35.84 11.44 -18.41
C LYS C 404 35.91 9.91 -18.46
N ILE C 405 34.91 9.30 -19.07
CA ILE C 405 34.88 7.86 -19.25
C ILE C 405 35.70 7.54 -20.49
N VAL C 406 36.89 6.98 -20.29
CA VAL C 406 37.73 6.55 -21.41
C VAL C 406 37.35 5.10 -21.68
N PHE C 407 36.29 4.93 -22.46
CA PHE C 407 35.87 3.60 -22.86
C PHE C 407 36.88 2.99 -23.81
N LYS C 408 37.15 1.71 -23.63
CA LYS C 408 38.03 0.98 -24.54
C LYS C 408 37.31 -0.24 -25.08
N ASN C 409 37.61 -0.59 -26.33
CA ASN C 409 37.00 -1.72 -27.02
C ASN C 409 38.11 -2.69 -27.43
N MET C 410 38.46 -3.60 -26.53
CA MET C 410 39.34 -4.71 -26.87
C MET C 410 38.57 -5.89 -27.46
N ALA C 411 37.24 -5.77 -27.57
CA ALA C 411 36.40 -6.87 -27.99
C ALA C 411 36.57 -7.13 -29.49
N SER C 412 35.77 -8.05 -30.01
CA SER C 412 35.85 -8.48 -31.40
C SER C 412 34.77 -7.89 -32.28
N ARG C 413 33.91 -7.03 -31.74
CA ARG C 413 32.82 -6.44 -32.51
C ARG C 413 32.64 -5.00 -32.05
N PRO C 414 32.02 -4.15 -32.87
CA PRO C 414 31.70 -2.80 -32.40
C PRO C 414 30.69 -2.82 -31.26
N TYR C 415 30.82 -1.85 -30.36
CA TYR C 415 29.93 -1.71 -29.22
C TYR C 415 29.82 -0.23 -28.91
N SER C 416 29.35 0.09 -27.71
CA SER C 416 29.30 1.46 -27.23
C SER C 416 29.19 1.41 -25.71
N ILE C 417 28.99 2.57 -25.10
CA ILE C 417 28.60 2.64 -23.71
C ILE C 417 27.63 3.81 -23.57
N TYR C 418 26.35 3.52 -23.47
CA TYR C 418 25.34 4.56 -23.41
C TYR C 418 24.85 4.70 -21.99
N PRO C 419 25.06 5.83 -21.33
CA PRO C 419 24.60 5.99 -19.96
C PRO C 419 23.09 6.04 -19.86
N HIS C 420 22.57 6.24 -18.66
CA HIS C 420 21.15 6.48 -18.46
C HIS C 420 20.89 7.77 -17.69
N GLY C 421 21.89 8.63 -17.57
CA GLY C 421 21.70 9.88 -16.85
C GLY C 421 22.51 11.02 -17.40
N VAL C 422 22.94 10.90 -18.65
CA VAL C 422 23.68 11.95 -19.33
C VAL C 422 22.98 12.26 -20.64
N THR C 423 22.60 13.51 -20.82
CA THR C 423 22.02 13.97 -22.08
C THR C 423 23.15 14.22 -23.09
N PHE C 424 23.93 13.17 -23.33
CA PHE C 424 25.21 13.34 -24.01
C PHE C 424 24.99 13.78 -25.46
N SER C 425 25.79 14.77 -25.88
CA SER C 425 25.68 15.48 -27.14
C SER C 425 26.50 14.79 -28.21
N PRO C 426 25.90 14.41 -29.34
CA PRO C 426 26.66 13.75 -30.41
C PRO C 426 27.45 14.70 -31.28
N TYR C 427 27.26 16.02 -31.13
CA TYR C 427 27.96 17.03 -31.92
C TYR C 427 29.13 17.64 -31.15
N GLU C 428 29.83 16.83 -30.34
CA GLU C 428 30.96 17.31 -29.56
C GLU C 428 32.32 16.85 -30.09
N ASP C 429 32.36 15.78 -30.89
CA ASP C 429 33.63 15.18 -31.30
C ASP C 429 33.97 15.39 -32.77
N GLU C 430 32.98 15.39 -33.67
CA GLU C 430 33.29 15.52 -35.09
C GLU C 430 33.77 16.94 -35.39
N VAL C 431 34.93 17.05 -36.03
CA VAL C 431 35.49 18.34 -36.41
C VAL C 431 35.84 18.32 -37.89
N ASN C 432 36.65 17.35 -38.30
CA ASN C 432 37.07 17.20 -39.69
C ASN C 432 37.02 15.74 -40.10
N SER C 433 35.94 15.06 -39.73
CA SER C 433 35.73 13.66 -40.06
C SER C 433 34.64 13.54 -41.12
N SER C 434 34.90 12.76 -42.16
CA SER C 434 33.94 12.59 -43.24
C SER C 434 32.91 11.53 -42.90
N PHE C 435 31.64 11.86 -43.08
CA PHE C 435 30.53 10.97 -42.78
C PHE C 435 29.83 10.59 -44.07
N THR C 436 29.51 9.29 -44.20
CA THR C 436 28.80 8.79 -45.37
C THR C 436 27.31 8.76 -45.09
N SER C 437 26.51 9.12 -46.09
CA SER C 437 25.08 9.28 -45.94
C SER C 437 24.36 7.94 -46.07
N GLY C 438 23.74 7.49 -44.97
CA GLY C 438 22.83 6.37 -45.01
C GLY C 438 23.47 4.99 -45.20
N ARG C 439 24.26 4.55 -44.23
CA ARG C 439 24.79 3.19 -44.24
C ARG C 439 25.09 2.78 -42.80
N ASN C 440 24.15 2.04 -42.19
CA ASN C 440 24.33 1.47 -40.86
C ASN C 440 24.73 2.52 -39.83
N ASN C 441 23.81 3.46 -39.60
CA ASN C 441 24.08 4.53 -38.64
C ASN C 441 24.07 4.00 -37.21
N THR C 442 25.23 3.63 -36.70
CA THR C 442 25.36 3.30 -35.29
C THR C 442 25.41 4.59 -34.48
N MET C 443 24.72 4.58 -33.34
CA MET C 443 24.53 5.82 -32.59
C MET C 443 25.86 6.41 -32.14
N ILE C 444 26.81 5.56 -31.77
CA ILE C 444 28.18 5.96 -31.51
C ILE C 444 29.06 5.32 -32.57
N ARG C 445 30.13 6.02 -32.94
CA ARG C 445 31.01 5.55 -34.01
C ARG C 445 31.48 4.13 -33.74
N ALA C 446 31.44 3.30 -34.77
CA ALA C 446 31.70 1.87 -34.60
C ALA C 446 33.11 1.63 -34.11
N VAL C 447 33.25 1.31 -32.82
CA VAL C 447 34.56 1.05 -32.22
C VAL C 447 35.00 -0.32 -32.72
N GLN C 448 35.85 -0.33 -33.74
CA GLN C 448 36.32 -1.58 -34.32
C GLN C 448 37.18 -2.33 -33.31
N PRO C 449 37.30 -3.66 -33.47
CA PRO C 449 38.09 -4.46 -32.51
C PRO C 449 39.47 -3.89 -32.25
N GLY C 450 39.70 -3.42 -31.03
CA GLY C 450 40.94 -2.77 -30.68
C GLY C 450 40.93 -1.25 -30.74
N GLU C 451 39.77 -0.63 -30.87
CA GLU C 451 39.69 0.83 -30.92
C GLU C 451 39.28 1.39 -29.57
N THR C 452 39.66 2.65 -29.33
CA THR C 452 39.41 3.32 -28.07
C THR C 452 38.82 4.70 -28.35
N TYR C 453 37.90 5.12 -27.49
CA TYR C 453 37.32 6.45 -27.56
C TYR C 453 37.27 7.04 -26.16
N THR C 454 37.25 8.36 -26.07
CA THR C 454 37.23 9.07 -24.80
C THR C 454 35.89 9.79 -24.67
N TYR C 455 34.91 9.10 -24.10
CA TYR C 455 33.66 9.76 -23.76
C TYR C 455 33.90 10.83 -22.72
N LYS C 456 33.14 11.93 -22.81
CA LYS C 456 33.23 13.04 -21.87
C LYS C 456 31.79 13.43 -21.52
N TRP C 457 31.24 12.78 -20.50
CA TRP C 457 29.86 13.02 -20.12
C TRP C 457 29.78 14.25 -19.22
N ASN C 458 28.57 14.55 -18.76
CA ASN C 458 28.35 15.72 -17.91
C ASN C 458 27.02 15.55 -17.21
N ILE C 459 27.03 15.67 -15.88
CA ILE C 459 25.82 15.56 -15.08
C ILE C 459 25.26 16.98 -14.97
N LEU C 460 24.43 17.36 -15.92
CA LEU C 460 23.82 18.68 -15.90
C LEU C 460 22.77 18.75 -14.79
N GLU C 461 22.26 19.97 -14.57
CA GLU C 461 21.25 20.18 -13.54
C GLU C 461 19.94 19.48 -13.86
N PHE C 462 19.77 19.00 -15.10
CA PHE C 462 18.60 18.23 -15.48
C PHE C 462 18.71 16.77 -15.11
N ASP C 463 19.88 16.32 -14.65
CA ASP C 463 20.08 14.94 -14.24
C ASP C 463 20.34 14.83 -12.75
N GLU C 464 20.02 15.88 -11.99
CA GLU C 464 20.16 15.83 -10.55
C GLU C 464 19.00 15.04 -9.96
N PRO C 465 19.26 13.97 -9.21
CA PRO C 465 18.18 13.33 -8.46
C PRO C 465 17.52 14.34 -7.54
N THR C 466 16.19 14.37 -7.58
CA THR C 466 15.44 15.42 -6.87
C THR C 466 15.42 15.12 -5.39
N GLU C 467 14.61 15.86 -4.64
CA GLU C 467 14.51 15.66 -3.20
C GLU C 467 13.86 14.34 -2.83
N ASN C 468 13.24 13.65 -3.79
CA ASN C 468 12.48 12.44 -3.52
C ASN C 468 13.23 11.17 -3.92
N ASP C 469 14.50 11.28 -4.30
CA ASP C 469 15.27 10.16 -4.77
C ASP C 469 16.41 9.85 -3.81
N ALA C 470 16.97 8.65 -3.94
CA ALA C 470 18.14 8.29 -3.17
C ALA C 470 19.32 9.17 -3.57
N GLN C 471 20.29 9.28 -2.67
CA GLN C 471 21.45 10.12 -2.94
C GLN C 471 22.12 9.72 -4.24
N CYS C 472 22.38 8.44 -4.43
CA CYS C 472 22.91 7.92 -5.68
C CYS C 472 21.83 7.08 -6.35
N LEU C 473 21.54 7.40 -7.61
CA LEU C 473 20.52 6.70 -8.37
C LEU C 473 21.18 5.73 -9.35
N THR C 474 20.68 4.50 -9.38
CA THR C 474 21.21 3.47 -10.26
C THR C 474 20.56 3.60 -11.63
N ARG C 475 21.39 3.83 -12.64
CA ARG C 475 20.90 3.98 -13.99
C ARG C 475 21.84 3.20 -14.91
N PRO C 476 21.39 2.09 -15.47
CA PRO C 476 22.30 1.20 -16.20
C PRO C 476 22.87 1.87 -17.44
N TYR C 477 24.08 1.44 -17.80
CA TYR C 477 24.70 1.85 -19.05
C TYR C 477 24.97 0.62 -19.89
N TYR C 478 24.71 0.73 -21.19
CA TYR C 478 24.84 -0.42 -22.07
C TYR C 478 25.30 0.04 -23.44
N SER C 479 25.82 -0.91 -24.22
CA SER C 479 26.26 -0.63 -25.57
C SER C 479 25.04 -0.47 -26.47
N ASP C 480 24.82 0.74 -26.97
CA ASP C 480 23.63 1.05 -27.75
C ASP C 480 23.87 0.84 -29.25
N VAL C 481 24.37 -0.33 -29.61
CA VAL C 481 24.37 -0.75 -31.00
C VAL C 481 23.13 -1.56 -31.32
N ASP C 482 22.77 -2.47 -30.41
CA ASP C 482 21.48 -3.16 -30.44
C ASP C 482 21.21 -3.63 -29.02
N ILE C 483 20.21 -3.04 -28.38
CA ILE C 483 19.97 -3.29 -26.96
C ILE C 483 19.70 -4.77 -26.71
N MET C 484 19.03 -5.43 -27.64
CA MET C 484 18.83 -6.88 -27.54
C MET C 484 20.17 -7.61 -27.56
N ARG C 485 20.88 -7.51 -28.68
CA ARG C 485 22.06 -8.35 -28.90
C ARG C 485 23.20 -8.01 -27.94
N ASP C 486 23.17 -6.86 -27.29
CA ASP C 486 24.33 -6.41 -26.52
C ASP C 486 24.23 -6.72 -25.04
N ILE C 487 23.13 -6.36 -24.37
CA ILE C 487 23.00 -6.68 -22.95
C ILE C 487 23.05 -8.18 -22.73
N ALA C 488 22.61 -8.97 -23.72
CA ALA C 488 22.78 -10.42 -23.66
C ALA C 488 24.24 -10.83 -23.54
N SER C 489 25.15 -9.99 -24.03
CA SER C 489 26.58 -10.27 -23.90
C SER C 489 27.15 -9.78 -22.58
N GLY C 490 26.36 -9.14 -21.73
CA GLY C 490 26.79 -8.77 -20.41
C GLY C 490 27.30 -7.35 -20.25
N LEU C 491 27.22 -6.52 -21.29
CA LEU C 491 27.71 -5.15 -21.23
C LEU C 491 26.72 -4.27 -20.45
N ILE C 492 26.55 -4.64 -19.19
CA ILE C 492 25.61 -3.98 -18.29
C ILE C 492 26.37 -3.55 -17.04
N GLY C 493 26.11 -2.35 -16.57
CA GLY C 493 26.66 -1.87 -15.32
C GLY C 493 25.67 -1.00 -14.60
N LEU C 494 26.15 -0.14 -13.71
CA LEU C 494 25.30 0.84 -13.04
C LEU C 494 26.06 2.14 -12.89
N LEU C 495 25.39 3.24 -13.23
CA LEU C 495 25.97 4.58 -13.20
C LEU C 495 25.38 5.30 -12.00
N LEU C 496 26.12 5.34 -10.90
CA LEU C 496 25.61 5.95 -9.67
C LEU C 496 25.68 7.47 -9.80
N ILE C 497 24.61 8.05 -10.33
CA ILE C 497 24.52 9.51 -10.48
C ILE C 497 24.15 10.11 -9.14
N CYS C 498 25.14 10.40 -8.32
CA CYS C 498 24.89 10.88 -6.97
C CYS C 498 24.63 12.38 -6.98
N LYS C 499 24.08 12.88 -5.87
CA LYS C 499 23.84 14.30 -5.72
C LYS C 499 25.16 15.03 -5.44
N SER C 500 25.06 16.32 -5.15
CA SER C 500 26.25 17.08 -4.82
C SER C 500 26.80 16.65 -3.47
N ARG C 501 28.13 16.61 -3.37
CA ARG C 501 28.83 16.24 -2.13
C ARG C 501 28.42 14.85 -1.64
N SER C 502 28.11 13.94 -2.55
CA SER C 502 27.74 12.59 -2.18
C SER C 502 28.88 11.59 -2.33
N LEU C 503 30.06 12.05 -2.73
CA LEU C 503 31.23 11.19 -2.87
C LEU C 503 32.39 11.82 -2.13
N ASP C 504 33.25 10.98 -1.57
CA ASP C 504 34.42 11.45 -0.84
C ASP C 504 35.50 11.84 -1.84
N ARG C 505 36.70 12.17 -1.33
CA ARG C 505 37.80 12.52 -2.22
C ARG C 505 38.22 11.33 -3.07
N ARG C 506 38.23 10.12 -2.49
CA ARG C 506 38.60 8.95 -3.25
C ARG C 506 37.60 8.67 -4.37
N GLY C 507 36.31 8.81 -4.08
CA GLY C 507 35.30 8.50 -5.07
C GLY C 507 34.33 7.44 -4.59
N ILE C 508 34.16 7.34 -3.27
CA ILE C 508 33.26 6.38 -2.66
C ILE C 508 32.12 7.14 -2.01
N GLN C 509 30.95 6.49 -1.95
CA GLN C 509 29.76 7.14 -1.42
C GLN C 509 29.97 7.48 0.06
N ARG C 510 29.34 8.58 0.49
CA ARG C 510 29.52 9.09 1.83
C ARG C 510 28.32 8.84 2.74
N ALA C 511 27.37 8.00 2.33
CA ALA C 511 26.22 7.73 3.18
C ALA C 511 25.87 6.25 3.25
N ALA C 512 26.63 5.38 2.61
CA ALA C 512 26.40 3.94 2.64
C ALA C 512 27.61 3.25 3.25
N ASP C 513 27.39 2.46 4.30
CA ASP C 513 28.49 1.75 4.94
C ASP C 513 29.10 0.72 4.00
N ILE C 514 28.27 -0.04 3.30
CA ILE C 514 28.71 -0.99 2.29
C ILE C 514 27.85 -0.80 1.05
N GLU C 515 28.49 -0.75 -0.11
CA GLU C 515 27.78 -0.61 -1.38
C GLU C 515 27.69 -1.98 -2.03
N GLN C 516 26.47 -2.42 -2.31
CA GLN C 516 26.23 -3.74 -2.86
C GLN C 516 25.37 -3.62 -4.12
N GLN C 517 25.83 -4.22 -5.20
CA GLN C 517 25.09 -4.27 -6.46
C GLN C 517 24.36 -5.60 -6.56
N ALA C 518 23.09 -5.54 -6.96
CA ALA C 518 22.29 -6.75 -7.17
C ALA C 518 21.47 -6.54 -8.43
N VAL C 519 22.01 -7.01 -9.55
CA VAL C 519 21.39 -6.86 -10.87
C VAL C 519 21.02 -8.23 -11.38
N PHE C 520 19.78 -8.38 -11.82
CA PHE C 520 19.26 -9.67 -12.28
C PHE C 520 19.33 -9.74 -13.81
N ALA C 521 20.56 -9.89 -14.30
CA ALA C 521 20.81 -9.96 -15.73
C ALA C 521 20.35 -11.31 -16.25
N VAL C 522 19.11 -11.38 -16.74
CA VAL C 522 18.54 -12.62 -17.26
C VAL C 522 19.08 -12.78 -18.67
N PHE C 523 20.22 -13.46 -18.79
CA PHE C 523 20.92 -13.55 -20.06
C PHE C 523 20.15 -14.43 -21.03
N ASP C 524 20.59 -14.38 -22.28
CA ASP C 524 20.14 -15.30 -23.32
C ASP C 524 21.27 -15.38 -24.34
N GLU C 525 22.14 -16.38 -24.19
CA GLU C 525 23.33 -16.45 -25.04
C GLU C 525 22.97 -16.68 -26.50
N ASN C 526 21.78 -17.22 -26.78
CA ASN C 526 21.31 -17.28 -28.15
C ASN C 526 20.96 -15.91 -28.71
N LYS C 527 20.77 -14.91 -27.84
CA LYS C 527 20.62 -13.54 -28.26
C LYS C 527 21.87 -12.72 -28.04
N SER C 528 23.00 -13.38 -27.81
CA SER C 528 24.30 -12.73 -27.76
C SER C 528 24.96 -12.80 -29.14
N TRP C 529 25.94 -11.92 -29.36
CA TRP C 529 26.70 -11.95 -30.59
C TRP C 529 27.59 -13.19 -30.69
N TYR C 530 27.83 -13.87 -29.58
CA TYR C 530 28.70 -15.03 -29.53
C TYR C 530 27.93 -16.35 -29.43
N LEU C 531 26.67 -16.36 -29.86
CA LEU C 531 25.89 -17.60 -29.81
C LEU C 531 26.55 -18.70 -30.63
N GLU C 532 27.05 -18.34 -31.82
CA GLU C 532 27.81 -19.32 -32.61
C GLU C 532 29.16 -19.60 -31.97
N ASP C 533 29.80 -18.58 -31.40
CA ASP C 533 31.08 -18.78 -30.73
C ASP C 533 30.92 -19.58 -29.45
N ASN C 534 29.79 -19.42 -28.76
CA ASN C 534 29.56 -20.20 -27.55
C ASN C 534 29.46 -21.69 -27.87
N ILE C 535 28.75 -22.05 -28.93
CA ILE C 535 28.48 -23.45 -29.18
C ILE C 535 29.69 -24.14 -29.79
N ASN C 536 30.25 -23.58 -30.86
CA ASN C 536 31.24 -24.32 -31.65
C ASN C 536 32.50 -24.59 -30.85
N LYS C 537 32.97 -23.62 -30.05
CA LYS C 537 34.24 -23.79 -29.36
C LYS C 537 34.13 -24.73 -28.16
N PHE C 538 32.93 -24.99 -27.65
CA PHE C 538 32.75 -25.89 -26.52
C PHE C 538 32.04 -27.19 -26.88
N CYS C 539 31.31 -27.23 -28.00
CA CYS C 539 30.58 -28.44 -28.37
C CYS C 539 31.52 -29.42 -29.05
N GLU C 540 31.43 -30.70 -28.63
CA GLU C 540 32.28 -31.72 -29.22
C GLU C 540 31.89 -32.02 -30.66
N ASN C 541 30.59 -32.11 -30.93
CA ASN C 541 30.06 -32.41 -32.27
C ASN C 541 29.15 -31.26 -32.69
N PRO C 542 29.67 -30.23 -33.36
CA PRO C 542 28.84 -29.10 -33.77
C PRO C 542 28.00 -29.36 -35.01
N ASP C 543 28.00 -30.57 -35.54
CA ASP C 543 27.22 -30.88 -36.74
C ASP C 543 25.79 -31.32 -36.42
N GLU C 544 25.45 -31.49 -35.15
CA GLU C 544 24.13 -31.95 -34.74
C GLU C 544 23.37 -30.94 -33.90
N VAL C 545 23.76 -29.68 -33.94
CA VAL C 545 23.13 -28.66 -33.11
C VAL C 545 21.97 -28.02 -33.86
N LYS C 546 20.91 -27.69 -33.13
CA LYS C 546 19.72 -27.08 -33.74
C LYS C 546 19.24 -25.96 -32.83
N ARG C 547 19.18 -24.74 -33.38
CA ARG C 547 18.74 -23.59 -32.60
C ARG C 547 17.28 -23.67 -32.22
N ASP C 548 16.49 -24.45 -32.95
CA ASP C 548 15.05 -24.53 -32.70
C ASP C 548 14.70 -25.35 -31.47
N ASP C 549 15.63 -26.14 -30.95
CA ASP C 549 15.32 -27.08 -29.88
C ASP C 549 15.09 -26.35 -28.57
N PRO C 550 13.91 -26.48 -27.94
CA PRO C 550 13.76 -25.97 -26.57
C PRO C 550 14.73 -26.62 -25.59
N LYS C 551 15.13 -27.87 -25.85
CA LYS C 551 16.17 -28.50 -25.06
C LYS C 551 17.56 -27.91 -25.31
N PHE C 552 17.69 -27.04 -26.31
CA PHE C 552 18.92 -26.29 -26.53
C PHE C 552 18.70 -24.79 -26.46
N TYR C 553 17.69 -24.27 -27.15
CA TYR C 553 17.45 -22.82 -27.13
C TYR C 553 17.05 -22.35 -25.74
N GLU C 554 16.10 -23.02 -25.12
CA GLU C 554 15.75 -22.71 -23.74
C GLU C 554 16.77 -23.27 -22.76
N SER C 555 17.72 -24.08 -23.23
CA SER C 555 18.85 -24.50 -22.42
C SER C 555 19.99 -23.50 -22.41
N ASN C 556 19.70 -22.25 -22.79
CA ASN C 556 20.71 -21.20 -22.81
C ASN C 556 20.29 -19.92 -22.13
N ILE C 557 19.04 -19.78 -21.68
CA ILE C 557 18.64 -18.62 -20.89
C ILE C 557 19.18 -18.84 -19.48
N MET C 558 20.31 -18.21 -19.18
CA MET C 558 20.99 -18.38 -17.91
C MET C 558 20.61 -17.23 -17.00
N SER C 559 19.47 -17.36 -16.33
CA SER C 559 19.06 -16.35 -15.38
C SER C 559 20.06 -16.27 -14.23
N THR C 560 20.52 -15.06 -13.94
CA THR C 560 21.60 -14.86 -12.98
C THR C 560 21.30 -13.64 -12.13
N ILE C 561 22.14 -13.44 -11.12
CA ILE C 561 22.17 -12.20 -10.36
C ILE C 561 23.61 -11.70 -10.37
N ASN C 562 23.81 -10.53 -10.94
CA ASN C 562 25.11 -9.88 -11.09
C ASN C 562 26.09 -10.69 -11.92
N GLY C 563 25.64 -11.73 -12.59
CA GLY C 563 26.48 -12.51 -13.48
C GLY C 563 26.70 -13.95 -13.07
N TYR C 564 26.18 -14.37 -11.91
CA TYR C 564 26.31 -15.74 -11.45
C TYR C 564 24.94 -16.32 -11.14
N VAL C 565 24.74 -17.58 -11.53
CA VAL C 565 23.50 -18.27 -11.15
C VAL C 565 23.45 -18.38 -9.63
N PRO C 566 22.34 -18.04 -8.98
CA PRO C 566 22.33 -17.95 -7.51
C PRO C 566 22.61 -19.26 -6.81
N GLU C 567 22.47 -20.40 -7.50
CA GLU C 567 22.91 -21.67 -6.93
C GLU C 567 24.42 -21.85 -7.02
N SER C 568 25.13 -20.92 -7.65
CA SER C 568 26.58 -21.01 -7.82
C SER C 568 27.24 -19.68 -7.48
N ILE C 569 26.72 -18.99 -6.47
CA ILE C 569 27.29 -17.73 -6.00
C ILE C 569 27.45 -17.83 -4.49
N THR C 570 28.36 -17.01 -3.97
CA THR C 570 28.70 -17.07 -2.55
C THR C 570 27.60 -16.45 -1.70
N THR C 571 27.51 -16.92 -0.46
CA THR C 571 26.61 -16.32 0.51
C THR C 571 27.21 -15.02 1.02
N LEU C 572 26.39 -13.97 1.10
CA LEU C 572 26.88 -12.68 1.51
C LEU C 572 27.09 -12.63 3.01
N GLY C 573 27.84 -11.62 3.45
CA GLY C 573 27.97 -11.34 4.85
C GLY C 573 28.11 -9.86 5.10
N PHE C 574 27.21 -9.29 5.89
CA PHE C 574 27.25 -7.87 6.19
C PHE C 574 27.13 -7.70 7.70
N CYS C 575 28.00 -6.89 8.28
CA CYS C 575 28.05 -6.77 9.72
C CYS C 575 26.78 -6.12 10.26
N PHE C 576 26.51 -6.41 11.53
CA PHE C 576 25.29 -5.93 12.17
C PHE C 576 25.28 -4.42 12.25
N ASP C 577 24.09 -3.85 12.16
CA ASP C 577 23.86 -2.41 12.33
C ASP C 577 24.61 -1.57 11.30
N ASP C 578 24.84 -2.14 10.11
CA ASP C 578 25.34 -1.38 8.99
C ASP C 578 24.18 -0.86 8.14
N THR C 579 24.51 -0.14 7.07
CA THR C 579 23.52 0.30 6.09
C THR C 579 24.06 -0.12 4.73
N VAL C 580 23.74 -1.34 4.31
CA VAL C 580 24.13 -1.81 3.00
C VAL C 580 23.25 -1.15 1.96
N GLN C 581 23.88 -0.55 0.95
CA GLN C 581 23.14 0.04 -0.16
C GLN C 581 22.97 -1.01 -1.25
N TRP C 582 21.72 -1.22 -1.66
CA TRP C 582 21.39 -2.22 -2.67
C TRP C 582 21.09 -1.53 -3.99
N HIS C 583 21.73 -2.01 -5.05
CA HIS C 583 21.60 -1.46 -6.39
C HIS C 583 20.86 -2.50 -7.24
N PHE C 584 19.57 -2.29 -7.44
CA PHE C 584 18.71 -3.23 -8.14
C PHE C 584 18.39 -2.71 -9.54
N CYS C 585 18.58 -3.57 -10.53
CA CYS C 585 18.30 -3.19 -11.91
C CYS C 585 18.15 -4.44 -12.76
N SER C 586 17.02 -4.59 -13.44
CA SER C 586 16.76 -5.73 -14.29
C SER C 586 17.32 -5.50 -15.69
N VAL C 587 17.81 -6.57 -16.30
CA VAL C 587 18.29 -6.51 -17.68
C VAL C 587 18.04 -7.84 -18.36
N GLY C 588 18.48 -7.96 -19.60
CA GLY C 588 18.39 -9.22 -20.31
C GLY C 588 17.03 -9.41 -20.96
N THR C 589 16.75 -10.66 -21.30
CA THR C 589 15.52 -11.04 -21.99
C THR C 589 14.39 -11.38 -21.03
N GLN C 590 14.37 -10.76 -19.85
CA GLN C 590 13.27 -10.97 -18.91
C GLN C 590 12.04 -10.22 -19.39
N ASN C 591 11.15 -10.90 -20.13
CA ASN C 591 9.94 -10.27 -20.64
C ASN C 591 8.92 -9.98 -19.55
N GLU C 592 9.13 -10.50 -18.35
CA GLU C 592 8.21 -10.35 -17.24
C GLU C 592 8.79 -9.40 -16.20
N ILE C 593 8.10 -9.26 -15.07
CA ILE C 593 8.52 -8.42 -13.98
C ILE C 593 9.06 -9.30 -12.86
N LEU C 594 10.25 -8.98 -12.36
CA LEU C 594 10.94 -9.79 -11.37
C LEU C 594 10.83 -9.10 -10.02
N THR C 595 9.94 -9.60 -9.17
CA THR C 595 9.75 -9.09 -7.82
C THR C 595 10.56 -9.92 -6.84
N ILE C 596 11.36 -9.27 -6.01
CA ILE C 596 12.27 -9.94 -5.09
C ILE C 596 11.83 -9.69 -3.66
N HIS C 597 12.20 -10.60 -2.77
CA HIS C 597 11.74 -10.62 -1.39
C HIS C 597 12.93 -10.67 -0.45
N PHE C 598 13.00 -9.72 0.48
CA PHE C 598 14.04 -9.67 1.50
C PHE C 598 13.52 -10.37 2.75
N THR C 599 14.06 -11.54 3.04
CA THR C 599 13.58 -12.35 4.14
C THR C 599 14.06 -11.75 5.47
N GLY C 600 13.11 -11.31 6.30
CA GLY C 600 13.43 -10.80 7.61
C GLY C 600 13.93 -9.38 7.66
N HIS C 601 14.21 -8.78 6.51
CA HIS C 601 14.74 -7.43 6.43
C HIS C 601 13.91 -6.60 5.46
N SER C 602 13.97 -5.28 5.64
CA SER C 602 13.30 -4.36 4.74
C SER C 602 14.26 -3.23 4.41
N PHE C 603 13.92 -2.48 3.36
CA PHE C 603 14.77 -1.38 2.92
C PHE C 603 13.98 -0.07 2.89
N ILE C 604 14.59 0.97 2.36
CA ILE C 604 13.96 2.28 2.23
C ILE C 604 13.86 2.59 0.75
N TYR C 605 12.64 2.77 0.26
CA TYR C 605 12.39 3.10 -1.15
C TYR C 605 11.48 4.32 -1.20
N GLY C 606 12.07 5.48 -1.41
CA GLY C 606 11.30 6.71 -1.54
C GLY C 606 10.57 7.11 -0.28
N LYS C 607 11.32 7.35 0.80
CA LYS C 607 10.76 7.79 2.07
C LYS C 607 9.68 6.82 2.55
N ARG C 608 9.91 5.53 2.30
CA ARG C 608 8.90 4.51 2.50
C ARG C 608 9.59 3.15 2.58
N HIS C 609 9.19 2.34 3.55
CA HIS C 609 9.77 1.02 3.74
C HIS C 609 9.00 -0.03 2.96
N GLU C 610 9.72 -0.81 2.16
CA GLU C 610 9.14 -1.85 1.33
C GLU C 610 9.95 -3.13 1.47
N ASP C 611 9.26 -4.26 1.32
CA ASP C 611 9.89 -5.56 1.39
C ASP C 611 10.03 -6.25 0.04
N THR C 612 9.05 -6.10 -0.84
CA THR C 612 9.13 -6.62 -2.20
C THR C 612 9.39 -5.46 -3.14
N LEU C 613 10.39 -5.61 -4.00
CA LEU C 613 10.82 -4.55 -4.89
C LEU C 613 10.60 -4.99 -6.33
N THR C 614 9.55 -4.45 -6.96
CA THR C 614 9.26 -4.75 -8.34
C THR C 614 10.35 -4.18 -9.25
N LEU C 615 10.55 -4.84 -10.39
CA LEU C 615 11.63 -4.46 -11.30
C LEU C 615 11.19 -4.61 -12.74
N PHE C 616 11.27 -3.52 -13.51
CA PHE C 616 11.04 -3.50 -14.94
C PHE C 616 12.36 -3.61 -15.69
N PRO C 617 12.36 -4.17 -16.90
CA PRO C 617 13.63 -4.35 -17.63
C PRO C 617 14.31 -3.03 -17.91
N MET C 618 15.63 -3.02 -17.68
CA MET C 618 16.48 -1.85 -17.92
C MET C 618 15.94 -0.61 -17.21
N ARG C 619 15.39 -0.82 -16.02
CA ARG C 619 15.11 0.25 -15.08
C ARG C 619 15.78 -0.08 -13.76
N GLY C 620 16.51 0.87 -13.20
CA GLY C 620 17.26 0.66 -11.98
C GLY C 620 16.56 1.29 -10.78
N GLU C 621 16.60 0.57 -9.67
CA GLU C 621 16.08 1.07 -8.40
C GLU C 621 17.12 0.83 -7.33
N SER C 622 17.38 1.85 -6.51
CA SER C 622 18.40 1.79 -5.48
C SER C 622 17.75 1.87 -4.10
N VAL C 623 18.05 0.91 -3.24
CA VAL C 623 17.55 0.91 -1.86
C VAL C 623 18.70 0.57 -0.92
N THR C 624 18.56 1.02 0.32
CA THR C 624 19.57 0.79 1.34
C THR C 624 18.97 -0.01 2.48
N VAL C 625 19.66 -1.07 2.89
CA VAL C 625 19.16 -2.01 3.89
C VAL C 625 19.99 -1.85 5.16
N THR C 626 19.31 -1.70 6.29
CA THR C 626 19.94 -1.66 7.61
C THR C 626 19.90 -3.07 8.20
N MET C 627 21.07 -3.70 8.28
CA MET C 627 21.17 -5.02 8.90
C MET C 627 20.82 -4.87 10.38
N ASP C 628 19.67 -5.41 10.78
CA ASP C 628 19.11 -5.07 12.08
C ASP C 628 18.49 -6.27 12.79
N ASN C 629 18.79 -7.49 12.35
CA ASN C 629 18.15 -8.67 12.95
C ASN C 629 19.06 -9.87 12.71
N VAL C 630 19.65 -10.39 13.78
CA VAL C 630 20.65 -11.44 13.66
C VAL C 630 20.04 -12.71 13.07
N GLY C 631 20.80 -13.40 12.24
CA GLY C 631 20.36 -14.63 11.63
C GLY C 631 21.02 -14.81 10.29
N THR C 632 20.55 -15.81 9.55
CA THR C 632 20.98 -16.08 8.18
C THR C 632 19.73 -16.08 7.30
N TRP C 633 19.64 -15.13 6.40
CA TRP C 633 18.42 -14.86 5.66
C TRP C 633 18.68 -15.01 4.15
N MET C 634 17.66 -14.65 3.36
CA MET C 634 17.63 -15.03 1.96
C MET C 634 17.02 -13.90 1.15
N LEU C 635 17.46 -13.81 -0.11
CA LEU C 635 16.86 -12.94 -1.11
C LEU C 635 16.38 -13.80 -2.27
N THR C 636 15.07 -13.75 -2.54
CA THR C 636 14.48 -14.65 -3.52
C THR C 636 13.50 -13.89 -4.40
N SER C 637 13.31 -14.40 -5.61
CA SER C 637 12.31 -13.90 -6.53
C SER C 637 11.02 -14.70 -6.34
N MET C 638 9.93 -14.00 -6.06
CA MET C 638 8.67 -14.67 -5.75
C MET C 638 7.98 -15.23 -6.99
N ASN C 639 8.49 -14.99 -8.18
CA ASN C 639 7.83 -15.42 -9.41
C ASN C 639 7.83 -16.94 -9.51
N SER C 640 6.71 -17.47 -10.02
CA SER C 640 6.47 -18.90 -10.02
C SER C 640 7.27 -19.67 -11.07
N SER C 641 7.73 -18.99 -12.12
CA SER C 641 8.40 -19.70 -13.21
C SER C 641 9.70 -20.33 -12.71
N PRO C 642 10.05 -21.52 -13.19
CA PRO C 642 11.31 -22.14 -12.74
C PRO C 642 12.54 -21.32 -13.05
N ARG C 643 12.56 -20.62 -14.20
CA ARG C 643 13.66 -19.69 -14.47
C ARG C 643 13.66 -18.54 -13.48
N SER C 644 12.48 -18.05 -13.11
CA SER C 644 12.33 -16.89 -12.25
C SER C 644 12.21 -17.25 -10.78
N LYS C 645 12.33 -18.53 -10.43
CA LYS C 645 12.31 -18.94 -9.03
C LYS C 645 13.67 -19.43 -8.52
N LYS C 646 14.54 -19.91 -9.41
CA LYS C 646 15.87 -20.33 -8.99
C LYS C 646 16.74 -19.16 -8.55
N LEU C 647 16.31 -17.92 -8.79
CA LEU C 647 17.05 -16.76 -8.33
C LEU C 647 16.88 -16.58 -6.82
N ARG C 648 17.73 -17.24 -6.05
CA ARG C 648 17.66 -17.25 -4.60
C ARG C 648 19.02 -16.83 -4.03
N LEU C 649 19.08 -15.68 -3.39
CA LEU C 649 20.31 -15.15 -2.83
C LEU C 649 20.28 -15.28 -1.31
N LYS C 650 21.38 -15.78 -0.75
CA LYS C 650 21.49 -16.01 0.69
C LYS C 650 22.48 -15.03 1.29
N PHE C 651 22.09 -14.39 2.39
CA PHE C 651 22.98 -13.49 3.10
C PHE C 651 22.76 -13.66 4.60
N ARG C 652 23.83 -13.46 5.37
CA ARG C 652 23.79 -13.60 6.81
C ARG C 652 23.84 -12.23 7.47
N ASP C 653 22.96 -12.00 8.44
CA ASP C 653 23.02 -10.81 9.26
C ASP C 653 23.83 -11.12 10.52
N VAL C 654 25.14 -11.27 10.32
CA VAL C 654 26.02 -11.70 11.39
C VAL C 654 26.16 -10.61 12.44
N LYS C 655 26.75 -10.99 13.57
CA LYS C 655 27.13 -10.05 14.61
C LYS C 655 28.62 -9.76 14.44
N CYS C 656 28.95 -8.48 14.26
CA CYS C 656 30.32 -8.08 13.98
C CYS C 656 31.23 -8.43 15.15
N ILE C 657 32.13 -9.39 14.94
CA ILE C 657 33.11 -9.79 15.94
C ILE C 657 34.16 -8.68 16.01
N PRO C 658 35.15 -8.77 16.93
CA PRO C 658 36.26 -7.80 16.89
C PRO C 658 36.81 -7.54 15.48
N ASP C 659 37.12 -6.29 15.10
CA ASP C 659 37.20 -5.07 15.94
C ASP C 659 38.20 -5.26 17.08
N ASP C 660 39.47 -5.41 16.69
CA ASP C 660 40.57 -5.74 17.58
C ASP C 660 41.20 -4.50 18.22
N ASP C 661 40.42 -3.43 18.41
CA ASP C 661 40.88 -2.21 19.04
C ASP C 661 41.30 -2.42 20.49
N GLU C 662 41.18 -3.66 20.98
CA GLU C 662 41.52 -3.97 22.36
C GLU C 662 43.02 -3.88 22.60
N ASP C 663 43.83 -4.22 21.60
CA ASP C 663 45.28 -4.31 21.75
C ASP C 663 46.01 -3.09 21.23
N SER C 664 45.41 -1.91 21.39
CA SER C 664 46.03 -0.68 20.90
C SER C 664 45.63 0.55 21.70
N TYS C 665 46.28 0.77 22.84
CA TYS C 665 46.05 1.98 23.61
CB TYS C 665 45.01 1.74 24.69
CG TYS C 665 45.18 0.60 25.65
CD1 TYS C 665 44.09 -0.22 25.96
CD2 TYS C 665 46.38 0.33 26.30
CE1 TYS C 665 44.19 -1.27 26.85
CE2 TYS C 665 46.51 -0.73 27.19
CZ TYS C 665 45.41 -1.53 27.47
OH TYS C 665 45.53 -2.57 28.35
S TYS C 665 45.66 -2.18 29.98
O1 TYS C 665 44.68 -1.13 30.20
O2 TYS C 665 47.05 -1.75 30.15
O3 TYS C 665 45.33 -3.47 30.59
C TYS C 665 47.35 2.51 24.22
O TYS C 665 48.32 1.77 24.38
N GLU C 666 47.37 3.80 24.53
CA GLU C 666 48.56 4.42 25.11
C GLU C 666 48.28 4.93 26.52
N ILE C 667 49.31 4.88 27.36
CA ILE C 667 49.21 5.24 28.77
C ILE C 667 50.15 6.42 29.00
N PHE C 668 49.60 7.53 29.50
CA PHE C 668 50.42 8.69 29.82
C PHE C 668 49.79 9.45 30.97
N GLU C 669 50.63 9.88 31.91
CA GLU C 669 50.19 10.67 33.04
C GLU C 669 50.11 12.15 32.66
N PRO C 670 49.24 12.92 33.32
CA PRO C 670 49.09 14.35 33.02
C PRO C 670 50.33 15.16 33.41
N SER D 1 9.82 2.24 23.19
CA SER D 1 9.21 1.41 22.17
C SER D 1 8.95 0.00 22.69
N ASN D 2 8.46 -0.09 23.93
CA ASN D 2 8.21 -1.36 24.57
C ASN D 2 6.83 -1.48 25.23
N ASN D 3 6.18 -0.36 25.55
CA ASN D 3 4.87 -0.39 26.19
C ASN D 3 3.79 -0.55 25.12
N GLY D 4 3.70 -1.77 24.61
CA GLY D 4 2.73 -2.09 23.57
C GLY D 4 1.82 -3.24 23.95
N ASN D 5 1.28 -3.92 22.94
CA ASN D 5 0.34 -5.01 23.15
C ASN D 5 0.91 -6.29 22.53
N ARG D 6 0.67 -7.41 23.21
CA ARG D 6 1.02 -8.73 22.69
C ARG D 6 -0.16 -9.23 21.87
N ARG D 7 -0.18 -8.89 20.59
CA ARG D 7 -1.29 -9.28 19.74
C ARG D 7 -1.39 -10.79 19.65
N ASN D 8 -2.51 -11.33 20.15
CA ASN D 8 -2.73 -12.77 20.18
C ASN D 8 -3.61 -13.17 18.99
N TYR D 9 -3.10 -14.06 18.15
CA TYR D 9 -3.86 -14.58 17.05
C TYR D 9 -3.68 -16.09 16.96
N TYR D 10 -4.69 -16.77 16.41
CA TYR D 10 -4.68 -18.22 16.28
C TYR D 10 -5.23 -18.56 14.90
N ILE D 11 -4.34 -18.88 13.98
CA ILE D 11 -4.70 -19.13 12.58
C ILE D 11 -4.54 -20.61 12.31
N ALA D 12 -5.59 -21.22 11.77
CA ALA D 12 -5.60 -22.66 11.48
C ALA D 12 -5.93 -22.88 10.03
N ALA D 13 -5.09 -23.66 9.35
CA ALA D 13 -5.30 -24.00 7.94
C ALA D 13 -6.32 -25.12 7.87
N GLU D 14 -7.60 -24.76 7.84
CA GLU D 14 -8.68 -25.74 7.80
C GLU D 14 -9.03 -26.10 6.36
N GLU D 15 -9.76 -27.19 6.20
CA GLU D 15 -10.12 -27.72 4.90
C GLU D 15 -11.54 -27.30 4.55
N ILE D 16 -11.71 -26.64 3.40
CA ILE D 16 -13.02 -26.30 2.87
C ILE D 16 -13.01 -26.55 1.37
N SER D 17 -14.20 -26.53 0.79
CA SER D 17 -14.38 -26.60 -0.66
C SER D 17 -14.74 -25.22 -1.18
N TRP D 18 -13.95 -24.72 -2.13
CA TRP D 18 -14.10 -23.36 -2.63
C TRP D 18 -14.53 -23.40 -4.09
N ASP D 19 -15.66 -22.76 -4.38
CA ASP D 19 -16.15 -22.59 -5.74
C ASP D 19 -16.13 -21.10 -6.06
N TYR D 20 -15.34 -20.71 -7.05
CA TYR D 20 -15.14 -19.29 -7.32
C TYR D 20 -16.42 -18.61 -7.77
N SER D 21 -17.15 -19.25 -8.70
CA SER D 21 -18.34 -18.68 -9.29
C SER D 21 -19.57 -18.89 -8.44
N GLU D 22 -19.41 -19.14 -7.15
CA GLU D 22 -20.56 -19.34 -6.27
C GLU D 22 -21.37 -18.07 -6.08
N PHE D 23 -20.86 -16.92 -6.50
CA PHE D 23 -21.61 -15.68 -6.46
C PHE D 23 -21.84 -15.08 -7.84
N VAL D 24 -21.58 -15.84 -8.92
CA VAL D 24 -22.04 -15.45 -10.24
C VAL D 24 -23.42 -16.02 -10.52
N GLN D 25 -23.63 -17.28 -10.15
CA GLN D 25 -24.89 -17.96 -10.45
C GLN D 25 -26.01 -17.57 -9.51
N ARG D 26 -25.70 -16.91 -8.40
CA ARG D 26 -26.76 -16.41 -7.52
C ARG D 26 -27.54 -15.26 -8.16
N GLU D 27 -27.02 -14.68 -9.24
CA GLU D 27 -27.68 -13.62 -9.97
C GLU D 27 -27.94 -14.01 -11.42
N THR D 28 -28.04 -15.32 -11.69
CA THR D 28 -28.24 -15.81 -13.04
C THR D 28 -29.70 -15.61 -13.43
N ASP D 29 -29.97 -14.53 -14.15
CA ASP D 29 -31.30 -14.24 -14.69
C ASP D 29 -31.19 -13.73 -16.12
N ILE D 30 -30.21 -14.21 -16.87
CA ILE D 30 -29.92 -13.73 -18.22
C ILE D 30 -29.87 -14.93 -19.16
N GLU D 31 -30.15 -14.67 -20.43
CA GLU D 31 -30.11 -15.71 -21.46
C GLU D 31 -28.70 -15.99 -21.96
N ASP D 32 -27.67 -15.52 -21.28
CA ASP D 32 -26.29 -15.73 -21.67
C ASP D 32 -25.71 -16.92 -20.92
N SER D 33 -25.03 -17.81 -21.65
CA SER D 33 -24.41 -18.99 -21.06
C SER D 33 -23.03 -19.27 -21.67
N ASP D 34 -22.31 -18.22 -22.09
CA ASP D 34 -21.04 -18.39 -22.76
C ASP D 34 -19.87 -17.74 -22.03
N ASP D 35 -20.11 -17.09 -20.89
CA ASP D 35 -19.08 -16.36 -20.16
C ASP D 35 -18.89 -16.92 -18.76
N ILE D 36 -18.86 -18.24 -18.63
CA ILE D 36 -18.67 -18.88 -17.34
C ILE D 36 -18.13 -20.30 -17.57
N PRO D 37 -17.22 -20.78 -16.73
CA PRO D 37 -16.77 -22.17 -16.84
C PRO D 37 -17.79 -23.13 -16.22
N GLU D 38 -17.55 -24.42 -16.44
CA GLU D 38 -18.38 -25.48 -15.88
C GLU D 38 -17.57 -26.27 -14.86
N ASP D 39 -18.24 -26.69 -13.79
CA ASP D 39 -17.62 -27.46 -12.70
C ASP D 39 -16.45 -26.66 -12.08
N THR D 40 -16.83 -25.56 -11.43
CA THR D 40 -15.86 -24.64 -10.85
C THR D 40 -15.69 -24.81 -9.34
N THR D 41 -16.21 -25.90 -8.76
CA THR D 41 -16.06 -26.15 -7.34
C THR D 41 -14.81 -26.99 -7.11
N TYR D 42 -13.97 -26.56 -6.16
CA TYR D 42 -12.68 -27.18 -5.93
C TYR D 42 -12.46 -27.37 -4.44
N LYS D 43 -11.56 -28.31 -4.12
CA LYS D 43 -11.16 -28.62 -2.76
C LYS D 43 -9.83 -27.95 -2.47
N LYS D 44 -9.73 -27.28 -1.32
CA LYS D 44 -8.56 -26.48 -0.98
C LYS D 44 -8.37 -26.49 0.53
N VAL D 45 -7.49 -25.60 0.99
CA VAL D 45 -7.23 -25.36 2.41
C VAL D 45 -7.08 -23.86 2.61
N VAL D 46 -7.61 -23.33 3.70
CA VAL D 46 -7.62 -21.89 3.93
C VAL D 46 -7.28 -21.58 5.38
N PHE D 47 -6.51 -20.52 5.57
CA PHE D 47 -6.32 -19.97 6.91
C PHE D 47 -7.64 -19.46 7.44
N ARG D 48 -8.00 -19.88 8.65
CA ARG D 48 -9.27 -19.48 9.23
C ARG D 48 -9.08 -19.09 10.69
N LYS D 49 -9.69 -17.98 11.07
CA LYS D 49 -9.50 -17.45 12.42
C LYS D 49 -10.21 -18.32 13.44
N TYR D 50 -9.59 -18.49 14.60
CA TYR D 50 -10.17 -19.21 15.72
C TYR D 50 -10.13 -18.33 16.96
N LEU D 51 -11.25 -18.26 17.67
CA LEU D 51 -11.33 -17.38 18.83
C LEU D 51 -10.53 -17.92 20.02
N ASP D 52 -10.48 -19.24 20.17
CA ASP D 52 -9.85 -19.87 21.32
C ASP D 52 -8.56 -20.57 20.93
N SER D 53 -7.67 -20.72 21.92
CA SER D 53 -6.39 -21.37 21.70
C SER D 53 -6.51 -22.88 21.53
N THR D 54 -7.64 -23.46 21.91
CA THR D 54 -7.88 -24.89 21.75
C THR D 54 -8.35 -25.26 20.36
N PHE D 55 -8.74 -24.28 19.54
CA PHE D 55 -9.21 -24.50 18.17
C PHE D 55 -10.46 -25.37 18.15
N THR D 56 -11.45 -24.97 18.94
CA THR D 56 -12.76 -25.59 18.95
C THR D 56 -13.84 -24.63 18.46
N LYS D 57 -13.99 -23.49 19.13
CA LYS D 57 -15.01 -22.51 18.78
C LYS D 57 -14.41 -21.54 17.76
N ARG D 58 -14.81 -21.68 16.50
CA ARG D 58 -14.27 -20.88 15.41
C ARG D 58 -14.83 -19.47 15.45
N ASP D 59 -14.07 -18.55 14.84
CA ASP D 59 -14.51 -17.16 14.73
C ASP D 59 -15.14 -16.96 13.36
N PRO D 60 -16.45 -16.77 13.27
CA PRO D 60 -17.09 -16.65 11.96
C PRO D 60 -16.71 -15.36 11.27
N ARG D 61 -16.79 -15.38 9.94
CA ARG D 61 -16.51 -14.19 9.15
C ARG D 61 -17.76 -13.32 9.07
N GLY D 62 -17.65 -12.10 9.59
CA GLY D 62 -18.78 -11.19 9.60
C GLY D 62 -18.99 -10.53 8.25
N GLU D 63 -19.23 -9.22 8.26
CA GLU D 63 -19.45 -8.48 7.03
C GLU D 63 -18.23 -7.66 6.63
N TYR D 64 -17.46 -7.15 7.59
CA TYR D 64 -16.20 -6.50 7.26
C TYR D 64 -15.25 -7.48 6.57
N GLU D 65 -15.44 -8.78 6.78
CA GLU D 65 -14.64 -9.81 6.15
C GLU D 65 -15.37 -10.50 5.00
N GLU D 66 -16.60 -10.07 4.70
CA GLU D 66 -17.40 -10.73 3.67
C GLU D 66 -16.72 -10.69 2.32
N HIS D 67 -15.92 -9.65 2.05
CA HIS D 67 -15.24 -9.51 0.77
C HIS D 67 -13.92 -10.26 0.71
N LEU D 68 -13.53 -10.92 1.80
CA LEU D 68 -12.21 -11.56 1.82
C LEU D 68 -12.17 -12.78 0.91
N GLY D 69 -13.19 -13.60 0.95
CA GLY D 69 -13.18 -14.79 0.11
C GLY D 69 -12.09 -15.75 0.57
N ILE D 70 -11.23 -16.16 -0.37
CA ILE D 70 -10.25 -17.19 -0.10
C ILE D 70 -9.11 -16.73 0.79
N LEU D 71 -9.02 -15.43 1.08
CA LEU D 71 -7.94 -14.93 1.91
C LEU D 71 -8.08 -15.46 3.33
N GLY D 72 -6.97 -15.45 4.06
CA GLY D 72 -7.01 -15.75 5.47
C GLY D 72 -7.53 -14.58 6.26
N PRO D 73 -7.64 -14.79 7.57
CA PRO D 73 -8.11 -13.70 8.44
C PRO D 73 -7.11 -12.55 8.47
N ILE D 74 -7.63 -11.35 8.72
CA ILE D 74 -6.79 -10.16 8.75
C ILE D 74 -6.02 -10.15 10.07
N ILE D 75 -4.70 -10.01 9.98
CA ILE D 75 -3.84 -9.87 11.14
C ILE D 75 -3.37 -8.43 11.20
N ARG D 76 -3.55 -7.80 12.36
CA ARG D 76 -3.26 -6.39 12.52
C ARG D 76 -2.45 -6.13 13.78
N ALA D 77 -1.50 -5.21 13.69
CA ALA D 77 -0.77 -4.73 14.85
C ALA D 77 -0.14 -3.40 14.49
N GLU D 78 -0.18 -2.46 15.44
CA GLU D 78 0.45 -1.16 15.23
C GLU D 78 1.97 -1.31 15.27
N VAL D 79 2.66 -0.19 15.13
CA VAL D 79 4.12 -0.23 15.19
C VAL D 79 4.57 -0.57 16.60
N ASP D 80 5.67 -1.32 16.70
CA ASP D 80 6.30 -1.74 17.95
C ASP D 80 5.44 -2.69 18.76
N ASP D 81 4.45 -3.32 18.14
CA ASP D 81 3.65 -4.32 18.82
C ASP D 81 4.23 -5.71 18.61
N VAL D 82 3.86 -6.63 19.49
CA VAL D 82 4.30 -8.02 19.40
C VAL D 82 3.08 -8.85 18.99
N ILE D 83 3.23 -9.61 17.92
CA ILE D 83 2.17 -10.46 17.39
C ILE D 83 2.51 -11.89 17.72
N GLN D 84 1.59 -12.59 18.37
CA GLN D 84 1.69 -14.02 18.58
C GLN D 84 0.58 -14.67 17.77
N VAL D 85 0.94 -15.32 16.68
CA VAL D 85 0.00 -16.02 15.81
C VAL D 85 0.28 -17.52 15.94
N ARG D 86 -0.69 -18.25 16.45
CA ARG D 86 -0.56 -19.69 16.67
C ARG D 86 -1.11 -20.43 15.47
N PHE D 87 -0.28 -21.27 14.86
CA PHE D 87 -0.69 -22.07 13.72
C PHE D 87 -1.27 -23.39 14.21
N LYS D 88 -2.40 -23.79 13.63
CA LYS D 88 -3.06 -25.06 13.93
C LYS D 88 -3.30 -25.74 12.59
N ASN D 89 -2.34 -26.53 12.14
CA ASN D 89 -2.46 -27.19 10.85
C ASN D 89 -3.60 -28.20 10.93
N LEU D 90 -4.74 -27.85 10.36
CA LEU D 90 -5.92 -28.70 10.31
C LEU D 90 -6.10 -29.38 8.97
N ALA D 91 -5.12 -29.27 8.09
CA ALA D 91 -5.18 -29.89 6.78
C ALA D 91 -4.48 -31.25 6.82
N SER D 92 -4.35 -31.87 5.65
CA SER D 92 -3.61 -33.11 5.49
C SER D 92 -2.26 -32.86 4.84
N ARG D 93 -1.63 -31.74 5.19
CA ARG D 93 -0.40 -31.29 4.56
C ARG D 93 0.33 -30.37 5.53
N PRO D 94 1.67 -30.41 5.56
CA PRO D 94 2.42 -29.50 6.44
C PRO D 94 2.48 -28.10 5.85
N TYR D 95 2.00 -27.12 6.62
CA TYR D 95 2.04 -25.72 6.21
C TYR D 95 2.87 -24.92 7.22
N SER D 96 2.85 -23.60 7.08
CA SER D 96 3.58 -22.70 7.95
C SER D 96 2.93 -21.32 7.83
N LEU D 97 3.64 -20.30 8.30
CA LEU D 97 3.25 -18.91 8.04
C LEU D 97 4.50 -18.13 7.68
N HIS D 98 4.40 -17.33 6.63
CA HIS D 98 5.45 -16.39 6.28
C HIS D 98 5.03 -15.00 6.75
N ALA D 99 5.87 -14.01 6.47
CA ALA D 99 5.53 -12.64 6.79
C ALA D 99 6.36 -11.72 5.91
N HIS D 100 5.90 -10.49 5.78
CA HIS D 100 6.56 -9.48 4.96
C HIS D 100 6.80 -8.23 5.79
N GLY D 101 8.06 -7.80 5.85
CA GLY D 101 8.42 -6.56 6.48
C GLY D 101 8.42 -6.55 7.98
N LEU D 102 7.71 -7.49 8.62
CA LEU D 102 7.67 -7.52 10.08
C LEU D 102 9.02 -7.91 10.66
N SER D 103 9.22 -7.57 11.92
CA SER D 103 10.41 -7.98 12.65
C SER D 103 10.09 -9.31 13.33
N TYR D 104 10.78 -10.37 12.90
CA TYR D 104 10.57 -11.71 13.42
C TYR D 104 11.91 -12.42 13.51
N GLU D 105 12.13 -13.13 14.62
CA GLU D 105 13.33 -13.95 14.74
C GLU D 105 13.16 -15.21 13.90
N LYS D 106 14.27 -15.92 13.69
CA LYS D 106 14.23 -17.12 12.89
C LYS D 106 13.38 -18.23 13.50
N SER D 107 12.73 -17.98 14.63
CA SER D 107 11.72 -18.86 15.18
C SER D 107 10.32 -18.53 14.67
N SER D 108 10.19 -17.54 13.80
CA SER D 108 8.89 -17.18 13.26
C SER D 108 8.92 -16.86 11.77
N GLU D 109 10.04 -17.10 11.08
CA GLU D 109 10.09 -16.82 9.65
C GLU D 109 9.11 -17.71 8.89
N GLY D 110 9.13 -19.01 9.16
CA GLY D 110 8.23 -19.93 8.52
C GLY D 110 8.68 -20.44 7.18
N LYS D 111 9.79 -19.94 6.65
CA LYS D 111 10.28 -20.35 5.34
C LYS D 111 11.52 -21.21 5.52
N THR D 112 11.52 -22.38 4.90
CA THR D 112 12.61 -23.33 5.02
C THR D 112 13.56 -23.20 3.85
N TYR D 113 14.83 -22.97 4.14
CA TYR D 113 15.86 -22.86 3.11
C TYR D 113 17.21 -23.16 3.75
N GLU D 114 18.22 -23.25 2.90
CA GLU D 114 19.55 -23.67 3.36
C GLU D 114 20.23 -22.56 4.15
N ASP D 115 19.68 -22.24 5.32
CA ASP D 115 20.20 -21.17 6.16
C ASP D 115 21.17 -21.66 7.23
N ASP D 116 21.37 -22.98 7.34
CA ASP D 116 22.31 -23.55 8.31
C ASP D 116 21.96 -23.13 9.73
N SER D 117 20.78 -23.56 10.18
CA SER D 117 20.28 -23.15 11.47
C SER D 117 20.16 -24.36 12.41
N PRO D 118 20.48 -24.20 13.69
CA PRO D 118 20.21 -25.26 14.65
C PRO D 118 18.70 -25.52 14.75
N GLU D 119 18.36 -26.76 15.06
CA GLU D 119 16.98 -27.23 14.93
C GLU D 119 16.13 -27.00 16.17
N TRP D 120 16.66 -26.36 17.22
CA TRP D 120 15.82 -26.17 18.40
C TRP D 120 14.77 -25.09 18.21
N PHE D 121 14.84 -24.30 17.14
CA PHE D 121 13.74 -23.41 16.81
C PHE D 121 13.40 -23.46 15.32
N LYS D 122 13.80 -24.52 14.62
CA LYS D 122 13.41 -24.75 13.24
C LYS D 122 11.96 -25.18 13.11
N GLU D 123 11.26 -25.42 14.23
CA GLU D 123 9.90 -25.91 14.20
C GLU D 123 8.93 -24.86 13.64
N ASP D 124 9.44 -23.71 13.22
CA ASP D 124 8.66 -22.77 12.44
C ASP D 124 8.80 -23.00 10.94
N ASN D 125 9.91 -23.59 10.50
CA ASN D 125 10.24 -23.62 9.08
C ASN D 125 9.21 -24.41 8.28
N ALA D 126 8.73 -25.54 8.81
CA ALA D 126 7.70 -26.32 8.13
C ALA D 126 6.91 -27.07 9.20
N VAL D 127 5.76 -26.52 9.59
CA VAL D 127 4.94 -27.13 10.63
C VAL D 127 4.30 -28.38 10.07
N GLN D 128 4.49 -29.50 10.76
CA GLN D 128 4.03 -30.79 10.26
C GLN D 128 2.53 -30.95 10.50
N PRO D 129 1.87 -31.82 9.73
CA PRO D 129 0.41 -31.95 9.83
C PRO D 129 -0.03 -32.32 11.23
N ASN D 130 -1.25 -31.92 11.59
CA ASN D 130 -1.91 -32.24 12.85
C ASN D 130 -1.28 -31.50 14.02
N SER D 131 -0.19 -30.76 13.81
CA SER D 131 0.59 -30.19 14.89
C SER D 131 0.20 -28.75 15.15
N SER D 132 1.01 -28.05 15.94
CA SER D 132 0.77 -26.64 16.24
C SER D 132 2.10 -25.97 16.55
N TYR D 133 2.10 -24.64 16.46
CA TYR D 133 3.29 -23.84 16.75
C TYR D 133 2.83 -22.47 17.21
N THR D 134 3.77 -21.54 17.36
CA THR D 134 3.43 -20.16 17.67
C THR D 134 4.50 -19.27 17.06
N TYR D 135 4.08 -18.40 16.14
CA TYR D 135 4.96 -17.46 15.47
C TYR D 135 4.88 -16.11 16.17
N VAL D 136 6.04 -15.61 16.61
CA VAL D 136 6.13 -14.32 17.29
C VAL D 136 6.58 -13.27 16.29
N TRP D 137 5.77 -12.22 16.13
CA TRP D 137 6.02 -11.18 15.15
C TRP D 137 6.03 -9.83 15.84
N HIS D 138 7.05 -9.03 15.54
CA HIS D 138 7.17 -7.66 16.06
C HIS D 138 7.05 -6.70 14.90
N ALA D 139 6.25 -5.65 15.08
CA ALA D 139 6.01 -4.68 14.02
C ALA D 139 6.82 -3.41 14.31
N THR D 140 8.09 -3.45 13.92
CA THR D 140 8.97 -2.32 14.15
C THR D 140 8.60 -1.16 13.22
N GLU D 141 9.41 -0.10 13.26
CA GLU D 141 9.16 1.05 12.41
C GLU D 141 9.40 0.74 10.94
N ARG D 142 10.23 -0.26 10.63
CA ARG D 142 10.50 -0.62 9.24
C ARG D 142 9.36 -1.38 8.59
N SER D 143 8.24 -1.56 9.29
CA SER D 143 7.06 -2.20 8.73
C SER D 143 5.81 -1.34 8.79
N GLY D 144 5.85 -0.20 9.48
CA GLY D 144 4.69 0.66 9.55
C GLY D 144 4.54 1.51 8.31
N PRO D 145 3.53 2.36 8.31
CA PRO D 145 3.31 3.25 7.18
C PRO D 145 4.31 4.40 7.12
N GLU D 146 4.09 5.33 6.20
CA GLU D 146 4.99 6.46 6.01
C GLU D 146 4.75 7.52 7.08
N SER D 147 5.53 8.60 7.01
CA SER D 147 5.45 9.66 8.00
C SER D 147 5.87 10.97 7.37
N PRO D 148 4.90 11.77 6.90
CA PRO D 148 3.46 11.49 6.88
C PRO D 148 3.02 10.85 5.57
N GLY D 149 2.17 9.83 5.66
CA GLY D 149 1.64 9.17 4.47
C GLY D 149 0.26 8.64 4.76
N SER D 150 -0.04 7.45 4.26
CA SER D 150 -1.33 6.85 4.56
C SER D 150 -1.31 6.28 5.98
N ALA D 151 -2.50 5.96 6.49
CA ALA D 151 -2.65 5.61 7.89
C ALA D 151 -2.26 4.17 8.19
N CYS D 152 -2.14 3.31 7.18
CA CYS D 152 -1.79 1.91 7.39
C CYS D 152 -0.97 1.42 6.22
N ARG D 153 -0.42 0.22 6.37
CA ARG D 153 0.32 -0.41 5.29
C ARG D 153 -0.12 -1.87 5.19
N ALA D 154 0.11 -2.46 4.03
CA ALA D 154 -0.40 -3.77 3.72
C ALA D 154 0.75 -4.76 3.59
N TRP D 155 0.62 -5.90 4.27
CA TRP D 155 1.55 -7.01 4.13
C TRP D 155 0.74 -8.29 3.98
N ALA D 156 1.38 -9.31 3.41
CA ALA D 156 0.70 -10.55 3.06
C ALA D 156 1.40 -11.73 3.72
N TYR D 157 0.71 -12.39 4.63
CA TYR D 157 1.20 -13.61 5.25
C TYR D 157 0.56 -14.82 4.60
N TYR D 158 1.32 -15.91 4.53
CA TYR D 158 0.86 -17.11 3.86
C TYR D 158 1.73 -18.28 4.30
N SER D 159 1.25 -19.48 4.00
CA SER D 159 2.04 -20.67 4.28
C SER D 159 3.30 -20.69 3.42
N ALA D 160 4.43 -21.03 4.03
CA ALA D 160 5.72 -20.92 3.38
C ALA D 160 6.47 -22.24 3.44
N VAL D 161 5.79 -23.32 3.08
CA VAL D 161 6.46 -24.58 2.80
C VAL D 161 6.79 -24.72 1.32
N ASN D 162 5.84 -24.34 0.47
CA ASN D 162 6.08 -24.20 -0.96
C ASN D 162 5.07 -23.18 -1.46
N PRO D 163 5.35 -21.89 -1.30
CA PRO D 163 4.33 -20.86 -1.57
C PRO D 163 3.79 -20.88 -2.99
N GLU D 164 4.61 -21.25 -3.99
CA GLU D 164 4.14 -21.23 -5.37
C GLU D 164 3.00 -22.20 -5.61
N LYS D 165 2.83 -23.20 -4.75
CA LYS D 165 1.69 -24.10 -4.80
C LYS D 165 0.82 -24.03 -3.56
N ASP D 166 1.30 -23.44 -2.48
CA ASP D 166 0.52 -23.30 -1.26
C ASP D 166 -0.39 -22.08 -1.27
N ILE D 167 -0.24 -21.19 -2.25
CA ILE D 167 -1.13 -20.03 -2.36
C ILE D 167 -2.23 -20.35 -3.35
N HIS D 168 -1.90 -21.16 -4.37
CA HIS D 168 -2.93 -21.68 -5.27
C HIS D 168 -3.84 -22.65 -4.54
N SER D 169 -3.40 -23.17 -3.40
CA SER D 169 -4.21 -24.03 -2.55
C SER D 169 -5.05 -23.25 -1.56
N GLY D 170 -4.98 -21.93 -1.56
CA GLY D 170 -5.86 -21.10 -0.76
C GLY D 170 -5.27 -20.52 0.50
N LEU D 171 -3.98 -20.68 0.75
CA LEU D 171 -3.35 -20.23 1.99
C LEU D 171 -2.71 -18.88 1.74
N ILE D 172 -3.43 -17.82 2.13
CA ILE D 172 -2.97 -16.46 1.96
C ILE D 172 -3.88 -15.56 2.78
N GLY D 173 -3.37 -14.42 3.24
CA GLY D 173 -4.16 -13.54 4.06
C GLY D 173 -3.54 -12.16 4.22
N PRO D 174 -4.36 -11.19 4.62
CA PRO D 174 -3.85 -9.83 4.82
C PRO D 174 -3.20 -9.65 6.18
N LEU D 175 -2.10 -8.91 6.19
CA LEU D 175 -1.38 -8.53 7.40
C LEU D 175 -1.17 -7.03 7.35
N LEU D 176 -1.96 -6.29 8.12
CA LEU D 176 -1.93 -4.83 8.08
C LEU D 176 -1.21 -4.29 9.32
N ILE D 177 -0.20 -3.46 9.09
CA ILE D 177 0.58 -2.84 10.16
C ILE D 177 0.36 -1.34 10.09
N CYS D 178 -0.37 -0.80 11.05
CA CYS D 178 -0.85 0.57 11.01
C CYS D 178 0.01 1.47 11.88
N GLN D 179 -0.33 2.76 11.88
CA GLN D 179 0.29 3.72 12.77
C GLN D 179 -0.23 3.53 14.19
N LYS D 180 0.46 4.14 15.15
CA LYS D 180 0.05 4.04 16.53
C LYS D 180 -1.29 4.71 16.75
N GLY D 181 -2.11 4.11 17.62
CA GLY D 181 -3.38 4.69 17.99
C GLY D 181 -4.51 4.48 17.02
N ILE D 182 -4.33 3.66 15.99
CA ILE D 182 -5.36 3.45 14.97
C ILE D 182 -6.16 2.19 15.23
N LEU D 183 -5.50 1.06 15.43
CA LEU D 183 -6.21 -0.18 15.71
C LEU D 183 -6.86 -0.12 17.09
N HIS D 184 -7.65 -1.15 17.40
CA HIS D 184 -8.42 -1.16 18.62
C HIS D 184 -7.73 -1.98 19.70
N LYS D 185 -8.03 -1.64 20.95
CA LYS D 185 -7.44 -2.35 22.08
C LYS D 185 -7.84 -3.82 22.09
N ASP D 186 -9.12 -4.10 21.85
CA ASP D 186 -9.64 -5.47 21.88
C ASP D 186 -9.99 -6.01 20.49
N SER D 187 -10.77 -5.26 19.71
CA SER D 187 -11.23 -5.75 18.42
C SER D 187 -10.09 -5.93 17.43
N ASN D 188 -8.99 -5.21 17.61
CA ASN D 188 -7.86 -5.25 16.69
C ASN D 188 -8.30 -4.93 15.26
N MET D 189 -9.20 -3.95 15.15
CA MET D 189 -9.73 -3.45 13.90
C MET D 189 -9.49 -1.95 13.80
N PRO D 190 -9.18 -1.45 12.61
CA PRO D 190 -8.93 -0.02 12.45
C PRO D 190 -10.20 0.77 12.69
N MET D 191 -10.03 2.05 13.03
CA MET D 191 -11.14 2.88 13.43
C MET D 191 -11.42 4.06 12.51
N ASP D 192 -10.47 4.46 11.67
CA ASP D 192 -10.59 5.72 10.94
C ASP D 192 -11.25 5.55 9.56
N MET D 193 -10.65 4.73 8.69
CA MET D 193 -11.09 4.61 7.31
C MET D 193 -11.71 3.25 7.06
N ARG D 194 -12.21 3.09 5.84
CA ARG D 194 -12.74 1.82 5.35
C ARG D 194 -11.66 1.15 4.51
N GLU D 195 -11.31 -0.08 4.86
CA GLU D 195 -10.23 -0.80 4.22
C GLU D 195 -10.82 -1.92 3.38
N PHE D 196 -10.34 -2.05 2.14
CA PHE D 196 -10.76 -3.12 1.25
C PHE D 196 -9.52 -3.86 0.80
N VAL D 197 -9.22 -4.97 1.48
CA VAL D 197 -8.13 -5.82 1.04
C VAL D 197 -8.60 -6.56 -0.21
N LEU D 198 -7.98 -6.26 -1.34
CA LEU D 198 -8.27 -6.93 -2.60
C LEU D 198 -7.06 -7.73 -3.02
N LEU D 199 -7.27 -8.99 -3.38
CA LEU D 199 -6.19 -9.82 -3.89
C LEU D 199 -6.45 -10.05 -5.38
N PHE D 200 -5.86 -9.20 -6.20
CA PHE D 200 -5.88 -9.40 -7.65
C PHE D 200 -4.89 -10.52 -7.95
N MET D 201 -5.38 -11.75 -7.96
CA MET D 201 -4.52 -12.90 -8.14
C MET D 201 -5.19 -13.91 -9.07
N THR D 202 -4.35 -14.66 -9.79
CA THR D 202 -4.79 -15.76 -10.63
C THR D 202 -4.62 -17.06 -9.87
N PHE D 203 -5.73 -17.77 -9.66
CA PHE D 203 -5.71 -19.03 -8.94
C PHE D 203 -5.67 -20.20 -9.93
N ASP D 204 -4.49 -20.40 -10.52
CA ASP D 204 -4.31 -21.52 -11.43
C ASP D 204 -4.40 -22.82 -10.63
N GLU D 205 -5.48 -23.57 -10.83
CA GLU D 205 -5.67 -24.80 -10.09
C GLU D 205 -4.73 -25.91 -10.52
N LYS D 206 -4.18 -25.81 -11.73
CA LYS D 206 -3.28 -26.86 -12.21
C LYS D 206 -1.97 -26.89 -11.46
N LYS D 207 -1.83 -26.16 -10.36
CA LYS D 207 -0.62 -26.20 -9.56
C LYS D 207 -0.87 -26.48 -8.08
N SER D 208 -2.12 -26.45 -7.62
CA SER D 208 -2.40 -26.65 -6.21
C SER D 208 -2.12 -28.09 -5.80
N TRP D 209 -1.96 -28.27 -4.48
CA TRP D 209 -1.76 -29.62 -3.95
C TRP D 209 -2.97 -30.50 -4.20
N TYR D 210 -4.16 -29.92 -4.07
CA TYR D 210 -5.41 -30.66 -4.21
C TYR D 210 -5.91 -30.65 -5.65
N TYR D 211 -5.00 -30.64 -6.61
CA TYR D 211 -5.37 -30.70 -8.02
C TYR D 211 -5.74 -32.14 -8.36
N GLU D 212 -7.04 -32.40 -8.51
CA GLU D 212 -7.51 -33.74 -8.82
C GLU D 212 -7.26 -34.07 -10.30
N LYS D 213 -6.00 -34.30 -10.65
CA LYS D 213 -5.65 -34.69 -12.01
C LYS D 213 -6.02 -36.16 -12.20
N LYS D 214 -7.29 -36.39 -12.51
CA LYS D 214 -7.74 -37.73 -12.82
C LYS D 214 -7.24 -38.13 -14.21
N SER D 215 -7.38 -39.42 -14.51
CA SER D 215 -6.85 -39.97 -15.75
C SER D 215 -7.59 -39.38 -16.95
N ARG D 216 -6.84 -38.70 -17.82
CA ARG D 216 -7.39 -38.11 -19.03
C ARG D 216 -7.05 -38.91 -20.28
N SER D 217 -6.95 -40.24 -20.14
CA SER D 217 -6.60 -41.09 -21.27
C SER D 217 -7.66 -41.02 -22.37
N SER D 218 -8.93 -41.03 -22.00
CA SER D 218 -10.03 -40.95 -22.95
C SER D 218 -10.56 -39.52 -22.94
N TRP D 219 -10.14 -38.73 -23.92
CA TRP D 219 -10.58 -37.35 -24.05
C TRP D 219 -10.41 -36.92 -25.50
N ARG D 220 -11.34 -36.07 -25.97
CA ARG D 220 -11.31 -35.58 -27.33
C ARG D 220 -10.08 -34.69 -27.55
N LEU D 221 -9.90 -34.26 -28.80
CA LEU D 221 -8.81 -33.34 -29.12
C LEU D 221 -8.98 -32.05 -28.36
N THR D 222 -7.85 -31.48 -27.92
CA THR D 222 -7.88 -30.30 -27.07
C THR D 222 -8.55 -29.14 -27.78
N SER D 223 -9.48 -28.49 -27.07
CA SER D 223 -10.23 -27.36 -27.62
C SER D 223 -9.59 -26.02 -27.31
N SER D 224 -8.41 -26.02 -26.69
CA SER D 224 -7.65 -24.83 -26.32
C SER D 224 -8.40 -23.92 -25.36
N GLU D 225 -9.48 -24.40 -24.76
CA GLU D 225 -10.25 -23.64 -23.78
C GLU D 225 -10.21 -24.22 -22.39
N MET D 226 -10.02 -25.54 -22.24
CA MET D 226 -9.91 -26.14 -20.93
C MET D 226 -8.58 -25.78 -20.26
N LYS D 227 -7.55 -25.49 -21.06
CA LYS D 227 -6.26 -25.13 -20.50
C LYS D 227 -6.36 -23.86 -19.66
N LYS D 228 -7.09 -22.87 -20.15
CA LYS D 228 -7.37 -21.65 -19.41
C LYS D 228 -8.58 -21.75 -18.50
N SER D 229 -9.31 -22.87 -18.55
CA SER D 229 -10.53 -22.99 -17.75
C SER D 229 -10.22 -23.02 -16.27
N HIS D 230 -9.18 -23.75 -15.86
CA HIS D 230 -8.88 -23.90 -14.44
C HIS D 230 -8.26 -22.63 -13.86
N GLU D 231 -7.83 -21.69 -14.69
CA GLU D 231 -7.34 -20.41 -14.21
C GLU D 231 -8.52 -19.50 -13.91
N PHE D 232 -8.51 -18.88 -12.74
CA PHE D 232 -9.60 -18.00 -12.31
C PHE D 232 -9.03 -16.63 -12.00
N HIS D 233 -9.09 -15.73 -12.97
CA HIS D 233 -8.74 -14.33 -12.74
C HIS D 233 -9.83 -13.72 -11.88
N ALA D 234 -9.63 -13.72 -10.57
CA ALA D 234 -10.66 -13.34 -9.63
C ALA D 234 -10.10 -12.34 -8.63
N ILE D 235 -10.98 -11.53 -8.08
CA ILE D 235 -10.64 -10.60 -7.02
C ILE D 235 -11.05 -11.25 -5.71
N ASN D 236 -10.05 -11.56 -4.85
CA ASN D 236 -10.27 -12.28 -3.60
C ASN D 236 -10.84 -13.67 -3.83
N GLY D 237 -10.51 -14.29 -4.95
CA GLY D 237 -11.00 -15.62 -5.27
C GLY D 237 -12.48 -15.73 -5.53
N MET D 238 -13.08 -14.73 -6.19
CA MET D 238 -14.47 -14.80 -6.64
C MET D 238 -14.57 -14.10 -7.98
N ILE D 239 -14.91 -14.85 -9.04
CA ILE D 239 -14.94 -14.29 -10.39
C ILE D 239 -16.27 -13.58 -10.62
N TYR D 240 -16.24 -12.57 -11.50
CA TYR D 240 -17.42 -11.97 -12.11
C TYR D 240 -18.33 -11.25 -11.12
N SER D 241 -18.06 -11.42 -9.83
CA SER D 241 -18.76 -10.69 -8.78
C SER D 241 -18.11 -11.03 -7.45
N LEU D 242 -18.01 -10.04 -6.58
CA LEU D 242 -17.44 -10.22 -5.26
C LEU D 242 -18.25 -9.40 -4.26
N PRO D 243 -18.90 -10.05 -3.29
CA PRO D 243 -19.75 -9.31 -2.36
C PRO D 243 -18.94 -8.47 -1.40
N GLY D 244 -19.62 -7.53 -0.75
CA GLY D 244 -19.07 -6.76 0.33
C GLY D 244 -18.52 -5.41 -0.06
N LEU D 245 -18.18 -5.20 -1.33
CA LEU D 245 -17.57 -3.95 -1.78
C LEU D 245 -18.66 -2.87 -1.83
N LYS D 246 -18.91 -2.28 -0.67
CA LYS D 246 -19.94 -1.25 -0.52
C LYS D 246 -19.34 -0.05 0.19
N MET D 247 -19.27 1.08 -0.50
CA MET D 247 -18.69 2.29 0.04
C MET D 247 -19.63 3.46 -0.21
N TYR D 248 -19.58 4.44 0.68
CA TYR D 248 -20.45 5.60 0.57
C TYR D 248 -19.97 6.50 -0.57
N GLU D 249 -20.69 7.60 -0.77
CA GLU D 249 -20.33 8.57 -1.80
C GLU D 249 -19.43 9.66 -1.21
N GLN D 250 -18.46 10.10 -2.01
CA GLN D 250 -17.51 11.14 -1.60
C GLN D 250 -16.75 10.74 -0.34
N GLU D 251 -16.57 9.44 -0.14
CA GLU D 251 -15.90 8.91 1.03
C GLU D 251 -14.54 8.36 0.64
N TRP D 252 -13.60 8.44 1.57
CA TRP D 252 -12.24 7.97 1.33
C TRP D 252 -12.13 6.49 1.67
N VAL D 253 -11.65 5.72 0.71
CA VAL D 253 -11.52 4.27 0.86
C VAL D 253 -10.04 3.91 0.77
N ARG D 254 -9.53 3.26 1.81
CA ARG D 254 -8.13 2.87 1.88
C ARG D 254 -8.01 1.49 1.26
N LEU D 255 -7.61 1.44 -0.01
CA LEU D 255 -7.54 0.21 -0.75
C LEU D 255 -6.17 -0.42 -0.56
N HIS D 256 -6.13 -1.61 0.03
CA HIS D 256 -4.90 -2.37 0.16
C HIS D 256 -4.86 -3.36 -1.00
N LEU D 257 -4.27 -2.92 -2.10
CA LEU D 257 -4.26 -3.72 -3.33
C LEU D 257 -3.14 -4.76 -3.25
N LEU D 258 -3.40 -5.80 -2.48
CA LEU D 258 -2.43 -6.89 -2.38
C LEU D 258 -2.32 -7.61 -3.71
N ASN D 259 -1.20 -8.30 -3.89
CA ASN D 259 -1.01 -9.16 -5.06
C ASN D 259 0.16 -10.08 -4.80
N ILE D 260 -0.08 -11.39 -4.84
CA ILE D 260 0.99 -12.36 -4.77
C ILE D 260 0.95 -13.17 -6.07
N GLY D 261 0.52 -12.53 -7.15
CA GLY D 261 0.42 -13.19 -8.41
C GLY D 261 1.77 -13.52 -9.01
N GLY D 262 1.74 -14.36 -10.04
CA GLY D 262 2.96 -14.84 -10.65
C GLY D 262 3.65 -13.82 -11.52
N SER D 263 4.51 -14.28 -12.41
CA SER D 263 5.30 -13.41 -13.26
C SER D 263 4.47 -12.73 -14.35
N GLN D 264 3.23 -13.17 -14.56
CA GLN D 264 2.37 -12.62 -15.61
C GLN D 264 1.03 -12.15 -15.06
N ASP D 265 0.94 -11.90 -13.75
CA ASP D 265 -0.29 -11.40 -13.16
C ASP D 265 -0.27 -9.86 -13.10
N ILE D 266 0.03 -9.26 -14.25
CA ILE D 266 0.01 -7.82 -14.39
C ILE D 266 -1.45 -7.38 -14.32
N HIS D 267 -1.78 -6.57 -13.30
CA HIS D 267 -3.15 -6.16 -13.07
C HIS D 267 -3.19 -4.65 -12.91
N VAL D 268 -3.95 -3.98 -13.78
CA VAL D 268 -4.07 -2.54 -13.76
C VAL D 268 -5.38 -2.23 -13.05
N VAL D 269 -5.32 -2.11 -11.72
CA VAL D 269 -6.53 -1.85 -10.94
C VAL D 269 -7.19 -0.59 -11.45
N HIS D 270 -8.43 -0.71 -11.88
CA HIS D 270 -9.19 0.41 -12.44
C HIS D 270 -10.57 0.41 -11.81
N PHE D 271 -10.99 1.57 -11.33
CA PHE D 271 -12.35 1.76 -10.84
C PHE D 271 -13.11 2.60 -11.84
N HIS D 272 -14.24 2.10 -12.31
CA HIS D 272 -15.04 2.83 -13.28
C HIS D 272 -15.73 3.99 -12.58
N GLY D 273 -15.45 5.21 -13.04
CA GLY D 273 -16.00 6.40 -12.43
C GLY D 273 -15.27 6.90 -11.21
N GLN D 274 -14.06 6.42 -10.95
CA GLN D 274 -13.30 6.79 -9.77
C GLN D 274 -11.87 7.12 -10.15
N THR D 275 -11.22 7.92 -9.30
CA THR D 275 -9.82 8.29 -9.44
C THR D 275 -9.07 7.94 -8.17
N LEU D 276 -7.87 7.40 -8.33
CA LEU D 276 -7.09 6.87 -7.21
C LEU D 276 -6.01 7.86 -6.80
N LEU D 277 -5.89 8.08 -5.49
CA LEU D 277 -4.90 9.00 -4.95
C LEU D 277 -3.85 8.20 -4.18
N GLU D 278 -2.62 8.19 -4.67
CA GLU D 278 -1.51 7.55 -3.98
C GLU D 278 -1.04 8.47 -2.87
N ASN D 279 -1.54 8.26 -1.66
CA ASN D 279 -1.16 9.10 -0.55
C ASN D 279 0.29 8.85 -0.16
N GLY D 280 0.89 9.85 0.48
CA GLY D 280 2.28 9.76 0.87
C GLY D 280 2.85 11.16 1.06
N ASN D 281 4.18 11.24 1.00
CA ASN D 281 4.83 12.54 1.03
C ASN D 281 4.48 13.36 -0.20
N LYS D 282 4.41 12.71 -1.36
CA LYS D 282 3.93 13.33 -2.59
C LYS D 282 2.64 12.63 -3.00
N GLN D 283 1.52 13.33 -2.87
CA GLN D 283 0.22 12.77 -3.21
C GLN D 283 0.00 12.88 -4.71
N HIS D 284 -0.22 11.74 -5.36
CA HIS D 284 -0.42 11.67 -6.80
C HIS D 284 -1.86 11.30 -7.10
N GLN D 285 -2.40 11.87 -8.17
CA GLN D 285 -3.76 11.57 -8.61
C GLN D 285 -3.68 10.62 -9.79
N LEU D 286 -4.42 9.53 -9.70
CA LEU D 286 -4.43 8.50 -10.74
C LEU D 286 -5.87 8.10 -11.03
N GLY D 287 -6.10 7.61 -12.23
CA GLY D 287 -7.38 7.00 -12.55
C GLY D 287 -7.29 5.49 -12.38
N VAL D 288 -6.20 4.92 -12.89
CA VAL D 288 -5.90 3.51 -12.74
C VAL D 288 -4.57 3.39 -12.01
N TRP D 289 -4.47 2.41 -11.13
CA TRP D 289 -3.21 2.14 -10.45
C TRP D 289 -2.58 0.90 -11.06
N PRO D 290 -1.51 1.02 -11.83
CA PRO D 290 -0.90 -0.17 -12.40
C PRO D 290 -0.24 -1.00 -11.33
N LEU D 291 -0.92 -2.06 -10.92
CA LEU D 291 -0.43 -2.91 -9.85
C LEU D 291 0.52 -3.96 -10.42
N LEU D 292 1.44 -4.40 -9.59
CA LEU D 292 2.48 -5.31 -10.04
C LEU D 292 2.54 -6.52 -9.12
N PRO D 293 3.03 -7.64 -9.64
CA PRO D 293 3.15 -8.84 -8.79
C PRO D 293 4.03 -8.59 -7.58
N GLY D 294 3.57 -9.09 -6.44
CA GLY D 294 4.27 -8.92 -5.19
C GLY D 294 4.03 -7.59 -4.49
N SER D 295 3.20 -6.72 -5.06
CA SER D 295 2.97 -5.41 -4.47
C SER D 295 1.90 -5.46 -3.40
N PHE D 296 1.99 -4.54 -2.45
CA PHE D 296 0.92 -4.27 -1.49
C PHE D 296 0.83 -2.75 -1.38
N LYS D 297 0.02 -2.14 -2.23
CA LYS D 297 -0.08 -0.69 -2.30
C LYS D 297 -1.34 -0.22 -1.59
N THR D 298 -1.20 0.78 -0.74
CA THR D 298 -2.29 1.31 0.07
C THR D 298 -2.69 2.68 -0.47
N LEU D 299 -3.65 2.68 -1.39
CA LEU D 299 -4.11 3.90 -2.03
C LEU D 299 -5.25 4.50 -1.23
N GLU D 300 -5.85 5.56 -1.76
CA GLU D 300 -7.01 6.20 -1.13
C GLU D 300 -7.82 6.83 -2.25
N MET D 301 -8.92 6.19 -2.64
CA MET D 301 -9.78 6.74 -3.67
C MET D 301 -10.96 7.47 -3.04
N LYS D 302 -11.47 8.46 -3.76
CA LYS D 302 -12.62 9.24 -3.31
C LYS D 302 -13.81 8.86 -4.18
N ALA D 303 -14.88 8.40 -3.55
CA ALA D 303 -16.06 7.98 -4.29
C ALA D 303 -16.65 9.15 -5.06
N SER D 304 -17.05 8.90 -6.29
CA SER D 304 -17.59 9.94 -7.16
C SER D 304 -19.12 9.98 -7.12
N LYS D 305 -19.78 8.91 -7.61
CA LYS D 305 -21.22 8.95 -7.73
C LYS D 305 -21.82 7.59 -7.45
N PRO D 306 -22.94 7.52 -6.74
CA PRO D 306 -23.52 6.22 -6.39
C PRO D 306 -23.99 5.48 -7.62
N GLY D 307 -23.92 4.16 -7.54
CA GLY D 307 -24.31 3.29 -8.64
C GLY D 307 -23.50 2.01 -8.58
N TRP D 308 -23.80 1.13 -9.55
CA TRP D 308 -23.11 -0.15 -9.66
C TRP D 308 -21.97 0.03 -10.65
N TRP D 309 -20.82 0.43 -10.14
CA TRP D 309 -19.64 0.61 -10.97
C TRP D 309 -18.92 -0.72 -11.08
N LEU D 310 -17.77 -0.73 -11.74
CA LEU D 310 -17.09 -1.98 -12.10
C LEU D 310 -15.62 -1.90 -11.72
N LEU D 311 -15.26 -2.57 -10.62
CA LEU D 311 -13.86 -2.77 -10.29
C LEU D 311 -13.28 -3.78 -11.26
N ASN D 312 -12.15 -3.45 -11.86
CA ASN D 312 -11.61 -4.36 -12.87
C ASN D 312 -10.20 -3.94 -13.25
N THR D 313 -9.37 -4.95 -13.48
CA THR D 313 -8.15 -4.71 -14.23
C THR D 313 -8.52 -4.31 -15.66
N GLU D 314 -7.69 -3.45 -16.24
CA GLU D 314 -7.98 -2.98 -17.59
C GLU D 314 -7.30 -3.81 -18.65
N VAL D 315 -6.62 -4.89 -18.27
CA VAL D 315 -6.17 -5.86 -19.27
C VAL D 315 -7.40 -6.49 -19.90
N GLY D 316 -7.44 -6.50 -21.23
CA GLY D 316 -8.64 -6.93 -21.93
C GLY D 316 -9.02 -8.37 -21.63
N GLU D 317 -8.03 -9.27 -21.63
CA GLU D 317 -8.32 -10.68 -21.41
C GLU D 317 -8.96 -10.91 -20.04
N ASN D 318 -8.43 -10.28 -19.00
CA ASN D 318 -8.94 -10.45 -17.66
C ASN D 318 -10.24 -9.71 -17.41
N GLN D 319 -10.85 -9.14 -18.45
CA GLN D 319 -12.18 -8.56 -18.32
C GLN D 319 -13.27 -9.63 -18.55
N ARG D 320 -13.26 -10.24 -19.74
CA ARG D 320 -14.22 -11.31 -19.99
C ARG D 320 -13.82 -12.62 -19.34
N ALA D 321 -12.58 -12.72 -18.85
CA ALA D 321 -12.20 -13.88 -18.05
C ALA D 321 -12.95 -13.92 -16.73
N GLY D 322 -13.12 -12.77 -16.07
CA GLY D 322 -13.89 -12.72 -14.86
C GLY D 322 -13.40 -11.78 -13.77
N MET D 323 -12.24 -11.15 -13.96
CA MET D 323 -11.68 -10.25 -12.95
C MET D 323 -12.32 -8.86 -13.08
N GLN D 324 -13.64 -8.84 -12.95
CA GLN D 324 -14.38 -7.58 -12.99
C GLN D 324 -15.60 -7.74 -12.10
N THR D 325 -15.45 -7.34 -10.84
CA THR D 325 -16.52 -7.49 -9.88
C THR D 325 -17.23 -6.16 -9.70
N PRO D 326 -18.51 -6.06 -10.01
CA PRO D 326 -19.21 -4.80 -9.80
C PRO D 326 -19.22 -4.37 -8.34
N PHE D 327 -18.43 -3.36 -8.01
CA PHE D 327 -18.48 -2.80 -6.67
C PHE D 327 -19.57 -1.76 -6.60
N LEU D 328 -20.13 -1.61 -5.41
CA LEU D 328 -21.33 -0.84 -5.20
C LEU D 328 -21.00 0.42 -4.43
N ILE D 329 -21.02 1.56 -5.10
CA ILE D 329 -20.86 2.85 -4.45
C ILE D 329 -22.25 3.36 -4.09
N MET D 330 -22.43 3.74 -2.84
CA MET D 330 -23.74 4.13 -2.34
C MET D 330 -23.81 5.63 -2.18
N ASP D 331 -25.05 6.13 -2.10
CA ASP D 331 -25.28 7.56 -1.98
C ASP D 331 -24.75 8.07 -0.65
N ARG D 332 -24.33 9.33 -0.65
CA ARG D 332 -23.71 9.92 0.53
C ARG D 332 -24.65 9.90 1.72
N ASP D 333 -25.91 10.27 1.49
CA ASP D 333 -26.94 10.14 2.52
C ASP D 333 -27.74 8.86 2.31
N CYS D 334 -27.05 7.73 2.44
CA CYS D 334 -27.76 6.45 2.45
C CYS D 334 -28.22 6.17 3.86
N ARG D 335 -28.92 7.15 4.45
CA ARG D 335 -29.54 7.02 5.76
C ARG D 335 -31.06 6.94 5.63
N MET D 336 -31.56 6.74 4.42
CA MET D 336 -32.98 6.83 4.16
C MET D 336 -33.75 5.77 4.94
N PRO D 337 -34.79 6.14 5.69
CA PRO D 337 -35.61 5.13 6.34
C PRO D 337 -36.26 4.21 5.31
N MET D 338 -36.34 2.93 5.65
CA MET D 338 -36.83 1.93 4.72
C MET D 338 -38.34 1.71 4.81
N GLY D 339 -39.05 2.51 5.60
CA GLY D 339 -40.49 2.58 5.53
C GLY D 339 -41.24 2.09 6.74
N LEU D 340 -40.57 1.58 7.77
CA LEU D 340 -41.31 1.13 8.96
C LEU D 340 -41.91 2.33 9.70
N SER D 341 -41.18 3.44 9.78
CA SER D 341 -41.70 4.62 10.44
C SER D 341 -42.73 5.37 9.60
N THR D 342 -42.75 5.15 8.29
CA THR D 342 -43.66 5.84 7.39
C THR D 342 -44.89 4.98 7.08
N GLY D 343 -44.66 3.78 6.55
CA GLY D 343 -45.76 2.94 6.13
C GLY D 343 -45.51 2.26 4.80
N ILE D 344 -44.30 2.43 4.27
CA ILE D 344 -43.94 1.74 3.03
C ILE D 344 -44.03 0.23 3.20
N ILE D 345 -43.58 -0.26 4.35
CA ILE D 345 -43.72 -1.67 4.69
C ILE D 345 -44.99 -1.83 5.51
N SER D 346 -45.95 -2.58 4.98
CA SER D 346 -47.22 -2.79 5.66
C SER D 346 -47.09 -3.91 6.68
N ASP D 347 -48.16 -4.09 7.47
CA ASP D 347 -48.17 -5.09 8.52
C ASP D 347 -48.06 -6.51 7.97
N SER D 348 -48.41 -6.72 6.70
CA SER D 348 -48.33 -8.04 6.08
C SER D 348 -46.91 -8.45 5.74
N GLN D 349 -45.95 -7.54 5.87
CA GLN D 349 -44.55 -7.84 5.58
C GLN D 349 -43.73 -8.11 6.82
N ILE D 350 -44.36 -8.17 8.00
CA ILE D 350 -43.67 -8.32 9.27
C ILE D 350 -44.10 -9.64 9.89
N LYS D 351 -43.13 -10.47 10.24
CA LYS D 351 -43.36 -11.73 10.94
C LYS D 351 -42.58 -11.72 12.25
N ALA D 352 -42.58 -12.87 12.92
CA ALA D 352 -41.81 -13.04 14.14
C ALA D 352 -41.70 -14.51 14.48
N SER D 353 -40.73 -14.84 15.32
CA SER D 353 -40.70 -16.16 15.94
C SER D 353 -41.82 -16.30 16.96
N GLU D 354 -42.00 -15.30 17.80
CA GLU D 354 -43.02 -15.31 18.84
C GLU D 354 -43.53 -13.89 19.03
N PHE D 355 -44.50 -13.75 19.95
CA PHE D 355 -44.98 -12.44 20.39
C PHE D 355 -45.76 -12.63 21.67
N LEU D 356 -45.95 -11.54 22.40
CA LEU D 356 -46.71 -11.53 23.64
C LEU D 356 -48.00 -10.75 23.42
N GLY D 357 -49.13 -11.44 23.53
CA GLY D 357 -50.42 -10.76 23.49
C GLY D 357 -50.61 -9.99 22.20
N TYR D 358 -50.99 -8.72 22.34
CA TYR D 358 -51.26 -7.86 21.20
C TYR D 358 -50.01 -7.21 20.63
N TRP D 359 -48.83 -7.55 21.14
CA TRP D 359 -47.57 -6.99 20.64
C TRP D 359 -47.15 -7.78 19.40
N GLU D 360 -47.96 -7.66 18.36
CA GLU D 360 -47.67 -8.32 17.09
C GLU D 360 -46.51 -7.63 16.38
N PRO D 361 -45.90 -8.32 15.40
CA PRO D 361 -44.87 -7.65 14.58
C PRO D 361 -45.38 -6.43 13.83
N ARG D 362 -46.71 -6.30 13.66
CA ARG D 362 -47.25 -5.13 13.00
C ARG D 362 -46.96 -3.84 13.77
N LEU D 363 -46.55 -3.95 15.03
CA LEU D 363 -46.24 -2.79 15.85
C LEU D 363 -44.78 -2.38 15.78
N ALA D 364 -44.03 -2.91 14.82
CA ALA D 364 -42.63 -2.52 14.64
C ALA D 364 -42.48 -1.11 14.08
N ARG D 365 -43.56 -0.35 14.01
CA ARG D 365 -43.49 1.02 13.53
C ARG D 365 -42.64 1.86 14.49
N LEU D 366 -41.65 2.54 13.92
CA LEU D 366 -40.80 3.41 14.74
C LEU D 366 -41.61 4.55 15.31
N ASN D 367 -41.38 4.85 16.59
CA ASN D 367 -42.08 5.91 17.31
C ASN D 367 -43.59 5.69 17.32
N ASN D 368 -44.03 4.43 17.29
CA ASN D 368 -45.45 4.14 17.31
C ASN D 368 -46.04 4.44 18.68
N GLY D 369 -47.33 4.79 18.68
CA GLY D 369 -48.04 5.13 19.90
C GLY D 369 -49.18 4.17 20.19
N GLY D 370 -49.92 4.51 21.24
CA GLY D 370 -51.03 3.69 21.69
C GLY D 370 -50.61 2.73 22.80
N SER D 371 -51.61 1.96 23.26
CA SER D 371 -51.35 0.99 24.32
C SER D 371 -50.36 -0.07 23.87
N TYR D 372 -50.52 -0.58 22.65
CA TYR D 372 -49.63 -1.57 22.06
C TYR D 372 -48.97 -0.95 20.85
N ASN D 373 -47.65 -0.74 20.92
CA ASN D 373 -46.95 -0.01 19.88
C ASN D 373 -45.59 -0.60 19.54
N ALA D 374 -45.31 -1.84 19.94
CA ALA D 374 -44.01 -2.45 19.70
C ALA D 374 -44.17 -3.94 19.59
N TRP D 375 -43.09 -4.60 19.17
CA TRP D 375 -43.04 -6.06 19.12
C TRP D 375 -42.39 -6.57 20.41
N SER D 376 -43.18 -7.17 21.28
CA SER D 376 -42.71 -7.57 22.60
C SER D 376 -42.95 -9.06 22.82
N VAL D 377 -42.04 -9.67 23.58
CA VAL D 377 -42.11 -11.07 23.96
C VAL D 377 -42.10 -11.13 25.49
N GLU D 378 -42.98 -11.98 26.05
CA GLU D 378 -43.10 -12.06 27.50
C GLU D 378 -41.80 -12.50 28.15
N LYS D 379 -41.22 -13.61 27.68
CA LYS D 379 -39.99 -14.14 28.24
C LYS D 379 -39.00 -14.36 27.10
N LEU D 380 -37.81 -13.76 27.25
CA LEU D 380 -36.78 -13.93 26.23
C LEU D 380 -36.25 -15.36 26.27
N ALA D 381 -36.07 -15.94 25.09
CA ALA D 381 -35.64 -17.33 25.00
C ALA D 381 -34.13 -17.45 25.22
N ALA D 382 -33.64 -16.87 26.31
CA ALA D 382 -32.23 -17.05 26.67
C ALA D 382 -31.95 -18.49 27.08
N GLU D 383 -32.88 -19.11 27.79
CA GLU D 383 -32.72 -20.51 28.17
C GLU D 383 -32.67 -21.40 26.94
N PHE D 384 -33.50 -21.11 25.94
CA PHE D 384 -33.46 -21.85 24.69
C PHE D 384 -32.32 -21.35 23.81
N ALA D 385 -32.00 -22.12 22.77
CA ALA D 385 -30.96 -21.75 21.83
C ALA D 385 -31.45 -20.80 20.75
N SER D 386 -32.77 -20.64 20.60
CA SER D 386 -33.34 -19.78 19.56
C SER D 386 -34.09 -18.64 20.25
N LYS D 387 -33.43 -17.50 20.35
CA LYS D 387 -34.05 -16.32 20.93
C LYS D 387 -35.14 -15.80 19.99
N PRO D 388 -36.16 -15.14 20.52
CA PRO D 388 -37.25 -14.65 19.66
C PRO D 388 -36.73 -13.65 18.65
N TRP D 389 -37.27 -13.71 17.43
CA TRP D 389 -36.88 -12.80 16.37
C TRP D 389 -38.11 -12.16 15.74
N ILE D 390 -37.90 -10.99 15.16
CA ILE D 390 -38.89 -10.28 14.37
C ILE D 390 -38.32 -10.10 12.97
N GLN D 391 -39.14 -10.30 11.95
CA GLN D 391 -38.69 -10.28 10.57
C GLN D 391 -39.49 -9.28 9.75
N VAL D 392 -38.79 -8.60 8.83
CA VAL D 392 -39.41 -7.65 7.90
C VAL D 392 -38.96 -8.00 6.49
N ASP D 393 -39.85 -7.82 5.52
CA ASP D 393 -39.61 -8.17 4.13
C ASP D 393 -39.59 -6.91 3.28
N MET D 394 -38.45 -6.66 2.63
CA MET D 394 -38.29 -5.47 1.79
C MET D 394 -38.79 -5.66 0.37
N GLN D 395 -39.15 -6.89 -0.01
CA GLN D 395 -39.69 -7.23 -1.31
C GLN D 395 -38.70 -6.99 -2.45
N LYS D 396 -37.46 -6.63 -2.14
CA LYS D 396 -36.46 -6.33 -3.15
C LYS D 396 -35.11 -6.20 -2.47
N GLU D 397 -34.05 -6.49 -3.23
CA GLU D 397 -32.69 -6.33 -2.73
C GLU D 397 -32.41 -4.85 -2.51
N VAL D 398 -32.19 -4.46 -1.26
CA VAL D 398 -31.92 -3.07 -0.90
C VAL D 398 -30.64 -3.03 -0.07
N ILE D 399 -30.34 -1.83 0.43
CA ILE D 399 -29.18 -1.60 1.29
C ILE D 399 -29.70 -1.06 2.61
N ILE D 400 -29.20 -1.59 3.72
CA ILE D 400 -29.54 -1.10 5.05
C ILE D 400 -28.24 -0.73 5.74
N THR D 401 -28.01 0.57 5.92
CA THR D 401 -26.77 1.08 6.49
C THR D 401 -26.83 1.28 7.99
N GLY D 402 -27.97 1.03 8.61
CA GLY D 402 -28.10 1.30 10.02
C GLY D 402 -29.37 0.71 10.58
N ILE D 403 -29.73 1.16 11.77
CA ILE D 403 -30.93 0.68 12.44
C ILE D 403 -31.24 1.64 13.57
N GLN D 404 -32.52 1.70 13.92
CA GLN D 404 -32.97 2.42 15.09
C GLN D 404 -33.69 1.43 16.00
N THR D 405 -33.71 1.74 17.29
CA THR D 405 -34.28 0.81 18.27
C THR D 405 -34.91 1.59 19.41
N GLN D 406 -36.02 1.08 19.93
CA GLN D 406 -36.75 1.74 21.00
C GLN D 406 -37.38 0.66 21.88
N GLY D 407 -38.34 1.07 22.70
CA GLY D 407 -39.09 0.15 23.52
C GLY D 407 -40.45 0.75 23.85
N ALA D 408 -41.04 0.21 24.92
CA ALA D 408 -42.33 0.71 25.38
C ALA D 408 -42.55 0.25 26.81
N LYS D 409 -43.64 0.72 27.41
CA LYS D 409 -43.96 0.43 28.79
C LYS D 409 -45.44 0.12 28.92
N HIS D 410 -45.77 -0.64 29.97
CA HIS D 410 -47.17 -0.86 30.36
C HIS D 410 -47.62 0.19 31.38
N TYR D 411 -47.36 1.45 31.04
CA TYR D 411 -47.76 2.64 31.79
C TYR D 411 -46.98 2.80 33.08
N LEU D 412 -46.24 1.77 33.50
CA LEU D 412 -45.35 1.89 34.65
C LEU D 412 -44.00 1.22 34.49
N LYS D 413 -43.86 0.20 33.64
CA LYS D 413 -42.66 -0.63 33.58
C LYS D 413 -41.95 -0.36 32.27
N SER D 414 -40.86 0.41 32.33
CA SER D 414 -40.04 0.69 31.16
C SER D 414 -39.37 -0.61 30.72
N CYS D 415 -39.86 -1.19 29.63
CA CYS D 415 -39.34 -2.44 29.09
C CYS D 415 -38.65 -2.17 27.76
N TYR D 416 -37.43 -2.67 27.61
CA TYR D 416 -36.63 -2.38 26.43
C TYR D 416 -35.50 -3.39 26.33
N THR D 417 -35.17 -3.76 25.11
CA THR D 417 -34.09 -4.72 24.88
C THR D 417 -32.77 -3.98 24.98
N THR D 418 -32.12 -4.08 26.14
CA THR D 418 -30.82 -3.47 26.34
C THR D 418 -29.73 -4.07 25.46
N GLU D 419 -30.08 -5.05 24.63
CA GLU D 419 -29.16 -5.63 23.66
C GLU D 419 -29.99 -6.33 22.60
N PHE D 420 -29.36 -6.56 21.45
CA PHE D 420 -29.96 -7.37 20.40
C PHE D 420 -28.89 -7.62 19.34
N TYR D 421 -29.27 -8.38 18.31
CA TYR D 421 -28.43 -8.59 17.15
C TYR D 421 -29.32 -8.82 15.94
N VAL D 422 -28.73 -8.68 14.76
CA VAL D 422 -29.48 -8.65 13.51
C VAL D 422 -29.01 -9.79 12.62
N ALA D 423 -29.97 -10.54 12.07
CA ALA D 423 -29.70 -11.56 11.07
C ALA D 423 -30.41 -11.17 9.79
N TYR D 424 -29.68 -11.26 8.67
CA TYR D 424 -30.21 -10.84 7.38
C TYR D 424 -30.20 -12.00 6.40
N SER D 425 -31.18 -12.00 5.50
CA SER D 425 -31.23 -12.97 4.42
C SER D 425 -31.94 -12.36 3.23
N SER D 426 -31.69 -12.93 2.06
CA SER D 426 -32.35 -12.50 0.83
C SER D 426 -33.46 -13.44 0.41
N ASN D 427 -33.24 -14.75 0.48
CA ASN D 427 -34.23 -15.75 0.11
C ASN D 427 -34.94 -16.36 1.31
N GLN D 428 -34.71 -15.81 2.50
CA GLN D 428 -35.39 -16.23 3.73
C GLN D 428 -35.08 -17.68 4.09
N ILE D 429 -34.10 -18.28 3.42
CA ILE D 429 -33.64 -19.64 3.71
C ILE D 429 -32.19 -19.64 4.17
N ASN D 430 -31.29 -19.13 3.34
CA ASN D 430 -29.88 -18.98 3.71
C ASN D 430 -29.75 -17.75 4.60
N TRP D 431 -29.62 -17.96 5.89
CA TRP D 431 -29.55 -16.88 6.86
C TRP D 431 -28.11 -16.61 7.28
N GLN D 432 -27.80 -15.33 7.46
CA GLN D 432 -26.53 -14.90 8.01
C GLN D 432 -26.77 -13.86 9.10
N ILE D 433 -26.01 -13.95 10.17
CA ILE D 433 -26.17 -13.06 11.32
C ILE D 433 -25.10 -11.98 11.26
N PHE D 434 -25.51 -10.73 11.44
CA PHE D 434 -24.59 -9.62 11.35
C PHE D 434 -23.55 -9.68 12.47
N LYS D 435 -22.29 -9.48 12.11
CA LYS D 435 -21.20 -9.49 13.07
C LYS D 435 -20.45 -8.16 13.15
N GLY D 436 -20.39 -7.40 12.06
CA GLY D 436 -19.75 -6.10 12.11
C GLY D 436 -18.29 -6.21 12.48
N ASN D 437 -17.91 -5.52 13.55
CA ASN D 437 -16.53 -5.52 14.04
C ASN D 437 -16.42 -6.03 15.47
N SER D 438 -17.43 -6.76 15.93
CA SER D 438 -17.45 -7.17 17.32
C SER D 438 -16.40 -8.24 17.60
N THR D 439 -15.99 -8.32 18.86
CA THR D 439 -15.00 -9.32 19.26
C THR D 439 -15.58 -10.73 19.20
N ARG D 440 -16.86 -10.87 19.52
CA ARG D 440 -17.50 -12.18 19.62
C ARG D 440 -17.85 -12.69 18.22
N ASN D 441 -18.62 -13.77 18.16
CA ASN D 441 -19.06 -14.29 16.87
C ASN D 441 -20.06 -13.36 16.20
N VAL D 442 -20.85 -12.64 16.99
CA VAL D 442 -21.95 -11.82 16.51
C VAL D 442 -21.88 -10.49 17.23
N MET D 443 -22.19 -9.40 16.52
CA MET D 443 -22.23 -8.09 17.16
C MET D 443 -23.54 -7.96 17.92
N TYR D 444 -23.51 -8.25 19.21
CA TYR D 444 -24.67 -8.07 20.05
C TYR D 444 -24.82 -6.57 20.29
N PHE D 445 -25.61 -5.93 19.43
CA PHE D 445 -25.71 -4.47 19.41
C PHE D 445 -26.11 -3.93 20.78
N ASN D 446 -25.51 -2.80 21.14
CA ASN D 446 -25.93 -2.12 22.35
C ASN D 446 -27.38 -1.67 22.22
N GLY D 447 -28.16 -1.93 23.26
CA GLY D 447 -29.55 -1.57 23.29
C GLY D 447 -29.77 -0.17 23.82
N ASN D 448 -30.94 0.05 24.38
CA ASN D 448 -31.36 1.36 24.85
C ASN D 448 -31.39 1.39 26.36
N SER D 449 -30.85 2.47 26.94
CA SER D 449 -30.95 2.66 28.38
C SER D 449 -32.39 2.89 28.81
N ASP D 450 -33.19 3.50 27.94
CA ASP D 450 -34.61 3.70 28.20
C ASP D 450 -35.39 3.33 26.95
N ALA D 451 -36.66 2.95 27.16
CA ALA D 451 -37.46 2.40 26.08
C ALA D 451 -37.67 3.40 24.96
N SER D 452 -37.99 4.65 25.30
CA SER D 452 -38.34 5.63 24.28
C SER D 452 -37.10 6.12 23.53
N THR D 453 -36.01 6.37 24.24
CA THR D 453 -34.84 6.99 23.63
C THR D 453 -34.24 6.09 22.55
N ILE D 454 -33.86 6.71 21.44
CA ILE D 454 -33.32 5.96 20.31
C ILE D 454 -31.89 5.51 20.60
N LYS D 455 -31.45 4.49 19.87
CA LYS D 455 -30.07 4.03 19.91
C LYS D 455 -29.70 3.60 18.50
N GLU D 456 -29.16 4.52 17.72
CA GLU D 456 -28.83 4.25 16.33
C GLU D 456 -27.56 3.42 16.26
N ASN D 457 -27.65 2.25 15.64
CA ASN D 457 -26.50 1.38 15.41
C ASN D 457 -26.29 1.25 13.92
N GLN D 458 -25.09 1.56 13.44
CA GLN D 458 -24.82 1.62 12.02
C GLN D 458 -24.28 0.28 11.55
N PHE D 459 -24.98 -0.34 10.60
CA PHE D 459 -24.51 -1.59 10.01
C PHE D 459 -23.35 -1.29 9.07
N ASP D 460 -22.12 -1.30 9.57
CA ASP D 460 -20.97 -1.09 8.72
C ASP D 460 -20.19 -2.38 8.58
N PRO D 461 -20.01 -2.91 7.38
CA PRO D 461 -20.48 -2.40 6.10
C PRO D 461 -21.99 -2.61 5.95
N PRO D 462 -22.65 -1.91 5.03
CA PRO D 462 -24.11 -2.01 4.94
C PRO D 462 -24.57 -3.39 4.51
N ILE D 463 -25.79 -3.73 4.91
CA ILE D 463 -26.40 -5.02 4.63
C ILE D 463 -27.18 -4.92 3.32
N VAL D 464 -26.85 -5.78 2.37
CA VAL D 464 -27.61 -5.90 1.13
C VAL D 464 -28.48 -7.15 1.22
N ALA D 465 -29.72 -7.00 1.68
CA ALA D 465 -30.60 -8.14 1.85
C ALA D 465 -32.05 -7.66 1.89
N ARG D 466 -32.95 -8.59 1.58
CA ARG D 466 -34.37 -8.29 1.55
C ARG D 466 -35.06 -8.59 2.88
N TYR D 467 -34.61 -9.60 3.61
CA TYR D 467 -35.21 -10.00 4.88
C TYR D 467 -34.26 -9.65 6.00
N ILE D 468 -34.81 -9.12 7.10
CA ILE D 468 -34.03 -8.74 8.27
C ILE D 468 -34.68 -9.37 9.50
N ARG D 469 -33.89 -10.12 10.26
CA ARG D 469 -34.33 -10.71 11.51
C ARG D 469 -33.59 -10.07 12.67
N ILE D 470 -34.33 -9.62 13.67
CA ILE D 470 -33.76 -9.00 14.86
C ILE D 470 -34.10 -9.88 16.06
N SER D 471 -33.06 -10.37 16.73
CA SER D 471 -33.22 -11.29 17.85
C SER D 471 -32.64 -10.68 19.12
N PRO D 472 -33.46 -10.05 19.96
CA PRO D 472 -32.93 -9.48 21.21
C PRO D 472 -32.41 -10.56 22.14
N THR D 473 -31.37 -10.21 22.89
CA THR D 473 -30.75 -11.11 23.86
C THR D 473 -30.89 -10.67 25.30
N ARG D 474 -30.94 -9.36 25.57
CA ARG D 474 -31.12 -8.85 26.92
C ARG D 474 -32.43 -8.06 26.97
N ALA D 475 -32.86 -7.75 28.19
CA ALA D 475 -34.11 -7.03 28.37
C ALA D 475 -34.11 -6.38 29.75
N TYR D 476 -35.09 -5.52 29.97
CA TYR D 476 -35.33 -4.89 31.26
C TYR D 476 -36.78 -5.18 31.64
N ASN D 477 -36.99 -6.35 32.26
CA ASN D 477 -38.27 -6.85 32.74
C ASN D 477 -39.20 -7.28 31.61
N ARG D 478 -38.87 -6.93 30.36
CA ARG D 478 -39.52 -7.47 29.18
C ARG D 478 -38.83 -6.95 27.93
N PRO D 479 -38.65 -7.78 26.90
CA PRO D 479 -38.23 -7.25 25.60
C PRO D 479 -39.34 -6.43 24.96
N THR D 480 -38.96 -5.35 24.29
CA THR D 480 -39.92 -4.46 23.64
C THR D 480 -39.20 -3.71 22.53
N LEU D 481 -39.53 -4.01 21.28
CA LEU D 481 -38.72 -3.59 20.14
C LEU D 481 -39.52 -2.73 19.17
N ARG D 482 -38.98 -1.56 18.86
CA ARG D 482 -39.43 -0.72 17.76
C ARG D 482 -38.22 -0.41 16.90
N LEU D 483 -38.40 -0.43 15.58
CA LEU D 483 -37.24 -0.24 14.71
C LEU D 483 -37.64 0.38 13.40
N GLU D 484 -36.73 1.17 12.83
CA GLU D 484 -36.83 1.66 11.46
C GLU D 484 -35.47 1.43 10.81
N LEU D 485 -35.37 0.41 9.97
CA LEU D 485 -34.14 0.16 9.26
C LEU D 485 -33.88 1.29 8.27
N GLN D 486 -32.60 1.62 8.09
CA GLN D 486 -32.21 2.79 7.31
C GLN D 486 -31.25 2.38 6.21
N GLY D 487 -31.51 2.86 5.00
CA GLY D 487 -30.62 2.59 3.89
C GLY D 487 -31.21 3.09 2.59
N CYS D 488 -30.53 2.77 1.50
CA CYS D 488 -30.93 3.23 0.18
C CYS D 488 -31.06 2.05 -0.78
N GLU D 489 -31.24 2.34 -2.06
CA GLU D 489 -31.38 1.30 -3.07
C GLU D 489 -30.02 0.77 -3.51
N VAL D 490 -30.01 -0.47 -4.00
CA VAL D 490 -28.79 -1.01 -4.57
C VAL D 490 -28.41 -0.24 -5.83
N ASN D 491 -29.40 0.14 -6.62
CA ASN D 491 -29.15 1.01 -7.77
C ASN D 491 -29.02 2.45 -7.26
N GLY D 492 -27.92 3.10 -7.57
CA GLY D 492 -27.65 4.41 -7.03
C GLY D 492 -28.56 5.48 -7.56
N CYS D 493 -28.14 6.74 -7.43
CA CYS D 493 -28.89 7.88 -7.93
C CYS D 493 -30.28 7.94 -7.29
N SER D 494 -30.35 7.58 -6.01
CA SER D 494 -31.60 7.61 -5.26
C SER D 494 -31.54 8.59 -4.09
N THR D 495 -30.55 9.46 -4.05
CA THR D 495 -30.47 10.45 -3.00
C THR D 495 -31.57 11.49 -3.18
N PRO D 496 -32.22 11.92 -2.10
CA PRO D 496 -33.24 12.96 -2.22
C PRO D 496 -32.68 14.20 -2.90
N LEU D 497 -33.46 14.74 -3.85
CA LEU D 497 -33.00 15.92 -4.57
C LEU D 497 -32.90 17.14 -3.68
N GLY D 498 -33.65 17.17 -2.58
CA GLY D 498 -33.53 18.28 -1.65
C GLY D 498 -34.82 18.99 -1.32
N MET D 499 -35.95 18.32 -1.56
CA MET D 499 -37.23 18.90 -1.18
C MET D 499 -37.36 19.07 0.33
N GLU D 500 -36.64 18.27 1.12
CA GLU D 500 -36.77 18.30 2.57
C GLU D 500 -35.62 19.02 3.26
N ASN D 501 -34.38 18.67 2.92
CA ASN D 501 -33.23 19.28 3.59
C ASN D 501 -32.98 20.71 3.15
N GLY D 502 -33.80 21.25 2.25
CA GLY D 502 -33.66 22.62 1.80
C GLY D 502 -32.67 22.84 0.69
N LYS D 503 -32.04 21.76 0.17
CA LYS D 503 -31.07 21.93 -0.91
C LYS D 503 -31.72 22.54 -2.14
N ILE D 504 -32.92 22.07 -2.49
CA ILE D 504 -33.70 22.68 -3.56
C ILE D 504 -34.36 23.93 -3.02
N GLU D 505 -34.10 25.07 -3.66
CA GLU D 505 -34.53 26.35 -3.12
C GLU D 505 -36.05 26.48 -3.16
N ASN D 506 -36.58 27.30 -2.25
CA ASN D 506 -38.02 27.47 -2.13
C ASN D 506 -38.61 28.06 -3.42
N LYS D 507 -37.94 29.06 -4.00
CA LYS D 507 -38.42 29.67 -5.22
C LYS D 507 -38.42 28.72 -6.40
N GLN D 508 -37.67 27.61 -6.31
CA GLN D 508 -37.66 26.64 -7.40
C GLN D 508 -38.99 25.92 -7.56
N ILE D 509 -39.83 25.92 -6.54
CA ILE D 509 -41.12 25.24 -6.56
C ILE D 509 -42.19 26.26 -6.94
N THR D 510 -42.91 25.99 -8.03
CA THR D 510 -43.96 26.87 -8.51
C THR D 510 -45.25 26.07 -8.68
N ALA D 511 -46.37 26.70 -8.35
CA ALA D 511 -47.67 26.03 -8.31
C ALA D 511 -48.55 26.49 -9.46
N SER D 512 -49.41 25.58 -9.92
CA SER D 512 -50.51 25.99 -10.79
C SER D 512 -51.44 26.93 -10.05
N SER D 513 -51.71 26.64 -8.78
CA SER D 513 -52.54 27.49 -7.92
C SER D 513 -52.33 27.01 -6.49
N PHE D 514 -53.01 27.68 -5.56
CA PHE D 514 -53.04 27.27 -4.17
C PHE D 514 -54.19 27.96 -3.47
N LYS D 515 -54.49 27.50 -2.25
CA LYS D 515 -55.63 27.96 -1.50
C LYS D 515 -55.22 28.96 -0.42
N LYS D 516 -56.18 29.35 0.42
CA LYS D 516 -55.96 30.24 1.54
C LYS D 516 -56.50 29.57 2.81
N SER D 517 -55.78 29.75 3.91
CA SER D 517 -56.21 29.18 5.18
C SER D 517 -57.42 29.94 5.72
N TRP D 518 -57.87 29.53 6.91
CA TRP D 518 -58.99 30.20 7.55
C TRP D 518 -58.61 31.55 8.15
N TRP D 519 -57.30 31.82 8.31
CA TRP D 519 -56.83 33.09 8.82
C TRP D 519 -55.98 33.88 7.82
N GLY D 520 -55.45 33.25 6.78
CA GLY D 520 -54.69 33.96 5.78
C GLY D 520 -53.48 33.23 5.23
N ASP D 521 -53.12 32.10 5.83
CA ASP D 521 -51.98 31.33 5.35
C ASP D 521 -52.29 30.69 4.00
N TYR D 522 -51.23 30.46 3.23
CA TYR D 522 -51.34 29.90 1.90
C TYR D 522 -50.55 28.60 1.80
N TRP D 523 -51.05 27.67 0.98
CA TRP D 523 -50.33 26.43 0.69
C TRP D 523 -49.44 26.63 -0.54
N GLU D 524 -48.46 27.51 -0.37
CA GLU D 524 -47.61 27.90 -1.47
C GLU D 524 -46.77 26.71 -1.94
N PRO D 525 -46.36 26.70 -3.21
CA PRO D 525 -45.56 25.57 -3.71
C PRO D 525 -44.27 25.35 -2.95
N PHE D 526 -43.61 26.43 -2.51
CA PHE D 526 -42.36 26.28 -1.78
C PHE D 526 -42.54 25.54 -0.47
N ARG D 527 -43.79 25.43 0.01
CA ARG D 527 -44.09 24.66 1.21
C ARG D 527 -44.46 23.20 0.90
N ALA D 528 -43.92 22.65 -0.20
CA ALA D 528 -44.09 21.24 -0.52
C ALA D 528 -43.00 20.37 0.10
N ARG D 529 -42.39 20.84 1.19
CA ARG D 529 -41.27 20.14 1.79
C ARG D 529 -41.70 18.77 2.32
N LEU D 530 -40.87 17.77 2.08
CA LEU D 530 -41.16 16.43 2.56
C LEU D 530 -41.11 16.38 4.08
N ASN D 531 -42.04 15.65 4.68
CA ASN D 531 -42.10 15.47 6.13
C ASN D 531 -42.20 16.80 6.86
N ALA D 532 -42.65 17.83 6.17
CA ALA D 532 -42.74 19.15 6.77
C ALA D 532 -43.78 19.16 7.88
N GLN D 533 -43.48 19.87 8.97
CA GLN D 533 -44.35 19.94 10.12
C GLN D 533 -44.94 21.33 10.24
N GLY D 534 -46.23 21.39 10.60
CA GLY D 534 -46.91 22.66 10.75
C GLY D 534 -48.34 22.61 10.26
N ARG D 535 -49.12 23.65 10.59
CA ARG D 535 -50.51 23.69 10.14
C ARG D 535 -50.59 23.75 8.62
N VAL D 536 -49.80 24.61 8.01
CA VAL D 536 -49.79 24.78 6.56
C VAL D 536 -48.36 24.50 6.11
N ASN D 537 -48.08 23.26 5.73
CA ASN D 537 -46.77 22.88 5.23
C ASN D 537 -46.90 21.94 4.04
N ALA D 538 -47.95 22.10 3.25
CA ALA D 538 -48.21 21.24 2.10
C ALA D 538 -48.54 22.11 0.90
N TRP D 539 -48.32 21.55 -0.29
CA TRP D 539 -48.66 22.23 -1.54
C TRP D 539 -50.06 21.83 -1.98
N GLN D 540 -50.87 22.83 -2.33
CA GLN D 540 -52.23 22.56 -2.78
C GLN D 540 -52.50 23.27 -4.10
N ALA D 541 -53.76 23.25 -4.52
CA ALA D 541 -54.21 23.98 -5.69
C ALA D 541 -55.53 24.67 -5.37
N LYS D 542 -55.75 25.84 -5.98
CA LYS D 542 -56.97 26.59 -5.72
C LYS D 542 -58.20 25.85 -6.23
N ALA D 543 -58.10 25.25 -7.40
CA ALA D 543 -59.21 24.53 -8.01
C ALA D 543 -58.91 23.04 -8.06
N ASN D 544 -59.91 22.22 -7.73
CA ASN D 544 -59.77 20.77 -7.75
C ASN D 544 -60.16 20.28 -9.14
N ASN D 545 -59.17 20.14 -10.00
CA ASN D 545 -59.39 19.69 -11.37
C ASN D 545 -58.09 19.11 -11.92
N ASN D 546 -58.21 18.46 -13.08
CA ASN D 546 -57.05 17.82 -13.69
C ASN D 546 -56.00 18.83 -14.11
N LYS D 547 -56.39 20.07 -14.34
CA LYS D 547 -55.50 21.11 -14.88
C LYS D 547 -54.46 21.61 -13.89
N GLN D 548 -54.30 21.00 -12.72
CA GLN D 548 -53.33 21.45 -11.75
C GLN D 548 -52.00 20.73 -11.93
N TRP D 549 -50.94 21.36 -11.43
CA TRP D 549 -49.60 20.81 -11.51
C TRP D 549 -48.72 21.49 -10.47
N LEU D 550 -47.63 20.83 -10.12
CA LEU D 550 -46.61 21.39 -9.23
C LEU D 550 -45.29 21.43 -10.00
N GLU D 551 -44.90 22.62 -10.43
CA GLU D 551 -43.68 22.79 -11.20
C GLU D 551 -42.51 23.12 -10.28
N ILE D 552 -41.46 22.32 -10.34
CA ILE D 552 -40.25 22.55 -9.58
C ILE D 552 -39.08 22.53 -10.56
N ASP D 553 -38.28 23.60 -10.55
CA ASP D 553 -37.16 23.70 -11.46
C ASP D 553 -35.88 23.24 -10.76
N LEU D 554 -35.17 22.31 -11.39
CA LEU D 554 -33.96 21.74 -10.83
C LEU D 554 -32.72 22.59 -11.06
N LEU D 555 -32.80 23.59 -11.94
CA LEU D 555 -31.68 24.48 -12.26
C LEU D 555 -30.52 23.72 -12.90
N LYS D 556 -30.69 22.42 -13.07
CA LYS D 556 -29.74 21.54 -13.73
C LYS D 556 -30.45 20.25 -14.10
N ILE D 557 -30.18 19.73 -15.29
CA ILE D 557 -30.85 18.54 -15.76
C ILE D 557 -30.41 17.37 -14.88
N LYS D 558 -31.31 16.89 -14.03
CA LYS D 558 -31.04 15.80 -13.11
C LYS D 558 -31.70 14.52 -13.60
N LYS D 559 -31.11 13.39 -13.21
CA LYS D 559 -31.61 12.07 -13.57
C LYS D 559 -32.41 11.52 -12.40
N ILE D 560 -33.73 11.68 -12.46
CA ILE D 560 -34.60 11.27 -11.36
C ILE D 560 -34.85 9.77 -11.45
N THR D 561 -34.61 9.05 -10.35
CA THR D 561 -34.76 7.61 -10.34
C THR D 561 -36.01 7.14 -9.61
N ALA D 562 -36.64 8.00 -8.80
CA ALA D 562 -37.80 7.59 -8.02
C ALA D 562 -38.53 8.84 -7.55
N ILE D 563 -39.58 8.62 -6.77
CA ILE D 563 -40.34 9.71 -6.18
C ILE D 563 -41.07 9.17 -4.96
N ILE D 564 -41.22 10.01 -3.94
CA ILE D 564 -41.97 9.67 -2.75
C ILE D 564 -42.95 10.79 -2.48
N THR D 565 -44.22 10.45 -2.29
CA THR D 565 -45.26 11.42 -2.02
C THR D 565 -45.79 11.25 -0.60
N GLN D 566 -46.49 12.27 -0.13
CA GLN D 566 -47.07 12.28 1.20
C GLN D 566 -48.40 13.02 1.17
N GLY D 567 -49.07 13.06 2.33
CA GLY D 567 -50.30 13.81 2.47
C GLY D 567 -50.26 14.68 3.70
N CYS D 568 -51.28 15.51 3.84
CA CYS D 568 -51.34 16.49 4.91
C CYS D 568 -52.53 16.22 5.83
N LYS D 569 -52.51 16.88 6.98
CA LYS D 569 -53.57 16.78 7.98
C LYS D 569 -54.24 18.13 8.15
N SER D 570 -55.56 18.16 8.06
CA SER D 570 -56.33 19.37 8.25
C SER D 570 -56.76 19.46 9.71
N LEU D 571 -57.63 20.43 10.04
CA LEU D 571 -58.12 20.55 11.39
C LEU D 571 -59.01 19.37 11.77
N SER D 572 -59.84 18.91 10.83
CA SER D 572 -60.76 17.81 11.12
C SER D 572 -60.85 16.80 9.99
N SER D 573 -59.85 16.73 9.12
CA SER D 573 -59.89 15.80 7.99
C SER D 573 -58.47 15.53 7.52
N GLU D 574 -58.33 14.48 6.72
CA GLU D 574 -57.06 14.10 6.12
C GLU D 574 -57.08 14.48 4.65
N MET D 575 -56.06 15.20 4.20
CA MET D 575 -56.00 15.75 2.85
C MET D 575 -54.83 15.12 2.12
N TYR D 576 -55.09 14.55 0.95
CA TYR D 576 -54.06 13.86 0.18
C TYR D 576 -54.60 13.51 -1.19
N VAL D 577 -53.67 13.29 -2.13
CA VAL D 577 -53.98 12.93 -3.50
C VAL D 577 -54.16 11.42 -3.61
N LYS D 578 -55.14 10.99 -4.40
CA LYS D 578 -55.39 9.56 -4.57
C LYS D 578 -54.73 8.99 -5.81
N SER D 579 -54.54 9.80 -6.86
CA SER D 579 -53.83 9.35 -8.04
C SER D 579 -53.32 10.56 -8.79
N TYR D 580 -52.31 10.35 -9.62
CA TYR D 580 -51.65 11.45 -10.32
C TYR D 580 -50.84 10.87 -11.48
N THR D 581 -50.20 11.76 -12.23
CA THR D 581 -49.14 11.39 -13.14
C THR D 581 -48.14 12.54 -13.20
N ILE D 582 -46.93 12.23 -13.64
CA ILE D 582 -45.85 13.20 -13.63
C ILE D 582 -45.62 13.69 -15.05
N HIS D 583 -45.24 14.96 -15.17
CA HIS D 583 -44.89 15.57 -16.44
C HIS D 583 -43.55 16.28 -16.31
N TYR D 584 -42.83 16.36 -17.42
CA TYR D 584 -41.48 16.90 -17.39
C TYR D 584 -41.13 17.52 -18.73
N SER D 585 -40.11 18.38 -18.71
CA SER D 585 -39.62 19.05 -19.89
C SER D 585 -38.15 19.39 -19.69
N GLU D 586 -37.38 19.34 -20.78
CA GLU D 586 -35.99 19.78 -20.73
C GLU D 586 -35.87 21.29 -20.73
N GLN D 587 -36.93 22.01 -21.11
CA GLN D 587 -36.89 23.47 -21.18
C GLN D 587 -38.00 24.16 -20.40
N GLY D 588 -39.01 23.44 -19.92
CA GLY D 588 -40.02 24.01 -19.06
C GLY D 588 -41.32 24.39 -19.72
N VAL D 589 -41.50 24.07 -21.01
CA VAL D 589 -42.73 24.39 -21.74
C VAL D 589 -43.36 23.13 -22.34
N GLU D 590 -42.55 22.29 -22.99
CA GLU D 590 -43.04 21.12 -23.71
C GLU D 590 -43.22 19.98 -22.71
N TRP D 591 -44.36 20.01 -22.01
CA TRP D 591 -44.65 19.01 -20.99
C TRP D 591 -45.07 17.70 -21.65
N LYS D 592 -44.48 16.60 -21.20
CA LYS D 592 -44.83 15.28 -21.71
C LYS D 592 -45.53 14.46 -20.63
N PRO D 593 -46.61 13.78 -20.97
CA PRO D 593 -47.15 12.77 -20.04
C PRO D 593 -46.17 11.62 -19.89
N TYR D 594 -46.14 11.06 -18.68
CA TYR D 594 -45.23 9.95 -18.41
C TYR D 594 -45.94 8.64 -18.74
N ARG D 595 -45.58 8.05 -19.88
CA ARG D 595 -46.17 6.82 -20.36
C ARG D 595 -45.28 5.64 -20.01
N LEU D 596 -45.79 4.44 -20.27
CA LEU D 596 -44.98 3.24 -20.17
C LEU D 596 -44.14 3.08 -21.44
N LYS D 597 -43.27 2.08 -21.42
CA LYS D 597 -42.41 1.82 -22.58
C LYS D 597 -43.22 1.28 -23.75
N SER D 598 -44.30 0.56 -23.47
CA SER D 598 -45.15 -0.02 -24.51
C SER D 598 -46.57 0.51 -24.49
N SER D 599 -46.81 1.64 -23.81
CA SER D 599 -48.13 2.23 -23.72
C SER D 599 -48.09 3.67 -24.19
N MET D 600 -49.11 4.08 -24.93
CA MET D 600 -49.24 5.46 -25.39
C MET D 600 -50.13 6.30 -24.48
N VAL D 601 -50.60 5.74 -23.37
CA VAL D 601 -51.46 6.43 -22.42
C VAL D 601 -50.65 6.75 -21.18
N ASP D 602 -50.81 7.96 -20.66
CA ASP D 602 -50.03 8.40 -19.51
C ASP D 602 -50.23 7.46 -18.33
N LYS D 603 -49.12 7.14 -17.66
CA LYS D 603 -49.16 6.25 -16.50
C LYS D 603 -49.72 7.05 -15.33
N ILE D 604 -50.99 6.79 -14.98
CA ILE D 604 -51.63 7.46 -13.86
C ILE D 604 -51.12 6.78 -12.59
N PHE D 605 -50.15 7.41 -11.93
CA PHE D 605 -49.58 6.85 -10.72
C PHE D 605 -50.61 6.77 -9.61
N GLU D 606 -50.46 5.78 -8.76
CA GLU D 606 -51.32 5.62 -7.60
C GLU D 606 -50.88 6.61 -6.53
N GLY D 607 -51.76 7.54 -6.17
CA GLY D 607 -51.41 8.59 -5.26
C GLY D 607 -51.26 8.14 -3.82
N ASN D 608 -51.47 9.07 -2.89
CA ASN D 608 -51.27 8.78 -1.48
C ASN D 608 -52.36 7.84 -0.99
N THR D 609 -51.95 6.66 -0.52
CA THR D 609 -52.91 5.76 0.12
C THR D 609 -53.51 6.41 1.36
N ASN D 610 -52.69 7.11 2.13
CA ASN D 610 -53.16 7.90 3.26
C ASN D 610 -52.23 9.09 3.43
N THR D 611 -52.37 9.78 4.56
CA THR D 611 -51.64 11.01 4.82
C THR D 611 -50.14 10.81 4.86
N LYS D 612 -49.65 10.06 5.85
CA LYS D 612 -48.23 9.96 6.12
C LYS D 612 -47.53 8.84 5.34
N GLY D 613 -48.28 7.86 4.86
CA GLY D 613 -47.69 6.74 4.17
C GLY D 613 -46.95 7.16 2.92
N HIS D 614 -45.63 7.02 2.94
CA HIS D 614 -44.79 7.38 1.79
C HIS D 614 -45.14 6.45 0.64
N VAL D 615 -45.82 6.98 -0.37
CA VAL D 615 -46.16 6.22 -1.57
C VAL D 615 -44.98 6.41 -2.53
N LYS D 616 -43.96 5.57 -2.36
CA LYS D 616 -42.82 5.60 -3.25
C LYS D 616 -43.20 5.02 -4.60
N ASN D 617 -42.79 5.70 -5.67
CA ASN D 617 -43.03 5.23 -7.02
C ASN D 617 -41.76 5.42 -7.84
N PHE D 618 -41.53 4.50 -8.76
CA PHE D 618 -40.30 4.46 -9.54
C PHE D 618 -40.55 4.92 -10.97
N PHE D 619 -39.47 5.21 -11.67
CA PHE D 619 -39.52 5.78 -13.02
C PHE D 619 -38.75 4.87 -13.97
N ASN D 620 -39.47 3.99 -14.66
CA ASN D 620 -38.92 3.17 -15.73
C ASN D 620 -39.69 3.48 -17.00
N PRO D 621 -39.16 4.32 -17.91
CA PRO D 621 -37.83 4.95 -17.90
C PRO D 621 -37.75 6.12 -16.93
N PRO D 622 -36.53 6.55 -16.57
CA PRO D 622 -36.39 7.69 -15.65
C PRO D 622 -36.71 9.01 -16.33
N ILE D 623 -36.46 10.11 -15.63
CA ILE D 623 -36.79 11.44 -16.11
C ILE D 623 -35.47 12.20 -16.27
N ILE D 624 -34.95 12.23 -17.49
CA ILE D 624 -33.74 13.02 -17.78
C ILE D 624 -34.22 14.40 -18.21
N SER D 625 -34.47 15.25 -17.21
CA SER D 625 -34.95 16.60 -17.49
C SER D 625 -34.66 17.49 -16.31
N ARG D 626 -34.71 18.79 -16.56
CA ARG D 626 -34.52 19.79 -15.52
C ARG D 626 -35.83 20.26 -14.90
N PHE D 627 -36.93 20.18 -15.65
CA PHE D 627 -38.25 20.61 -15.19
C PHE D 627 -39.13 19.38 -14.98
N ILE D 628 -40.01 19.46 -14.00
CA ILE D 628 -40.90 18.36 -13.68
C ILE D 628 -42.20 18.91 -13.09
N ARG D 629 -43.33 18.38 -13.53
CA ARG D 629 -44.64 18.67 -12.97
C ARG D 629 -45.34 17.37 -12.61
N VAL D 630 -45.90 17.30 -11.42
CA VAL D 630 -46.69 16.15 -10.97
C VAL D 630 -48.15 16.55 -11.13
N ILE D 631 -48.79 16.05 -12.17
CA ILE D 631 -50.17 16.41 -12.49
C ILE D 631 -51.10 15.43 -11.75
N PRO D 632 -51.87 15.90 -10.77
CA PRO D 632 -52.77 14.99 -10.06
C PRO D 632 -53.93 14.54 -10.94
N LYS D 633 -54.46 13.37 -10.62
CA LYS D 633 -55.63 12.83 -11.30
C LYS D 633 -56.80 12.59 -10.36
N THR D 634 -56.55 12.07 -9.16
CA THR D 634 -57.59 11.84 -8.17
C THR D 634 -57.08 12.25 -6.80
N TRP D 635 -57.95 12.84 -6.00
CA TRP D 635 -57.62 13.27 -4.66
C TRP D 635 -58.87 13.18 -3.78
N ASN D 636 -58.66 13.04 -2.48
CA ASN D 636 -59.72 12.74 -1.54
C ASN D 636 -60.10 14.00 -0.76
N GLN D 637 -61.25 14.59 -1.11
CA GLN D 637 -61.90 15.66 -0.36
C GLN D 637 -61.15 16.98 -0.50
N SER D 638 -59.94 16.91 -1.07
CA SER D 638 -59.09 18.07 -1.32
C SER D 638 -57.82 17.53 -1.97
N ILE D 639 -56.94 18.43 -2.38
CA ILE D 639 -55.68 18.09 -3.01
C ILE D 639 -54.53 18.58 -2.15
N ALA D 640 -53.57 17.69 -1.88
CA ALA D 640 -52.35 18.05 -1.17
C ALA D 640 -51.24 17.12 -1.63
N LEU D 641 -50.01 17.65 -1.63
CA LEU D 641 -48.88 16.88 -2.11
C LEU D 641 -47.56 17.45 -1.60
N ARG D 642 -46.83 16.66 -0.81
CA ARG D 642 -45.50 17.01 -0.32
C ARG D 642 -44.57 15.91 -0.81
N LEU D 643 -44.13 16.01 -2.06
CA LEU D 643 -43.41 14.92 -2.69
C LEU D 643 -41.90 15.10 -2.47
N GLU D 644 -41.11 14.25 -3.12
CA GLU D 644 -39.66 14.31 -3.03
C GLU D 644 -39.06 13.48 -4.15
N LEU D 645 -38.02 14.00 -4.81
CA LEU D 645 -37.42 13.34 -5.96
C LEU D 645 -36.09 12.74 -5.56
N PHE D 646 -35.86 11.50 -5.95
CA PHE D 646 -34.69 10.75 -5.54
C PHE D 646 -33.84 10.48 -6.77
N GLY D 647 -32.92 11.40 -7.07
CA GLY D 647 -32.09 11.29 -8.24
C GLY D 647 -30.75 11.97 -8.04
N CYS D 648 -29.95 11.96 -9.11
CA CYS D 648 -28.62 12.56 -9.13
C CYS D 648 -28.47 13.36 -10.42
N ASP D 649 -27.50 14.28 -10.42
CA ASP D 649 -27.31 15.19 -11.53
C ASP D 649 -26.55 14.52 -12.67
N ILE D 650 -26.12 15.31 -13.64
CA ILE D 650 -25.44 14.82 -14.84
C ILE D 650 -24.02 15.37 -14.83
N TYR D 651 -23.04 14.47 -14.93
CA TYR D 651 -21.64 14.88 -14.94
C TYR D 651 -20.84 14.13 -16.00
C1 NAG E . 8.21 19.93 -14.17
C2 NAG E . 7.67 20.55 -12.87
C3 NAG E . 8.55 21.70 -12.41
C4 NAG E . 9.95 21.17 -12.18
C5 NAG E . 10.46 20.57 -13.51
C6 NAG E . 11.78 19.88 -13.35
C7 NAG E . 5.43 20.91 -11.95
C8 NAG E . 4.05 21.44 -12.24
N2 NAG E . 6.31 20.99 -12.97
O3 NAG E . 8.01 22.23 -11.23
O4 NAG E . 10.69 22.19 -11.52
O5 NAG E . 9.57 19.58 -13.97
O6 NAG E . 12.02 18.96 -14.38
O7 NAG E . 5.72 20.45 -10.86
C1 NAG E . 11.52 23.06 -12.30
C2 NAG E . 10.99 24.50 -12.24
C3 NAG E . 12.01 25.51 -12.78
C4 NAG E . 13.39 25.29 -12.17
C5 NAG E . 13.78 23.84 -12.43
C6 NAG E . 15.15 23.46 -11.95
C7 NAG E . 8.80 25.51 -12.78
C8 NAG E . 7.63 25.43 -13.71
N2 NAG E . 9.77 24.61 -13.00
O3 NAG E . 11.51 26.79 -12.50
O4 NAG E . 14.27 26.18 -12.82
O5 NAG E . 12.83 22.99 -11.80
O6 NAG E . 15.18 23.52 -10.53
O7 NAG E . 8.86 26.35 -11.88
C1 BMA E . 14.62 27.31 -11.99
C2 BMA E . 14.67 28.52 -12.90
C3 BMA E . 15.06 29.79 -12.10
C4 BMA E . 14.52 29.85 -10.65
C5 BMA E . 13.58 28.73 -10.23
C6 BMA E . 12.12 29.17 -10.14
O2 BMA E . 13.44 28.65 -13.55
O3 BMA E . 14.68 30.89 -12.90
O4 BMA E . 15.66 29.88 -9.82
O5 BMA E . 13.66 27.51 -10.95
O6 BMA E . 11.42 28.11 -9.50
C1 MAN E . 15.74 31.87 -12.96
C2 MAN E . 17.02 31.19 -13.44
C3 MAN E . 18.21 32.15 -13.42
C4 MAN E . 18.31 32.91 -12.09
C5 MAN E . 16.95 33.44 -11.62
C6 MAN E . 16.49 34.66 -12.40
O2 MAN E . 16.78 30.70 -14.73
O3 MAN E . 18.09 33.01 -14.53
O4 MAN E . 18.86 31.99 -11.16
O5 MAN E . 15.94 32.45 -11.70
O6 MAN E . 15.16 34.97 -12.03
C1 MAN E . 10.76 28.61 -8.31
C2 MAN E . 11.77 28.61 -7.15
C3 MAN E . 12.17 27.18 -6.80
C4 MAN E . 10.95 26.30 -6.57
C5 MAN E . 10.02 26.42 -7.79
C6 MAN E . 8.73 25.65 -7.59
O2 MAN E . 11.15 29.25 -6.07
O3 MAN E . 13.00 27.24 -5.66
O4 MAN E . 11.40 24.99 -6.38
O5 MAN E . 9.69 27.78 -7.99
O6 MAN E . 8.63 24.67 -8.59
C1 FUC E . 12.25 19.58 -15.67
C2 FUC E . 13.55 20.37 -15.72
C3 FUC E . 14.67 19.48 -15.19
C4 FUC E . 14.75 18.21 -16.06
C5 FUC E . 13.37 17.58 -16.16
C6 FUC E . 13.35 16.44 -17.15
O2 FUC E . 13.45 21.60 -15.06
O3 FUC E . 15.86 20.24 -15.15
O4 FUC E . 15.23 18.55 -17.34
O5 FUC E . 12.41 18.54 -16.58
C1 NAG F . -16.84 -0.89 15.67
C2 NAG F . -15.88 -0.16 16.61
C3 NAG F . -16.49 1.11 17.21
C4 NAG F . -17.22 1.95 16.17
C5 NAG F . -18.16 1.03 15.40
C6 NAG F . -19.04 1.71 14.36
C7 NAG F . -14.35 -1.72 17.79
C8 NAG F . -13.37 -1.53 16.66
N2 NAG F . -15.50 -1.04 17.69
O3 NAG F . -15.42 1.74 17.86
O4 NAG F . -17.99 2.99 16.77
O5 NAG F . -17.40 0.04 14.76
O6 NAG F . -19.89 0.78 13.77
O7 NAG F . -14.11 -2.45 18.74
C1 NAG F . -17.15 4.06 17.28
C2 NAG F . -17.16 5.29 16.36
C3 NAG F . -16.06 6.20 16.88
C4 NAG F . -16.12 6.46 18.39
C5 NAG F . -16.60 5.24 19.18
C6 NAG F . -17.07 5.57 20.59
C7 NAG F . -17.38 5.59 13.92
C8 NAG F . -16.94 5.02 12.58
N2 NAG F . -16.89 4.93 14.99
O3 NAG F . -16.12 7.41 16.15
O4 NAG F . -14.80 6.75 18.77
O5 NAG F . -17.62 4.53 18.51
O6 NAG F . -17.42 4.38 21.26
O7 NAG F . -18.12 6.55 13.99
C1 BMA F . -14.56 8.16 18.98
C2 BMA F . -13.04 8.34 18.84
C3 BMA F . -12.65 9.81 19.04
C4 BMA F . -13.79 10.82 18.78
C5 BMA F . -14.86 10.31 17.81
C6 BMA F . -14.49 10.50 16.35
O2 BMA F . -12.67 7.84 17.57
O3 BMA F . -11.53 10.03 18.22
O4 BMA F . -14.35 11.13 20.05
O5 BMA F . -15.24 8.96 18.03
O6 BMA F . -13.82 11.74 16.24
C1 MAN F . -10.34 9.65 18.93
C2 MAN F . -9.65 10.92 19.44
C3 MAN F . -9.19 11.76 18.25
C4 MAN F . -8.34 10.95 17.28
C5 MAN F . -9.04 9.64 16.92
C6 MAN F . -8.12 8.71 16.16
O2 MAN F . -8.57 10.52 20.23
O3 MAN F . -8.50 12.87 18.76
O4 MAN F . -8.12 11.76 16.14
O5 MAN F . -9.47 8.95 18.08
O6 MAN F . -6.85 8.69 16.78
C1 MAN F . -12.82 11.60 15.20
C2 MAN F . -11.65 12.53 15.54
C3 MAN F . -11.98 14.00 15.26
C4 MAN F . -12.57 14.16 13.87
C5 MAN F . -13.80 13.27 13.77
C6 MAN F . -14.48 13.37 12.42
O2 MAN F . -10.54 12.09 14.79
O3 MAN F . -10.79 14.73 15.41
O4 MAN F . -12.88 15.53 13.70
O5 MAN F . -13.39 11.93 13.95
O6 MAN F . -13.56 13.87 11.48
C1 NAG G . 7.85 -5.93 -36.73
C2 NAG G . 6.56 -6.74 -36.91
C3 NAG G . 6.71 -8.18 -36.39
C4 NAG G . 8.13 -8.78 -36.39
C5 NAG G . 9.25 -7.74 -36.57
C6 NAG G . 10.52 -8.31 -37.15
C7 NAG G . 4.90 -5.81 -35.14
C8 NAG G . 5.61 -6.29 -33.91
N2 NAG G . 5.39 -6.05 -36.39
O3 NAG G . 5.80 -8.98 -37.13
O4 NAG G . 8.32 -9.40 -35.13
O5 NAG G . 8.84 -6.67 -37.38
O6 NAG G . 11.41 -7.27 -37.47
O7 NAG G . 3.87 -5.18 -34.98
C1 NAG G . 7.35 -10.41 -34.80
C2 NAG G . 8.04 -11.53 -34.02
C3 NAG G . 7.06 -12.65 -33.67
C4 NAG G . 5.74 -12.12 -33.10
C5 NAG G . 5.27 -10.87 -33.86
C6 NAG G . 4.06 -10.19 -33.26
C7 NAG G . 10.43 -12.05 -34.32
C8 NAG G . 11.45 -12.67 -35.25
N2 NAG G . 9.16 -12.06 -34.76
O3 NAG G . 7.77 -13.46 -32.78
O4 NAG G . 4.69 -13.07 -33.26
O5 NAG G . 6.33 -9.94 -33.97
O6 NAG G . 3.56 -9.24 -34.17
O7 NAG G . 10.76 -11.59 -33.23
C1 BMA G . 4.92 -14.36 -32.64
C2 BMA G . 5.05 -14.18 -31.13
C3 BMA G . 5.37 -15.56 -30.51
C4 BMA G . 4.65 -16.75 -31.18
C5 BMA G . 3.57 -16.38 -32.20
C6 BMA G . 2.17 -16.26 -31.60
O2 BMA G . 3.89 -13.59 -30.63
O3 BMA G . 5.13 -15.44 -29.12
O4 BMA G . 5.67 -17.48 -31.83
O5 BMA G . 3.83 -15.21 -32.95
O6 BMA G . 1.28 -16.84 -32.54
C1 MAN G . 5.41 -16.68 -28.43
C2 MAN G . 5.26 -16.40 -26.94
C3 MAN G . 6.32 -15.40 -26.52
C4 MAN G . 7.70 -16.02 -26.74
C5 MAN G . 7.85 -16.49 -28.19
C6 MAN G . 9.01 -17.46 -28.33
O2 MAN G . 5.42 -17.63 -26.27
O3 MAN G . 6.10 -15.05 -25.19
O4 MAN G . 8.65 -15.04 -26.39
O5 MAN G . 6.70 -17.17 -28.70
O6 MAN G . 8.56 -18.75 -27.98
C1 MAN G . 9.57 -19.42 -27.21
C2 MAN G . 9.29 -20.93 -27.28
C3 MAN G . 8.00 -21.27 -26.54
C4 MAN G . 8.05 -20.73 -25.12
C5 MAN G . 8.33 -19.23 -25.17
C6 MAN G . 8.48 -18.63 -23.78
O2 MAN G . 10.40 -21.57 -26.71
O3 MAN G . 7.84 -22.67 -26.56
O4 MAN G . 6.81 -21.03 -24.52
O5 MAN G . 9.53 -18.99 -25.88
O6 MAN G . 7.20 -18.33 -23.28
C1 MAN G . 1.34 -18.28 -32.37
C2 MAN G . 0.96 -18.94 -33.69
C3 MAN G . -0.52 -18.74 -34.02
C4 MAN G . -1.41 -19.09 -32.83
C5 MAN G . -0.89 -18.29 -31.63
C6 MAN G . -1.67 -18.50 -30.34
O2 MAN G . 1.28 -20.31 -33.57
O3 MAN G . -0.81 -19.52 -35.15
O4 MAN G . -2.73 -18.73 -33.16
O5 MAN G . 0.45 -18.66 -31.36
O6 MAN G . -0.98 -17.77 -29.36
C1 MAN G . -1.83 -16.88 -28.60
C2 MAN G . -2.64 -15.97 -29.54
C3 MAN G . -1.73 -14.99 -30.29
C4 MAN G . -0.75 -14.29 -29.36
C5 MAN G . -0.05 -15.31 -28.46
C6 MAN G . 0.84 -14.65 -27.43
O2 MAN G . -3.57 -15.30 -28.73
O3 MAN G . -2.57 -14.06 -30.94
O4 MAN G . 0.17 -13.63 -30.19
O5 MAN G . -1.03 -16.09 -27.77
O6 MAN G . 1.78 -13.86 -28.11
C1 NAG H . -4.01 -35.61 12.19
C2 NAG H . -3.07 -36.79 11.86
C3 NAG H . -3.64 -37.70 10.76
C4 NAG H . -5.07 -38.09 11.06
C5 NAG H . -5.88 -36.81 11.12
C6 NAG H . -7.33 -37.05 11.47
C7 NAG H . -0.59 -36.65 11.95
C8 NAG H . 0.59 -36.05 11.25
N2 NAG H . -1.79 -36.35 11.40
O3 NAG H . -2.79 -38.82 10.66
O4 NAG H . -5.49 -38.94 10.02
O5 NAG H . -5.37 -35.99 12.15
O6 NAG H . -7.78 -35.99 12.29
O7 NAG H . -0.47 -37.36 12.94
C1 FUC H . -8.23 -36.49 13.56
C2 FUC H . -7.24 -36.07 14.64
C3 FUC H . -7.11 -34.56 14.59
C4 FUC H . -8.48 -33.94 14.89
C5 FUC H . -9.53 -34.53 13.93
C6 FUC H . -10.95 -34.14 14.30
O2 FUC H . -6.02 -36.74 14.40
O3 FUC H . -6.11 -34.17 15.50
O4 FUC H . -8.78 -34.18 16.24
O5 FUC H . -9.47 -35.95 13.90
CA CA I . 31.26 24.17 41.77
NA NA J . 18.21 19.86 11.79
N 0GJ K . 33.66 20.53 13.73
CA 0GJ K . 33.87 21.31 14.94
C 0GJ K . 33.55 20.49 16.18
O 0GJ K . 32.39 20.35 16.56
CB 0GJ K . 33.01 22.57 14.92
CG 0GJ K . 33.18 23.46 16.14
CD 0GJ K . 32.14 24.56 16.22
OE1 0GJ K . 31.35 24.70 15.26
OE2 0GJ K . 32.14 25.30 17.23
N1 0GJ K . 34.59 19.93 16.80
CA1 0GJ K . 34.41 19.14 18.00
C1 0GJ K . 33.94 19.98 19.17
O1 0GJ K . 34.63 20.89 19.61
N2 0GJ K . 33.40 18.92 19.97
CA2 0GJ K . 33.05 19.68 21.16
C2 0GJ K . 33.80 19.13 22.39
O2 0GJ K . 33.77 20.07 23.43
CB1 0GJ K . 31.54 19.64 21.37
CG1 0GJ K . 30.77 19.18 20.12
CD1 0GJ K . 29.33 18.83 20.45
NE 0GJ K . 28.57 18.69 19.21
CZ 0GJ K . 27.28 18.41 19.15
NH1 0GJ K . 26.66 18.31 17.99
NH2 0GJ K . 26.59 18.25 20.28
C3 0GJ K . 35.25 18.83 22.06
CA CA L . -24.00 -1.03 -18.50
CU CU M . -12.03 -0.49 -16.51
#